data_2KJX
#
_entry.id   2KJX
#
_cell.length_a   1.000
_cell.length_b   1.000
_cell.length_c   1.000
_cell.angle_alpha   90.00
_cell.angle_beta   90.00
_cell.angle_gamma   90.00
#
_symmetry.space_group_name_H-M   'P 1'
#
_entity_poly.entity_id   1
_entity_poly.type   'polypeptide(L)'
_entity_poly.pdbx_seq_one_letter_code
;GSGMKEFPCWLVEEFVVAEECSPCSNFRAKTTPECGPTGYVEKITCSSSKRNEFKSCRSALMEQR
;
_entity_poly.pdbx_strand_id   A
#
# COMPACT_ATOMS: atom_id res chain seq x y z
N GLY A 1 -1.75 -3.87 -24.50
CA GLY A 1 -1.18 -3.88 -25.87
C GLY A 1 0.27 -4.31 -25.89
N SER A 2 1.18 -3.35 -25.68
CA SER A 2 2.60 -3.64 -25.68
C SER A 2 2.96 -4.60 -24.54
N GLY A 3 2.39 -4.34 -23.37
CA GLY A 3 2.66 -5.18 -22.21
C GLY A 3 3.58 -4.52 -21.21
N MET A 4 3.22 -3.32 -20.78
CA MET A 4 4.02 -2.57 -19.82
C MET A 4 4.16 -3.35 -18.52
N LYS A 5 5.37 -3.38 -17.97
CA LYS A 5 5.63 -4.07 -16.72
C LYS A 5 5.85 -3.09 -15.57
N GLU A 6 4.93 -3.09 -14.62
CA GLU A 6 5.01 -2.19 -13.47
C GLU A 6 4.83 -2.96 -12.17
N PHE A 7 5.84 -2.90 -11.30
CA PHE A 7 5.79 -3.59 -10.01
C PHE A 7 6.27 -2.68 -8.89
N PRO A 8 6.01 -3.08 -7.63
CA PRO A 8 6.42 -2.31 -6.46
C PRO A 8 7.84 -2.64 -6.01
N CYS A 9 8.20 -2.19 -4.81
CA CYS A 9 9.53 -2.45 -4.27
C CYS A 9 9.47 -3.53 -3.20
N TRP A 10 8.33 -3.64 -2.53
CA TRP A 10 8.14 -4.63 -1.48
C TRP A 10 8.08 -6.04 -2.05
N LEU A 11 7.79 -6.15 -3.35
CA LEU A 11 7.71 -7.44 -4.01
C LEU A 11 9.09 -7.98 -4.35
N VAL A 12 10.07 -7.08 -4.45
CA VAL A 12 11.44 -7.46 -4.76
C VAL A 12 12.42 -7.00 -3.69
N GLU A 13 11.91 -6.30 -2.67
CA GLU A 13 12.76 -5.80 -1.59
C GLU A 13 12.05 -5.95 -0.24
N GLU A 14 12.79 -5.75 0.84
CA GLU A 14 12.22 -5.84 2.17
C GLU A 14 11.51 -4.54 2.53
N PHE A 15 10.27 -4.65 2.96
CA PHE A 15 9.48 -3.47 3.31
C PHE A 15 9.17 -3.42 4.81
N VAL A 16 8.89 -2.22 5.30
CA VAL A 16 8.56 -2.02 6.70
C VAL A 16 7.41 -1.05 6.86
N VAL A 17 6.30 -1.54 7.42
CA VAL A 17 5.13 -0.70 7.62
C VAL A 17 5.44 0.50 8.50
N ALA A 18 5.78 1.62 7.88
CA ALA A 18 6.11 2.84 8.60
C ALA A 18 4.85 3.64 8.91
N GLU A 19 3.83 3.47 8.07
CA GLU A 19 2.57 4.16 8.24
C GLU A 19 1.40 3.21 8.04
N GLU A 20 0.69 2.90 9.13
CA GLU A 20 -0.45 2.00 9.07
C GLU A 20 -1.39 2.40 7.93
N CYS A 21 -2.18 1.45 7.44
CA CYS A 21 -3.08 1.72 6.34
C CYS A 21 -4.35 2.42 6.83
N SER A 22 -4.84 3.35 6.02
CA SER A 22 -6.05 4.10 6.37
C SER A 22 -7.00 4.20 5.17
N PRO A 23 -8.26 4.59 5.43
CA PRO A 23 -9.28 4.72 4.39
C PRO A 23 -8.77 5.47 3.16
N CYS A 24 -9.45 5.25 2.04
CA CYS A 24 -9.08 5.90 0.78
C CYS A 24 -10.18 6.84 0.32
N SER A 25 -9.85 8.12 0.19
CA SER A 25 -10.82 9.13 -0.25
C SER A 25 -11.48 8.72 -1.56
N ASN A 26 -12.35 9.59 -2.07
CA ASN A 26 -13.04 9.32 -3.32
C ASN A 26 -12.06 9.10 -4.47
N PHE A 27 -10.94 9.81 -4.43
CA PHE A 27 -9.92 9.69 -5.46
C PHE A 27 -8.80 8.75 -5.00
N ARG A 28 -8.58 8.69 -3.70
CA ARG A 28 -7.54 7.82 -3.14
C ARG A 28 -7.78 6.37 -3.51
N ALA A 29 -9.03 5.93 -3.42
CA ALA A 29 -9.39 4.56 -3.76
C ALA A 29 -9.63 4.40 -5.25
N LYS A 30 -10.29 5.39 -5.85
CA LYS A 30 -10.58 5.35 -7.28
C LYS A 30 -9.31 5.23 -8.11
N THR A 31 -8.17 5.62 -7.52
CA THR A 31 -6.90 5.55 -8.21
C THR A 31 -6.08 4.35 -7.75
N THR A 32 -6.12 4.08 -6.45
CA THR A 32 -5.38 2.96 -5.88
C THR A 32 -6.25 1.70 -5.80
N PRO A 33 -5.75 0.56 -6.30
CA PRO A 33 -6.48 -0.71 -6.28
C PRO A 33 -6.43 -1.38 -4.92
N GLU A 34 -5.45 -1.00 -4.10
CA GLU A 34 -5.30 -1.57 -2.77
C GLU A 34 -6.50 -1.26 -1.88
N CYS A 35 -7.31 -0.28 -2.30
CA CYS A 35 -8.49 0.11 -1.54
C CYS A 35 -9.72 -0.66 -1.99
N GLY A 36 -9.51 -1.84 -2.55
CA GLY A 36 -10.62 -2.66 -3.02
C GLY A 36 -11.10 -3.67 -2.00
N PRO A 37 -10.19 -4.45 -1.40
CA PRO A 37 -10.55 -5.47 -0.41
C PRO A 37 -10.70 -4.89 1.00
N THR A 38 -9.72 -4.11 1.44
CA THR A 38 -9.76 -3.51 2.77
C THR A 38 -10.19 -2.07 2.71
N GLY A 39 -9.79 -1.38 1.65
CA GLY A 39 -10.12 0.03 1.51
C GLY A 39 -9.16 0.91 2.28
N TYR A 40 -8.23 0.27 3.00
CA TYR A 40 -7.23 0.97 3.78
C TYR A 40 -5.85 0.73 3.19
N VAL A 41 -5.12 1.82 2.93
CA VAL A 41 -3.79 1.70 2.35
C VAL A 41 -2.70 2.25 3.27
N GLU A 42 -1.67 1.44 3.50
CA GLU A 42 -0.55 1.81 4.36
C GLU A 42 0.63 2.33 3.54
N LYS A 43 1.67 2.74 4.23
CA LYS A 43 2.88 3.25 3.58
C LYS A 43 4.11 2.47 4.02
N ILE A 44 4.48 1.47 3.22
CA ILE A 44 5.64 0.64 3.53
C ILE A 44 6.86 1.08 2.75
N THR A 45 7.98 1.26 3.46
CA THR A 45 9.23 1.68 2.83
C THR A 45 10.15 0.49 2.63
N CYS A 46 10.89 0.49 1.52
CA CYS A 46 11.81 -0.59 1.21
C CYS A 46 13.25 -0.21 1.56
N SER A 47 13.84 -0.98 2.47
CA SER A 47 15.22 -0.74 2.88
C SER A 47 16.13 -0.62 1.68
N SER A 48 15.74 -1.28 0.59
CA SER A 48 16.50 -1.23 -0.65
C SER A 48 16.10 -0.03 -1.48
N SER A 49 16.93 1.01 -1.43
CA SER A 49 16.70 2.26 -2.16
C SER A 49 15.68 3.14 -1.44
N LYS A 50 15.33 2.76 -0.21
CA LYS A 50 14.35 3.53 0.57
C LYS A 50 13.19 3.95 -0.30
N ARG A 51 12.34 3.00 -0.64
CA ARG A 51 11.20 3.27 -1.50
C ARG A 51 9.88 3.00 -0.77
N ASN A 52 9.04 4.02 -0.70
CA ASN A 52 7.75 3.90 -0.03
C ASN A 52 6.65 3.56 -1.03
N GLU A 53 6.01 2.41 -0.83
CA GLU A 53 4.94 1.97 -1.72
C GLU A 53 3.59 2.06 -1.02
N PHE A 54 2.52 2.05 -1.81
CA PHE A 54 1.16 2.12 -1.27
C PHE A 54 0.55 0.73 -1.20
N LYS A 55 0.62 0.13 -0.01
CA LYS A 55 0.07 -1.21 0.19
C LYS A 55 -1.27 -1.15 0.93
N SER A 56 -1.90 -2.30 1.11
CA SER A 56 -3.18 -2.38 1.80
C SER A 56 -3.07 -3.29 3.02
N CYS A 57 -3.63 -2.87 4.14
CA CYS A 57 -3.58 -3.67 5.36
C CYS A 57 -4.95 -3.75 6.03
N ARG A 58 -5.03 -4.55 7.08
CA ARG A 58 -6.30 -4.72 7.79
C ARG A 58 -6.37 -3.73 8.96
N SER A 59 -7.42 -2.92 8.96
CA SER A 59 -7.61 -1.93 10.02
C SER A 59 -8.31 -2.55 11.22
N ALA A 60 -9.14 -3.55 10.97
CA ALA A 60 -9.88 -4.22 12.03
C ALA A 60 -8.94 -4.92 13.01
N LEU A 61 -7.69 -5.12 12.59
CA LEU A 61 -6.70 -5.77 13.44
C LEU A 61 -5.61 -4.79 13.86
N MET A 62 -5.33 -3.83 12.99
CA MET A 62 -4.32 -2.81 13.27
C MET A 62 -4.68 -2.01 14.51
N GLU A 63 -5.91 -1.50 14.52
CA GLU A 63 -6.39 -0.71 15.65
C GLU A 63 -7.91 -0.86 15.81
N GLN A 64 -8.31 -1.84 16.59
CA GLN A 64 -9.74 -2.09 16.83
C GLN A 64 -9.98 -2.56 18.25
N ARG A 65 -10.34 -1.63 19.13
CA ARG A 65 -10.60 -1.94 20.53
C ARG A 65 -11.74 -2.95 20.66
N GLY A 1 8.96 -14.79 -21.93
CA GLY A 1 9.15 -13.65 -22.88
C GLY A 1 8.24 -12.48 -22.58
N SER A 2 8.75 -11.51 -21.84
CA SER A 2 7.98 -10.33 -21.47
C SER A 2 8.87 -9.10 -21.37
N GLY A 3 8.40 -7.97 -21.90
CA GLY A 3 9.17 -6.75 -21.85
C GLY A 3 8.63 -5.76 -20.83
N MET A 4 7.37 -5.40 -20.97
CA MET A 4 6.73 -4.46 -20.04
C MET A 4 6.75 -5.00 -18.62
N LYS A 5 7.21 -4.18 -17.68
CA LYS A 5 7.27 -4.58 -16.29
C LYS A 5 6.70 -3.49 -15.37
N GLU A 6 5.80 -3.88 -14.49
CA GLU A 6 5.18 -2.94 -13.56
C GLU A 6 4.91 -3.59 -12.21
N PHE A 7 5.89 -3.50 -11.31
CA PHE A 7 5.76 -4.09 -9.98
C PHE A 7 6.25 -3.11 -8.91
N PRO A 8 5.94 -3.40 -7.63
CA PRO A 8 6.33 -2.55 -6.51
C PRO A 8 7.74 -2.87 -6.03
N CYS A 9 8.10 -2.35 -4.85
CA CYS A 9 9.43 -2.59 -4.29
C CYS A 9 9.35 -3.64 -3.18
N TRP A 10 8.19 -3.71 -2.52
CA TRP A 10 8.00 -4.67 -1.44
C TRP A 10 7.93 -6.10 -1.97
N LEU A 11 7.68 -6.23 -3.27
CA LEU A 11 7.59 -7.54 -3.90
C LEU A 11 8.97 -8.08 -4.25
N VAL A 12 9.96 -7.20 -4.29
CA VAL A 12 11.33 -7.60 -4.61
C VAL A 12 12.34 -7.07 -3.58
N GLU A 13 11.84 -6.39 -2.54
CA GLU A 13 12.69 -5.85 -1.50
C GLU A 13 12.04 -6.00 -0.13
N GLU A 14 12.76 -5.57 0.90
CA GLU A 14 12.26 -5.64 2.27
C GLU A 14 11.57 -4.34 2.64
N PHE A 15 10.27 -4.42 2.93
CA PHE A 15 9.49 -3.24 3.28
C PHE A 15 9.20 -3.19 4.78
N VAL A 16 8.96 -1.99 5.27
CA VAL A 16 8.66 -1.78 6.68
C VAL A 16 7.48 -0.85 6.87
N VAL A 17 6.42 -1.36 7.49
CA VAL A 17 5.22 -0.55 7.72
C VAL A 17 5.53 0.70 8.52
N ALA A 18 5.78 1.80 7.83
CA ALA A 18 6.09 3.06 8.48
C ALA A 18 4.81 3.83 8.79
N GLU A 19 3.77 3.59 7.99
CA GLU A 19 2.49 4.24 8.18
C GLU A 19 1.34 3.24 8.01
N GLU A 20 0.65 2.94 9.09
CA GLU A 20 -0.47 2.00 9.05
C GLU A 20 -1.41 2.34 7.91
N CYS A 21 -2.19 1.37 7.47
CA CYS A 21 -3.12 1.59 6.37
C CYS A 21 -4.39 2.27 6.85
N SER A 22 -4.90 3.18 6.03
CA SER A 22 -6.11 3.92 6.36
C SER A 22 -7.06 3.99 5.16
N PRO A 23 -8.33 4.35 5.39
CA PRO A 23 -9.34 4.46 4.34
C PRO A 23 -8.85 5.27 3.13
N CYS A 24 -9.51 5.07 2.00
CA CYS A 24 -9.15 5.76 0.77
C CYS A 24 -10.26 6.70 0.33
N SER A 25 -9.95 8.00 0.26
CA SER A 25 -10.94 8.99 -0.13
C SER A 25 -11.50 8.68 -1.51
N ASN A 26 -12.24 9.63 -2.09
CA ASN A 26 -12.83 9.46 -3.40
C ASN A 26 -11.77 9.19 -4.45
N PHE A 27 -10.80 10.10 -4.56
CA PHE A 27 -9.72 9.95 -5.52
C PHE A 27 -8.66 8.96 -5.01
N ARG A 28 -8.55 8.85 -3.69
CA ARG A 28 -7.59 7.95 -3.09
C ARG A 28 -7.83 6.51 -3.53
N ALA A 29 -9.06 6.04 -3.39
CA ALA A 29 -9.42 4.69 -3.78
C ALA A 29 -9.65 4.58 -5.28
N LYS A 30 -10.21 5.64 -5.86
CA LYS A 30 -10.49 5.66 -7.29
C LYS A 30 -9.22 5.46 -8.10
N THR A 31 -8.08 5.87 -7.54
CA THR A 31 -6.80 5.73 -8.21
C THR A 31 -5.99 4.57 -7.62
N THR A 32 -5.93 4.52 -6.29
CA THR A 32 -5.20 3.47 -5.60
C THR A 32 -5.95 2.14 -5.66
N PRO A 33 -5.37 1.12 -6.32
CA PRO A 33 -6.00 -0.21 -6.43
C PRO A 33 -5.90 -1.03 -5.16
N GLU A 34 -5.23 -0.47 -4.15
CA GLU A 34 -5.07 -1.16 -2.86
C GLU A 34 -6.18 -0.77 -1.89
N CYS A 35 -7.32 -0.36 -2.42
CA CYS A 35 -8.45 0.05 -1.59
C CYS A 35 -9.70 -0.76 -1.95
N GLY A 36 -9.51 -1.85 -2.69
CA GLY A 36 -10.62 -2.68 -3.07
C GLY A 36 -11.01 -3.70 -2.01
N PRO A 37 -10.04 -4.44 -1.46
CA PRO A 37 -10.31 -5.45 -0.43
C PRO A 37 -10.56 -4.85 0.95
N THR A 38 -9.49 -4.46 1.63
CA THR A 38 -9.61 -3.88 2.96
C THR A 38 -10.10 -2.44 2.89
N GLY A 39 -9.76 -1.76 1.79
CA GLY A 39 -10.14 -0.37 1.64
C GLY A 39 -9.21 0.56 2.39
N TYR A 40 -8.22 -0.04 3.06
CA TYR A 40 -7.24 0.71 3.83
C TYR A 40 -5.85 0.53 3.22
N VAL A 41 -5.16 1.64 2.95
CA VAL A 41 -3.83 1.57 2.35
C VAL A 41 -2.76 2.16 3.27
N GLU A 42 -1.70 1.38 3.47
CA GLU A 42 -0.58 1.79 4.33
C GLU A 42 0.59 2.30 3.50
N LYS A 43 1.60 2.83 4.18
CA LYS A 43 2.80 3.34 3.52
C LYS A 43 4.03 2.58 4.00
N ILE A 44 4.44 1.57 3.22
CA ILE A 44 5.61 0.77 3.57
C ILE A 44 6.82 1.17 2.73
N THR A 45 7.94 1.41 3.42
CA THR A 45 9.18 1.81 2.75
C THR A 45 10.11 0.61 2.59
N CYS A 46 10.77 0.52 1.44
CA CYS A 46 11.68 -0.58 1.17
C CYS A 46 13.11 -0.20 1.51
N SER A 47 13.71 -0.95 2.44
CA SER A 47 15.08 -0.71 2.86
C SER A 47 15.99 -0.59 1.65
N SER A 48 15.61 -1.28 0.58
CA SER A 48 16.38 -1.25 -0.65
C SER A 48 15.97 -0.07 -1.51
N SER A 49 16.80 0.97 -1.49
CA SER A 49 16.56 2.21 -2.25
C SER A 49 15.54 3.09 -1.53
N LYS A 50 15.19 2.75 -0.30
CA LYS A 50 14.23 3.52 0.48
C LYS A 50 13.05 3.94 -0.41
N ARG A 51 12.19 2.97 -0.71
CA ARG A 51 11.04 3.23 -1.56
C ARG A 51 9.73 2.96 -0.82
N ASN A 52 8.91 3.99 -0.70
CA ASN A 52 7.64 3.88 -0.01
C ASN A 52 6.52 3.54 -1.00
N GLU A 53 5.98 2.34 -0.87
CA GLU A 53 4.92 1.88 -1.75
C GLU A 53 3.56 2.00 -1.05
N PHE A 54 2.49 1.95 -1.85
CA PHE A 54 1.14 2.04 -1.32
C PHE A 54 0.48 0.67 -1.29
N LYS A 55 0.53 0.02 -0.13
CA LYS A 55 -0.07 -1.30 0.03
C LYS A 55 -1.34 -1.23 0.86
N SER A 56 -1.99 -2.38 1.04
CA SER A 56 -3.23 -2.44 1.82
C SER A 56 -3.06 -3.38 3.01
N CYS A 57 -3.54 -2.97 4.18
CA CYS A 57 -3.43 -3.79 5.37
C CYS A 57 -4.77 -3.93 6.08
N ARG A 58 -4.77 -4.66 7.18
CA ARG A 58 -5.99 -4.89 7.95
C ARG A 58 -6.12 -3.85 9.05
N SER A 59 -7.22 -3.12 9.05
CA SER A 59 -7.47 -2.09 10.05
C SER A 59 -8.33 -2.63 11.19
N ALA A 60 -9.18 -3.59 10.88
CA ALA A 60 -10.06 -4.20 11.87
C ALA A 60 -9.29 -5.15 12.79
N LEU A 61 -8.03 -5.39 12.48
CA LEU A 61 -7.20 -6.29 13.28
C LEU A 61 -6.09 -5.51 13.97
N MET A 62 -5.61 -4.46 13.31
CA MET A 62 -4.55 -3.62 13.88
C MET A 62 -4.98 -3.02 15.20
N GLU A 63 -6.21 -2.51 15.24
CA GLU A 63 -6.74 -1.90 16.46
C GLU A 63 -8.27 -1.96 16.46
N GLN A 64 -8.80 -3.05 17.02
CA GLN A 64 -10.24 -3.23 17.08
C GLN A 64 -10.63 -4.06 18.31
N ARG A 65 -11.74 -3.69 18.93
CA ARG A 65 -12.23 -4.40 20.13
C ARG A 65 -13.73 -4.24 20.28
N GLY A 1 -2.00 1.02 -9.72
CA GLY A 1 -2.59 2.38 -9.55
C GLY A 1 -1.99 3.39 -10.52
N SER A 2 -0.75 3.16 -10.93
CA SER A 2 -0.07 4.04 -11.86
C SER A 2 -0.69 3.96 -13.25
N GLY A 3 -1.10 2.76 -13.63
CA GLY A 3 -1.70 2.56 -14.94
C GLY A 3 -0.76 1.89 -15.92
N MET A 4 0.52 2.20 -15.82
CA MET A 4 1.53 1.63 -16.70
C MET A 4 2.03 0.30 -16.14
N LYS A 5 2.80 -0.42 -16.96
CA LYS A 5 3.35 -1.71 -16.55
C LYS A 5 4.55 -1.53 -15.63
N GLU A 6 4.37 -1.87 -14.36
CA GLU A 6 5.45 -1.73 -13.38
C GLU A 6 5.03 -2.31 -12.03
N PHE A 7 5.95 -3.00 -11.37
CA PHE A 7 5.68 -3.61 -10.07
C PHE A 7 6.15 -2.69 -8.94
N PRO A 8 5.89 -3.07 -7.68
CA PRO A 8 6.28 -2.29 -6.52
C PRO A 8 7.69 -2.63 -6.06
N CYS A 9 8.05 -2.17 -4.86
CA CYS A 9 9.37 -2.44 -4.31
C CYS A 9 9.30 -3.52 -3.24
N TRP A 10 8.15 -3.62 -2.57
CA TRP A 10 7.95 -4.61 -1.52
C TRP A 10 7.88 -6.02 -2.09
N LEU A 11 7.61 -6.12 -3.38
CA LEU A 11 7.50 -7.41 -4.04
C LEU A 11 8.89 -7.96 -4.39
N VAL A 12 9.88 -7.08 -4.44
CA VAL A 12 11.24 -7.49 -4.76
C VAL A 12 12.24 -7.00 -3.70
N GLU A 13 11.73 -6.31 -2.68
CA GLU A 13 12.57 -5.81 -1.60
C GLU A 13 11.88 -5.94 -0.25
N GLU A 14 12.62 -5.69 0.82
CA GLU A 14 12.08 -5.77 2.16
C GLU A 14 11.41 -4.44 2.53
N PHE A 15 10.16 -4.52 2.97
CA PHE A 15 9.42 -3.32 3.34
C PHE A 15 9.12 -3.27 4.83
N VAL A 16 8.86 -2.07 5.33
CA VAL A 16 8.56 -1.87 6.74
C VAL A 16 7.37 -0.92 6.90
N VAL A 17 6.31 -1.41 7.53
CA VAL A 17 5.12 -0.60 7.75
C VAL A 17 5.45 0.66 8.56
N ALA A 18 5.73 1.75 7.85
CA ALA A 18 6.05 3.01 8.51
C ALA A 18 4.78 3.79 8.84
N GLU A 19 3.74 3.56 8.05
CA GLU A 19 2.46 4.24 8.25
C GLU A 19 1.31 3.26 8.07
N GLU A 20 0.61 2.96 9.16
CA GLU A 20 -0.52 2.04 9.11
C GLU A 20 -1.47 2.42 7.98
N CYS A 21 -2.19 1.42 7.46
CA CYS A 21 -3.10 1.66 6.36
C CYS A 21 -4.38 2.34 6.84
N SER A 22 -4.88 3.27 6.04
CA SER A 22 -6.09 4.01 6.36
C SER A 22 -7.03 4.10 5.16
N PRO A 23 -8.31 4.48 5.41
CA PRO A 23 -9.32 4.60 4.35
C PRO A 23 -8.81 5.38 3.15
N CYS A 24 -9.46 5.16 2.00
CA CYS A 24 -9.08 5.84 0.77
C CYS A 24 -10.17 6.81 0.33
N SER A 25 -9.81 8.09 0.23
CA SER A 25 -10.76 9.12 -0.18
C SER A 25 -11.36 8.80 -1.55
N ASN A 26 -12.16 9.72 -2.07
CA ASN A 26 -12.79 9.54 -3.37
C ASN A 26 -11.75 9.36 -4.47
N PHE A 27 -10.59 9.99 -4.28
CA PHE A 27 -9.51 9.90 -5.25
C PHE A 27 -8.52 8.80 -4.87
N ARG A 28 -8.24 8.68 -3.58
CA ARG A 28 -7.33 7.67 -3.08
C ARG A 28 -7.82 6.27 -3.44
N ALA A 29 -9.13 6.06 -3.31
CA ALA A 29 -9.72 4.77 -3.60
C ALA A 29 -10.13 4.66 -5.08
N LYS A 30 -9.72 5.63 -5.88
CA LYS A 30 -10.05 5.65 -7.30
C LYS A 30 -8.87 5.16 -8.14
N THR A 31 -7.66 5.47 -7.68
CA THR A 31 -6.46 5.05 -8.39
C THR A 31 -5.78 3.88 -7.69
N THR A 32 -5.68 3.97 -6.36
CA THR A 32 -5.06 2.92 -5.57
C THR A 32 -5.92 1.65 -5.56
N PRO A 33 -5.45 0.57 -6.21
CA PRO A 33 -6.18 -0.70 -6.25
C PRO A 33 -6.20 -1.42 -4.91
N GLU A 34 -5.33 -1.00 -4.01
CA GLU A 34 -5.24 -1.62 -2.68
C GLU A 34 -6.47 -1.28 -1.83
N CYS A 35 -7.29 -0.35 -2.31
CA CYS A 35 -8.50 0.05 -1.60
C CYS A 35 -9.71 -0.76 -2.06
N GLY A 36 -9.47 -1.95 -2.59
CA GLY A 36 -10.54 -2.79 -3.07
C GLY A 36 -11.00 -3.82 -2.05
N PRO A 37 -10.07 -4.57 -1.43
CA PRO A 37 -10.42 -5.60 -0.45
C PRO A 37 -10.60 -5.04 0.96
N THR A 38 -9.63 -4.26 1.41
CA THR A 38 -9.70 -3.67 2.75
C THR A 38 -10.14 -2.21 2.69
N GLY A 39 -9.75 -1.53 1.63
CA GLY A 39 -10.09 -0.12 1.50
C GLY A 39 -9.14 0.77 2.27
N TYR A 40 -8.21 0.13 2.99
CA TYR A 40 -7.22 0.83 3.79
C TYR A 40 -5.84 0.63 3.19
N VAL A 41 -5.12 1.73 2.94
CA VAL A 41 -3.79 1.63 2.35
C VAL A 41 -2.73 2.21 3.27
N GLU A 42 -1.67 1.43 3.50
CA GLU A 42 -0.56 1.83 4.36
C GLU A 42 0.62 2.33 3.54
N LYS A 43 1.62 2.87 4.23
CA LYS A 43 2.82 3.39 3.58
C LYS A 43 4.06 2.63 4.05
N ILE A 44 4.45 1.62 3.27
CA ILE A 44 5.61 0.81 3.61
C ILE A 44 6.83 1.22 2.79
N THR A 45 7.97 1.40 3.47
CA THR A 45 9.20 1.79 2.81
C THR A 45 10.11 0.59 2.61
N CYS A 46 10.79 0.54 1.46
CA CYS A 46 11.69 -0.56 1.15
C CYS A 46 13.12 -0.21 1.50
N SER A 47 13.72 -0.98 2.41
CA SER A 47 15.10 -0.76 2.81
C SER A 47 16.01 -0.63 1.60
N SER A 48 15.60 -1.30 0.52
CA SER A 48 16.36 -1.27 -0.73
C SER A 48 15.95 -0.06 -1.57
N SER A 49 16.79 0.96 -1.54
CA SER A 49 16.54 2.20 -2.28
C SER A 49 15.55 3.10 -1.54
N LYS A 50 15.21 2.74 -0.30
CA LYS A 50 14.27 3.52 0.49
C LYS A 50 13.09 3.95 -0.38
N ARG A 51 12.21 3.01 -0.70
CA ARG A 51 11.06 3.30 -1.54
C ARG A 51 9.76 3.05 -0.79
N ASN A 52 8.94 4.09 -0.69
CA ASN A 52 7.67 4.00 0.01
C ASN A 52 6.54 3.65 -0.96
N GLU A 53 6.02 2.43 -0.84
CA GLU A 53 4.95 1.98 -1.71
C GLU A 53 3.60 2.08 -1.01
N PHE A 54 2.53 2.02 -1.80
CA PHE A 54 1.18 2.11 -1.25
C PHE A 54 0.52 0.74 -1.24
N LYS A 55 0.57 0.07 -0.09
CA LYS A 55 -0.03 -1.26 0.05
C LYS A 55 -1.30 -1.19 0.89
N SER A 56 -1.96 -2.33 1.05
CA SER A 56 -3.19 -2.39 1.82
C SER A 56 -3.02 -3.32 3.02
N CYS A 57 -3.59 -2.92 4.16
CA CYS A 57 -3.48 -3.73 5.37
C CYS A 57 -4.84 -3.85 6.07
N ARG A 58 -4.89 -4.64 7.12
CA ARG A 58 -6.12 -4.83 7.88
C ARG A 58 -6.21 -3.83 9.02
N SER A 59 -7.29 -3.04 9.03
CA SER A 59 -7.50 -2.04 10.07
C SER A 59 -8.25 -2.63 11.26
N ALA A 60 -8.99 -3.71 11.02
CA ALA A 60 -9.76 -4.36 12.06
C ALA A 60 -8.88 -4.74 13.25
N LEU A 61 -7.58 -4.89 13.00
CA LEU A 61 -6.63 -5.26 14.05
C LEU A 61 -5.68 -4.11 14.33
N MET A 62 -5.42 -3.29 13.32
CA MET A 62 -4.51 -2.16 13.48
C MET A 62 -5.18 -1.02 14.24
N GLU A 63 -6.28 -0.51 13.70
CA GLU A 63 -7.03 0.57 14.32
C GLU A 63 -8.49 0.55 13.90
N GLN A 64 -9.32 -0.14 14.68
CA GLN A 64 -10.75 -0.22 14.38
C GLN A 64 -11.58 0.30 15.55
N ARG A 65 -12.00 1.55 15.45
CA ARG A 65 -12.81 2.16 16.50
C ARG A 65 -14.20 1.55 16.55
N GLY A 1 -0.16 -7.70 -26.97
CA GLY A 1 0.53 -6.67 -26.15
C GLY A 1 -0.44 -5.74 -25.45
N SER A 2 0.10 -4.77 -24.71
CA SER A 2 -0.73 -3.82 -23.99
C SER A 2 0.06 -2.57 -23.63
N GLY A 3 0.94 -2.69 -22.62
CA GLY A 3 1.75 -1.57 -22.21
C GLY A 3 3.02 -2.01 -21.49
N MET A 4 3.44 -1.21 -20.51
CA MET A 4 4.65 -1.52 -19.75
C MET A 4 4.29 -2.08 -18.37
N LYS A 5 4.83 -3.24 -18.06
CA LYS A 5 4.57 -3.89 -16.77
C LYS A 5 5.13 -3.07 -15.63
N GLU A 6 4.26 -2.70 -14.69
CA GLU A 6 4.67 -1.90 -13.53
C GLU A 6 4.48 -2.68 -12.25
N PHE A 7 5.49 -2.65 -11.38
CA PHE A 7 5.43 -3.36 -10.10
C PHE A 7 5.94 -2.48 -8.97
N PRO A 8 5.70 -2.89 -7.72
CA PRO A 8 6.13 -2.14 -6.54
C PRO A 8 7.55 -2.49 -6.12
N CYS A 9 7.94 -2.08 -4.92
CA CYS A 9 9.27 -2.38 -4.41
C CYS A 9 9.21 -3.48 -3.35
N TRP A 10 8.08 -3.57 -2.66
CA TRP A 10 7.90 -4.59 -1.62
C TRP A 10 7.82 -5.97 -2.22
N LEU A 11 7.45 -6.05 -3.50
CA LEU A 11 7.33 -7.32 -4.19
C LEU A 11 8.71 -7.88 -4.55
N VAL A 12 9.70 -7.00 -4.60
CA VAL A 12 11.07 -7.41 -4.92
C VAL A 12 12.06 -6.97 -3.85
N GLU A 13 11.56 -6.31 -2.82
CA GLU A 13 12.41 -5.83 -1.72
C GLU A 13 11.71 -6.00 -0.38
N GLU A 14 12.45 -5.78 0.69
CA GLU A 14 11.88 -5.89 2.04
C GLU A 14 11.24 -4.56 2.44
N PHE A 15 9.99 -4.62 2.87
CA PHE A 15 9.26 -3.42 3.25
C PHE A 15 8.97 -3.39 4.74
N VAL A 16 8.75 -2.19 5.27
CA VAL A 16 8.44 -2.00 6.68
C VAL A 16 7.30 -1.01 6.86
N VAL A 17 6.20 -1.46 7.47
CA VAL A 17 5.05 -0.61 7.70
C VAL A 17 5.43 0.61 8.52
N ALA A 18 5.75 1.71 7.84
CA ALA A 18 6.12 2.95 8.51
C ALA A 18 4.87 3.74 8.89
N GLU A 19 3.81 3.57 8.10
CA GLU A 19 2.55 4.26 8.34
C GLU A 19 1.39 3.30 8.15
N GLU A 20 0.65 3.03 9.24
CA GLU A 20 -0.50 2.14 9.17
C GLU A 20 -1.40 2.50 8.01
N CYS A 21 -2.24 1.56 7.59
CA CYS A 21 -3.15 1.80 6.47
C CYS A 21 -4.44 2.44 6.94
N SER A 22 -4.95 3.36 6.12
CA SER A 22 -6.18 4.08 6.44
C SER A 22 -7.11 4.16 5.23
N PRO A 23 -8.39 4.50 5.47
CA PRO A 23 -9.39 4.61 4.40
C PRO A 23 -8.87 5.34 3.17
N CYS A 24 -9.55 5.12 2.05
CA CYS A 24 -9.16 5.74 0.78
C CYS A 24 -10.24 6.72 0.31
N SER A 25 -9.86 7.99 0.19
CA SER A 25 -10.78 9.02 -0.25
C SER A 25 -11.37 8.68 -1.61
N ASN A 26 -12.13 9.62 -2.18
CA ASN A 26 -12.76 9.41 -3.48
C ASN A 26 -11.70 9.26 -4.58
N PHE A 27 -10.55 9.91 -4.38
CA PHE A 27 -9.47 9.84 -5.36
C PHE A 27 -8.48 8.73 -4.99
N ARG A 28 -8.32 8.49 -3.70
CA ARG A 28 -7.40 7.45 -3.22
C ARG A 28 -7.80 6.08 -3.77
N ALA A 29 -9.01 5.64 -3.44
CA ALA A 29 -9.49 4.34 -3.89
C ALA A 29 -9.60 4.29 -5.42
N LYS A 30 -9.77 5.46 -6.03
CA LYS A 30 -9.89 5.54 -7.49
C LYS A 30 -8.67 4.97 -8.17
N THR A 31 -7.51 5.56 -7.89
CA THR A 31 -6.26 5.12 -8.49
C THR A 31 -5.64 3.98 -7.69
N THR A 32 -5.62 4.13 -6.37
CA THR A 32 -5.06 3.11 -5.49
C THR A 32 -5.87 1.82 -5.55
N PRO A 33 -5.30 0.74 -6.12
CA PRO A 33 -5.98 -0.55 -6.24
C PRO A 33 -5.98 -1.34 -4.93
N GLU A 34 -5.15 -0.90 -3.98
CA GLU A 34 -5.05 -1.57 -2.68
C GLU A 34 -6.31 -1.32 -1.83
N CYS A 35 -7.19 -0.44 -2.31
CA CYS A 35 -8.41 -0.12 -1.58
C CYS A 35 -9.57 -0.98 -2.06
N GLY A 36 -9.26 -2.16 -2.58
CA GLY A 36 -10.30 -3.04 -3.07
C GLY A 36 -10.76 -4.06 -2.04
N PRO A 37 -9.82 -4.77 -1.38
CA PRO A 37 -10.16 -5.78 -0.37
C PRO A 37 -10.37 -5.19 1.02
N THR A 38 -9.45 -4.35 1.45
CA THR A 38 -9.55 -3.74 2.77
C THR A 38 -10.05 -2.30 2.68
N GLY A 39 -9.61 -1.59 1.64
CA GLY A 39 -10.01 -0.20 1.49
C GLY A 39 -9.09 0.72 2.27
N TYR A 40 -8.19 0.13 3.05
CA TYR A 40 -7.23 0.87 3.86
C TYR A 40 -5.84 0.70 3.29
N VAL A 41 -5.15 1.81 3.00
CA VAL A 41 -3.81 1.74 2.44
C VAL A 41 -2.76 2.34 3.38
N GLU A 42 -1.69 1.59 3.58
CA GLU A 42 -0.60 2.01 4.46
C GLU A 42 0.58 2.53 3.64
N LYS A 43 1.62 2.98 4.34
CA LYS A 43 2.82 3.49 3.69
C LYS A 43 4.04 2.66 4.07
N ILE A 44 4.33 1.64 3.28
CA ILE A 44 5.46 0.76 3.54
C ILE A 44 6.70 1.24 2.79
N THR A 45 7.84 1.21 3.47
CA THR A 45 9.10 1.64 2.87
C THR A 45 10.03 0.46 2.63
N CYS A 46 10.67 0.42 1.46
CA CYS A 46 11.58 -0.66 1.13
C CYS A 46 13.02 -0.32 1.50
N SER A 47 13.60 -1.12 2.38
CA SER A 47 14.98 -0.91 2.81
C SER A 47 15.90 -0.79 1.60
N SER A 48 15.49 -1.44 0.51
CA SER A 48 16.27 -1.40 -0.72
C SER A 48 15.87 -0.18 -1.55
N SER A 49 16.73 0.84 -1.51
CA SER A 49 16.50 2.09 -2.25
C SER A 49 15.54 3.00 -1.49
N LYS A 50 15.19 2.63 -0.26
CA LYS A 50 14.27 3.42 0.55
C LYS A 50 13.11 3.91 -0.30
N ARG A 51 12.20 3.01 -0.63
CA ARG A 51 11.05 3.33 -1.46
C ARG A 51 9.75 3.13 -0.70
N ASN A 52 8.99 4.21 -0.56
CA ASN A 52 7.72 4.16 0.16
C ASN A 52 6.58 3.90 -0.82
N GLU A 53 6.07 2.67 -0.81
CA GLU A 53 4.99 2.30 -1.70
C GLU A 53 3.66 2.30 -0.96
N PHE A 54 2.56 2.27 -1.71
CA PHE A 54 1.23 2.28 -1.12
C PHE A 54 0.65 0.86 -1.07
N LYS A 55 0.67 0.26 0.12
CA LYS A 55 0.16 -1.09 0.30
C LYS A 55 -1.17 -1.06 1.05
N SER A 56 -1.77 -2.22 1.23
CA SER A 56 -3.04 -2.33 1.95
C SER A 56 -2.90 -3.24 3.17
N CYS A 57 -3.47 -2.81 4.29
CA CYS A 57 -3.40 -3.61 5.52
C CYS A 57 -4.77 -3.76 6.16
N ARG A 58 -4.81 -4.43 7.31
CA ARG A 58 -6.07 -4.64 8.02
C ARG A 58 -6.21 -3.62 9.15
N SER A 59 -7.30 -2.86 9.11
CA SER A 59 -7.55 -1.84 10.12
C SER A 59 -8.33 -2.43 11.30
N ALA A 60 -9.08 -3.49 11.04
CA ALA A 60 -9.87 -4.14 12.07
C ALA A 60 -8.98 -4.61 13.23
N LEU A 61 -7.69 -4.77 12.97
CA LEU A 61 -6.75 -5.21 14.00
C LEU A 61 -5.80 -4.08 14.37
N MET A 62 -5.52 -3.20 13.42
CA MET A 62 -4.62 -2.08 13.67
C MET A 62 -5.25 -1.09 14.65
N GLU A 63 -6.40 -0.53 14.27
CA GLU A 63 -7.10 0.43 15.11
C GLU A 63 -8.59 0.44 14.80
N GLN A 64 -9.34 -0.41 15.50
CA GLN A 64 -10.78 -0.50 15.30
C GLN A 64 -11.52 -0.46 16.63
N ARG A 65 -11.65 0.75 17.18
CA ARG A 65 -12.35 0.94 18.45
C ARG A 65 -11.66 0.15 19.56
N GLY A 1 6.30 -5.80 -27.96
CA GLY A 1 5.70 -4.86 -26.98
C GLY A 1 4.19 -4.98 -26.90
N SER A 2 3.71 -5.89 -26.05
CA SER A 2 2.28 -6.11 -25.88
C SER A 2 1.79 -5.52 -24.56
N GLY A 3 2.44 -4.44 -24.12
CA GLY A 3 2.06 -3.82 -22.87
C GLY A 3 3.23 -3.61 -21.94
N MET A 4 3.20 -2.53 -21.16
CA MET A 4 4.26 -2.23 -20.22
C MET A 4 4.14 -3.07 -18.96
N LYS A 5 5.18 -3.05 -18.13
CA LYS A 5 5.18 -3.81 -16.89
C LYS A 5 5.67 -2.94 -15.73
N GLU A 6 4.76 -2.66 -14.79
CA GLU A 6 5.10 -1.85 -13.63
C GLU A 6 4.80 -2.60 -12.33
N PHE A 7 5.77 -2.64 -11.43
CA PHE A 7 5.61 -3.33 -10.16
C PHE A 7 6.05 -2.43 -9.00
N PRO A 8 5.78 -2.85 -7.75
CA PRO A 8 6.14 -2.08 -6.57
C PRO A 8 7.58 -2.35 -6.12
N CYS A 9 7.91 -1.92 -4.92
CA CYS A 9 9.25 -2.13 -4.38
C CYS A 9 9.25 -3.25 -3.35
N TRP A 10 8.13 -3.43 -2.67
CA TRP A 10 8.00 -4.48 -1.66
C TRP A 10 8.00 -5.87 -2.29
N LEU A 11 7.68 -5.92 -3.58
CA LEU A 11 7.64 -7.19 -4.30
C LEU A 11 9.04 -7.65 -4.68
N VAL A 12 10.00 -6.73 -4.67
CA VAL A 12 11.37 -7.05 -5.02
C VAL A 12 12.35 -6.56 -3.95
N GLU A 13 11.83 -5.96 -2.89
CA GLU A 13 12.67 -5.45 -1.81
C GLU A 13 12.00 -5.69 -0.45
N GLU A 14 12.72 -5.34 0.62
CA GLU A 14 12.19 -5.51 1.97
C GLU A 14 11.47 -4.25 2.41
N PHE A 15 10.18 -4.37 2.70
CA PHE A 15 9.38 -3.23 3.13
C PHE A 15 9.11 -3.27 4.63
N VAL A 16 8.85 -2.10 5.19
CA VAL A 16 8.56 -1.98 6.61
C VAL A 16 7.39 -1.03 6.85
N VAL A 17 6.32 -1.56 7.45
CA VAL A 17 5.14 -0.76 7.73
C VAL A 17 5.48 0.44 8.62
N ALA A 18 5.75 1.58 7.99
CA ALA A 18 6.07 2.80 8.72
C ALA A 18 4.82 3.57 9.08
N GLU A 19 3.79 3.41 8.26
CA GLU A 19 2.51 4.08 8.48
C GLU A 19 1.35 3.13 8.25
N GLU A 20 0.59 2.85 9.30
CA GLU A 20 -0.56 1.95 9.19
C GLU A 20 -1.43 2.32 7.99
N CYS A 21 -2.38 1.47 7.66
CA CYS A 21 -3.26 1.73 6.53
C CYS A 21 -4.54 2.43 6.96
N SER A 22 -5.02 3.34 6.12
CA SER A 22 -6.23 4.09 6.41
C SER A 22 -7.14 4.16 5.19
N PRO A 23 -8.42 4.54 5.41
CA PRO A 23 -9.41 4.65 4.32
C PRO A 23 -8.86 5.34 3.08
N CYS A 24 -9.51 5.10 1.94
CA CYS A 24 -9.09 5.69 0.68
C CYS A 24 -10.11 6.73 0.21
N SER A 25 -9.64 7.97 0.05
CA SER A 25 -10.50 9.06 -0.40
C SER A 25 -11.10 8.75 -1.78
N ASN A 26 -11.69 9.77 -2.40
CA ASN A 26 -12.29 9.61 -3.72
C ASN A 26 -11.24 9.32 -4.77
N PHE A 27 -10.03 9.85 -4.55
CA PHE A 27 -8.94 9.65 -5.50
C PHE A 27 -8.13 8.39 -5.15
N ARG A 28 -8.06 8.07 -3.86
CA ARG A 28 -7.33 6.89 -3.41
C ARG A 28 -7.99 5.61 -3.91
N ALA A 29 -9.29 5.49 -3.67
CA ALA A 29 -10.04 4.31 -4.09
C ALA A 29 -9.91 4.08 -5.59
N LYS A 30 -9.64 5.14 -6.34
CA LYS A 30 -9.49 5.04 -7.79
C LYS A 30 -8.04 4.79 -8.18
N THR A 31 -7.18 5.76 -7.87
CA THR A 31 -5.76 5.65 -8.20
C THR A 31 -5.12 4.45 -7.50
N THR A 32 -5.29 4.38 -6.18
CA THR A 32 -4.74 3.28 -5.40
C THR A 32 -5.64 2.04 -5.46
N PRO A 33 -5.17 0.97 -6.12
CA PRO A 33 -5.95 -0.28 -6.24
C PRO A 33 -5.93 -1.12 -4.97
N GLU A 34 -5.21 -0.63 -3.96
CA GLU A 34 -5.11 -1.34 -2.68
C GLU A 34 -6.23 -0.92 -1.72
N CYS A 35 -7.39 -0.60 -2.28
CA CYS A 35 -8.53 -0.18 -1.48
C CYS A 35 -9.76 -1.06 -1.76
N GLY A 36 -9.54 -2.15 -2.51
CA GLY A 36 -10.64 -3.05 -2.84
C GLY A 36 -11.02 -3.96 -1.69
N PRO A 37 -10.05 -4.65 -1.08
CA PRO A 37 -10.32 -5.56 0.03
C PRO A 37 -10.61 -4.85 1.35
N THR A 38 -9.55 -4.46 2.07
CA THR A 38 -9.71 -3.78 3.34
C THR A 38 -10.18 -2.34 3.15
N GLY A 39 -9.80 -1.74 2.02
CA GLY A 39 -10.17 -0.37 1.75
C GLY A 39 -9.24 0.61 2.44
N TYR A 40 -8.29 0.06 3.20
CA TYR A 40 -7.33 0.87 3.93
C TYR A 40 -5.94 0.70 3.32
N VAL A 41 -5.23 1.80 3.11
CA VAL A 41 -3.90 1.74 2.52
C VAL A 41 -2.83 2.30 3.46
N GLU A 42 -1.79 1.50 3.66
CA GLU A 42 -0.67 1.89 4.54
C GLU A 42 0.52 2.38 3.72
N LYS A 43 1.54 2.89 4.42
CA LYS A 43 2.74 3.39 3.79
C LYS A 43 3.96 2.57 4.21
N ILE A 44 4.33 1.60 3.39
CA ILE A 44 5.47 0.74 3.68
C ILE A 44 6.71 1.20 2.91
N THR A 45 7.82 1.39 3.64
CA THR A 45 9.07 1.82 3.02
C THR A 45 9.97 0.63 2.74
N CYS A 46 10.54 0.60 1.53
CA CYS A 46 11.42 -0.49 1.13
C CYS A 46 12.88 -0.15 1.43
N SER A 47 13.46 -0.88 2.38
CA SER A 47 14.85 -0.67 2.77
C SER A 47 15.76 -0.62 1.55
N SER A 48 15.68 -1.67 0.73
CA SER A 48 16.48 -1.75 -0.48
C SER A 48 15.90 -0.85 -1.55
N SER A 49 16.51 0.33 -1.73
CA SER A 49 16.08 1.34 -2.70
C SER A 49 15.38 2.50 -2.01
N LYS A 50 15.03 2.31 -0.73
CA LYS A 50 14.34 3.35 0.04
C LYS A 50 13.16 3.90 -0.77
N ARG A 51 12.10 3.10 -0.85
CA ARG A 51 10.92 3.49 -1.60
C ARG A 51 9.65 3.17 -0.82
N ASN A 52 8.81 4.18 -0.63
CA ASN A 52 7.56 4.00 0.10
C ASN A 52 6.41 3.70 -0.86
N GLU A 53 5.87 2.48 -0.78
CA GLU A 53 4.78 2.08 -1.64
C GLU A 53 3.45 2.16 -0.89
N PHE A 54 2.35 2.15 -1.65
CA PHE A 54 1.02 2.22 -1.05
C PHE A 54 0.35 0.85 -1.04
N LYS A 55 0.45 0.16 0.09
CA LYS A 55 -0.14 -1.16 0.26
C LYS A 55 -1.44 -1.08 1.04
N SER A 56 -2.10 -2.22 1.20
CA SER A 56 -3.36 -2.28 1.94
C SER A 56 -3.23 -3.23 3.12
N CYS A 57 -3.72 -2.80 4.28
CA CYS A 57 -3.66 -3.64 5.48
C CYS A 57 -5.03 -3.75 6.16
N ARG A 58 -5.10 -4.57 7.19
CA ARG A 58 -6.36 -4.76 7.92
C ARG A 58 -6.44 -3.79 9.10
N SER A 59 -7.50 -2.99 9.11
CA SER A 59 -7.71 -2.01 10.18
C SER A 59 -8.43 -2.65 11.37
N ALA A 60 -9.19 -3.70 11.10
CA ALA A 60 -9.94 -4.40 12.14
C ALA A 60 -9.00 -4.96 13.21
N LEU A 61 -7.72 -5.11 12.87
CA LEU A 61 -6.74 -5.64 13.80
C LEU A 61 -5.73 -4.56 14.20
N MET A 62 -5.40 -3.69 13.25
CA MET A 62 -4.45 -2.61 13.49
C MET A 62 -4.93 -1.71 14.62
N GLU A 63 -6.16 -1.20 14.48
CA GLU A 63 -6.74 -0.31 15.49
C GLU A 63 -8.25 -0.47 15.54
N GLN A 64 -8.72 -1.39 16.38
CA GLN A 64 -10.15 -1.64 16.52
C GLN A 64 -10.57 -1.65 17.99
N ARG A 65 -11.43 -0.72 18.36
CA ARG A 65 -11.90 -0.62 19.74
C ARG A 65 -13.41 -0.39 19.78
N GLY A 1 5.83 -4.97 -26.76
CA GLY A 1 4.84 -4.58 -27.80
C GLY A 1 4.34 -3.16 -27.62
N SER A 2 3.38 -2.99 -26.73
CA SER A 2 2.82 -1.66 -26.48
C SER A 2 1.93 -1.68 -25.23
N GLY A 3 2.45 -1.12 -24.15
CA GLY A 3 1.68 -1.08 -22.91
C GLY A 3 2.17 -2.11 -21.90
N MET A 4 3.07 -1.68 -21.00
CA MET A 4 3.61 -2.56 -19.98
C MET A 4 3.00 -2.26 -18.62
N LYS A 5 3.11 -3.22 -17.71
CA LYS A 5 2.57 -3.06 -16.36
C LYS A 5 3.68 -2.72 -15.37
N GLU A 6 3.40 -1.79 -14.47
CA GLU A 6 4.38 -1.38 -13.46
C GLU A 6 4.23 -2.21 -12.19
N PHE A 7 5.29 -2.26 -11.39
CA PHE A 7 5.28 -3.01 -10.14
C PHE A 7 5.82 -2.17 -8.99
N PRO A 8 5.62 -2.64 -7.75
CA PRO A 8 6.08 -1.93 -6.55
C PRO A 8 7.52 -2.32 -6.18
N CYS A 9 7.92 -1.95 -4.96
CA CYS A 9 9.26 -2.28 -4.49
C CYS A 9 9.21 -3.39 -3.45
N TRP A 10 8.09 -3.48 -2.73
CA TRP A 10 7.91 -4.50 -1.70
C TRP A 10 7.81 -5.89 -2.31
N LEU A 11 7.36 -5.95 -3.56
CA LEU A 11 7.21 -7.21 -4.26
C LEU A 11 8.57 -7.80 -4.62
N VAL A 12 9.61 -6.97 -4.60
CA VAL A 12 10.96 -7.41 -4.91
C VAL A 12 11.97 -6.95 -3.85
N GLU A 13 11.48 -6.30 -2.80
CA GLU A 13 12.34 -5.82 -1.73
C GLU A 13 11.66 -5.98 -0.37
N GLU A 14 12.43 -5.77 0.70
CA GLU A 14 11.89 -5.88 2.04
C GLU A 14 11.28 -4.55 2.47
N PHE A 15 10.01 -4.59 2.87
CA PHE A 15 9.30 -3.38 3.28
C PHE A 15 9.02 -3.37 4.77
N VAL A 16 8.79 -2.18 5.31
CA VAL A 16 8.50 -2.02 6.73
C VAL A 16 7.36 -1.03 6.93
N VAL A 17 6.27 -1.49 7.56
CA VAL A 17 5.12 -0.64 7.80
C VAL A 17 5.50 0.58 8.63
N ALA A 18 5.81 1.69 7.95
CA ALA A 18 6.18 2.92 8.62
C ALA A 18 4.93 3.72 8.98
N GLU A 19 3.88 3.53 8.20
CA GLU A 19 2.62 4.21 8.44
C GLU A 19 1.44 3.27 8.22
N GLU A 20 0.70 3.00 9.29
CA GLU A 20 -0.46 2.10 9.20
C GLU A 20 -1.34 2.47 8.01
N CYS A 21 -2.22 1.56 7.63
CA CYS A 21 -3.10 1.80 6.49
C CYS A 21 -4.39 2.48 6.93
N SER A 22 -4.88 3.39 6.09
CA SER A 22 -6.11 4.12 6.38
C SER A 22 -7.02 4.19 5.16
N PRO A 23 -8.30 4.54 5.36
CA PRO A 23 -9.28 4.64 4.29
C PRO A 23 -8.76 5.38 3.06
N CYS A 24 -9.41 5.17 1.93
CA CYS A 24 -9.02 5.81 0.68
C CYS A 24 -10.08 6.80 0.22
N SER A 25 -9.71 8.07 0.13
CA SER A 25 -10.63 9.12 -0.31
C SER A 25 -11.27 8.78 -1.64
N ASN A 26 -12.06 9.70 -2.18
CA ASN A 26 -12.72 9.49 -3.46
C ASN A 26 -11.70 9.25 -4.58
N PHE A 27 -10.52 9.82 -4.42
CA PHE A 27 -9.46 9.66 -5.42
C PHE A 27 -8.53 8.51 -5.05
N ARG A 28 -8.22 8.39 -3.76
CA ARG A 28 -7.34 7.34 -3.28
C ARG A 28 -7.86 5.96 -3.67
N ALA A 29 -9.17 5.76 -3.51
CA ALA A 29 -9.79 4.49 -3.85
C ALA A 29 -10.23 4.44 -5.31
N LYS A 30 -9.80 5.43 -6.09
CA LYS A 30 -10.15 5.48 -7.51
C LYS A 30 -9.00 4.98 -8.37
N THR A 31 -7.78 5.21 -7.92
CA THR A 31 -6.60 4.78 -8.66
C THR A 31 -5.88 3.66 -7.92
N THR A 32 -5.78 3.78 -6.60
CA THR A 32 -5.11 2.78 -5.79
C THR A 32 -5.93 1.49 -5.71
N PRO A 33 -5.45 0.40 -6.32
CA PRO A 33 -6.16 -0.89 -6.31
C PRO A 33 -6.12 -1.56 -4.94
N GLU A 34 -5.22 -1.09 -4.08
CA GLU A 34 -5.08 -1.63 -2.73
C GLU A 34 -6.31 -1.32 -1.86
N CYS A 35 -7.16 -0.42 -2.35
CA CYS A 35 -8.36 -0.03 -1.62
C CYS A 35 -9.56 -0.88 -2.04
N GLY A 36 -9.29 -2.06 -2.59
CA GLY A 36 -10.36 -2.93 -3.03
C GLY A 36 -10.78 -3.97 -1.99
N PRO A 37 -9.81 -4.67 -1.37
CA PRO A 37 -10.12 -5.69 -0.38
C PRO A 37 -10.34 -5.11 1.02
N THR A 38 -9.43 -4.26 1.47
CA THR A 38 -9.53 -3.65 2.79
C THR A 38 -10.01 -2.22 2.70
N GLY A 39 -9.60 -1.52 1.64
CA GLY A 39 -9.98 -0.13 1.48
C GLY A 39 -9.06 0.78 2.27
N TYR A 40 -8.13 0.18 3.02
CA TYR A 40 -7.18 0.93 3.82
C TYR A 40 -5.77 0.74 3.27
N VAL A 41 -5.08 1.84 3.00
CA VAL A 41 -3.73 1.76 2.45
C VAL A 41 -2.69 2.35 3.40
N GLU A 42 -1.62 1.59 3.61
CA GLU A 42 -0.52 1.99 4.49
C GLU A 42 0.67 2.51 3.68
N LYS A 43 1.69 2.98 4.39
CA LYS A 43 2.89 3.49 3.76
C LYS A 43 4.11 2.68 4.18
N ILE A 44 4.45 1.68 3.38
CA ILE A 44 5.59 0.82 3.67
C ILE A 44 6.82 1.24 2.87
N THR A 45 7.97 1.31 3.54
CA THR A 45 9.21 1.70 2.89
C THR A 45 10.10 0.49 2.63
N CYS A 46 10.70 0.42 1.44
CA CYS A 46 11.57 -0.69 1.08
C CYS A 46 13.01 -0.42 1.48
N SER A 47 13.56 -1.27 2.35
CA SER A 47 14.94 -1.13 2.79
C SER A 47 15.87 -0.95 1.59
N SER A 48 15.47 -1.53 0.47
CA SER A 48 16.25 -1.43 -0.75
C SER A 48 15.89 -0.18 -1.52
N SER A 49 16.76 0.83 -1.41
CA SER A 49 16.56 2.12 -2.08
C SER A 49 15.58 3.00 -1.31
N LYS A 50 15.21 2.57 -0.09
CA LYS A 50 14.27 3.33 0.74
C LYS A 50 13.13 3.87 -0.12
N ARG A 51 12.24 2.97 -0.52
CA ARG A 51 11.11 3.36 -1.35
C ARG A 51 9.78 3.13 -0.62
N ASN A 52 9.03 4.21 -0.45
CA ASN A 52 7.75 4.15 0.23
C ASN A 52 6.62 3.85 -0.76
N GLU A 53 6.10 2.63 -0.69
CA GLU A 53 5.02 2.22 -1.59
C GLU A 53 3.68 2.28 -0.87
N PHE A 54 2.60 2.23 -1.65
CA PHE A 54 1.25 2.28 -1.09
C PHE A 54 0.65 0.88 -1.03
N LYS A 55 0.74 0.26 0.14
CA LYS A 55 0.21 -1.09 0.33
C LYS A 55 -1.12 -1.04 1.07
N SER A 56 -1.73 -2.21 1.25
CA SER A 56 -3.02 -2.31 1.95
C SER A 56 -2.88 -3.21 3.17
N CYS A 57 -3.48 -2.80 4.29
CA CYS A 57 -3.40 -3.60 5.51
C CYS A 57 -4.77 -3.73 6.16
N ARG A 58 -4.83 -4.53 7.22
CA ARG A 58 -6.09 -4.74 7.93
C ARG A 58 -6.26 -3.70 9.03
N SER A 59 -7.35 -2.95 8.96
CA SER A 59 -7.63 -1.92 9.96
C SER A 59 -8.53 -2.45 11.08
N ALA A 60 -9.28 -3.51 10.77
CA ALA A 60 -10.18 -4.11 11.75
C ALA A 60 -9.43 -4.53 13.02
N LEU A 61 -8.12 -4.72 12.90
CA LEU A 61 -7.29 -5.12 14.02
C LEU A 61 -6.33 -4.00 14.40
N MET A 62 -5.84 -3.29 13.40
CA MET A 62 -4.90 -2.20 13.63
C MET A 62 -5.60 -1.02 14.30
N GLU A 63 -6.73 -0.61 13.74
CA GLU A 63 -7.49 0.51 14.29
C GLU A 63 -8.97 0.40 13.93
N GLN A 64 -9.73 -0.28 14.79
CA GLN A 64 -11.16 -0.46 14.55
C GLN A 64 -11.98 0.23 15.65
N ARG A 65 -13.10 0.82 15.24
CA ARG A 65 -13.97 1.50 16.18
C ARG A 65 -15.05 0.57 16.72
N GLY A 1 4.94 -8.20 -25.40
CA GLY A 1 5.89 -9.06 -24.65
C GLY A 1 6.87 -8.27 -23.80
N SER A 2 8.16 -8.49 -24.01
CA SER A 2 9.19 -7.79 -23.25
C SER A 2 9.12 -6.29 -23.50
N GLY A 3 8.51 -5.57 -22.57
CA GLY A 3 8.39 -4.12 -22.70
C GLY A 3 8.66 -3.40 -21.40
N MET A 4 7.60 -3.07 -20.68
CA MET A 4 7.73 -2.36 -19.41
C MET A 4 6.79 -2.95 -18.36
N LYS A 5 7.38 -3.50 -17.30
CA LYS A 5 6.60 -4.11 -16.23
C LYS A 5 6.31 -3.09 -15.13
N GLU A 6 5.09 -3.11 -14.61
CA GLU A 6 4.68 -2.19 -13.55
C GLU A 6 4.47 -2.93 -12.23
N PHE A 7 5.48 -2.87 -11.37
CA PHE A 7 5.40 -3.54 -10.07
C PHE A 7 5.91 -2.63 -8.96
N PRO A 8 5.64 -2.98 -7.70
CA PRO A 8 6.07 -2.20 -6.54
C PRO A 8 7.49 -2.54 -6.11
N CYS A 9 7.87 -2.09 -4.92
CA CYS A 9 9.21 -2.37 -4.40
C CYS A 9 9.17 -3.47 -3.35
N TRP A 10 8.03 -3.58 -2.66
CA TRP A 10 7.87 -4.59 -1.62
C TRP A 10 7.80 -5.99 -2.22
N LEU A 11 7.41 -6.07 -3.49
CA LEU A 11 7.30 -7.35 -4.18
C LEU A 11 8.67 -7.88 -4.58
N VAL A 12 9.67 -6.99 -4.60
CA VAL A 12 11.02 -7.39 -4.96
C VAL A 12 12.04 -6.92 -3.91
N GLU A 13 11.56 -6.28 -2.85
CA GLU A 13 12.45 -5.79 -1.79
C GLU A 13 11.80 -6.00 -0.42
N GLU A 14 12.52 -5.60 0.62
CA GLU A 14 12.02 -5.72 1.99
C GLU A 14 11.38 -4.40 2.42
N PHE A 15 10.09 -4.46 2.72
CA PHE A 15 9.36 -3.26 3.13
C PHE A 15 9.14 -3.23 4.63
N VAL A 16 8.92 -2.03 5.16
CA VAL A 16 8.70 -1.84 6.59
C VAL A 16 7.51 -0.93 6.84
N VAL A 17 6.48 -1.46 7.48
CA VAL A 17 5.28 -0.69 7.76
C VAL A 17 5.60 0.54 8.62
N ALA A 18 5.83 1.68 7.96
CA ALA A 18 6.15 2.91 8.65
C ALA A 18 4.88 3.67 9.01
N GLU A 19 3.84 3.48 8.21
CA GLU A 19 2.56 4.14 8.43
C GLU A 19 1.41 3.17 8.20
N GLU A 20 0.64 2.90 9.25
CA GLU A 20 -0.50 1.99 9.14
C GLU A 20 -1.36 2.34 7.94
N CYS A 21 -2.30 1.47 7.61
CA CYS A 21 -3.17 1.71 6.47
C CYS A 21 -4.47 2.39 6.89
N SER A 22 -4.91 3.35 6.09
CA SER A 22 -6.13 4.09 6.36
C SER A 22 -7.05 4.12 5.15
N PRO A 23 -8.33 4.48 5.35
CA PRO A 23 -9.32 4.54 4.27
C PRO A 23 -8.80 5.28 3.04
N CYS A 24 -9.46 5.06 1.91
CA CYS A 24 -9.08 5.69 0.65
C CYS A 24 -10.12 6.71 0.21
N SER A 25 -9.69 7.95 0.02
CA SER A 25 -10.58 9.03 -0.39
C SER A 25 -11.16 8.72 -1.78
N ASN A 26 -11.90 9.69 -2.32
CA ASN A 26 -12.51 9.53 -3.64
C ASN A 26 -11.45 9.28 -4.71
N PHE A 27 -10.26 9.81 -4.49
CA PHE A 27 -9.16 9.65 -5.44
C PHE A 27 -8.34 8.39 -5.13
N ARG A 28 -8.13 8.13 -3.84
CA ARG A 28 -7.37 6.96 -3.42
C ARG A 28 -8.02 5.68 -3.91
N ALA A 29 -9.32 5.54 -3.66
CA ALA A 29 -10.06 4.35 -4.08
C ALA A 29 -9.94 4.12 -5.58
N LYS A 30 -9.66 5.18 -6.33
CA LYS A 30 -9.52 5.08 -7.77
C LYS A 30 -8.06 4.83 -8.18
N THR A 31 -7.20 5.79 -7.87
CA THR A 31 -5.78 5.67 -8.20
C THR A 31 -5.15 4.48 -7.50
N THR A 32 -5.31 4.41 -6.19
CA THR A 32 -4.75 3.33 -5.39
C THR A 32 -5.66 2.10 -5.43
N PRO A 33 -5.21 1.01 -6.08
CA PRO A 33 -6.00 -0.22 -6.18
C PRO A 33 -5.99 -1.02 -4.88
N GLU A 34 -5.26 -0.54 -3.88
CA GLU A 34 -5.18 -1.22 -2.59
C GLU A 34 -6.30 -0.75 -1.65
N CYS A 35 -7.49 -0.57 -2.20
CA CYS A 35 -8.63 -0.12 -1.42
C CYS A 35 -9.87 -0.95 -1.74
N GLY A 36 -9.68 -2.05 -2.47
CA GLY A 36 -10.79 -2.90 -2.83
C GLY A 36 -11.10 -3.98 -1.80
N PRO A 37 -10.07 -4.65 -1.26
CA PRO A 37 -10.27 -5.72 -0.27
C PRO A 37 -10.47 -5.18 1.14
N THR A 38 -9.57 -4.31 1.58
CA THR A 38 -9.65 -3.73 2.92
C THR A 38 -10.11 -2.28 2.87
N GLY A 39 -9.77 -1.60 1.79
CA GLY A 39 -10.13 -0.20 1.65
C GLY A 39 -9.19 0.70 2.42
N TYR A 40 -8.22 0.09 3.10
CA TYR A 40 -7.24 0.81 3.89
C TYR A 40 -5.85 0.63 3.29
N VAL A 41 -5.15 1.74 3.03
CA VAL A 41 -3.82 1.67 2.46
C VAL A 41 -2.76 2.25 3.39
N GLU A 42 -1.69 1.49 3.60
CA GLU A 42 -0.59 1.91 4.48
C GLU A 42 0.61 2.41 3.68
N LYS A 43 1.60 2.94 4.38
CA LYS A 43 2.80 3.46 3.74
C LYS A 43 4.02 2.64 4.16
N ILE A 44 4.38 1.65 3.34
CA ILE A 44 5.52 0.80 3.63
C ILE A 44 6.74 1.22 2.81
N THR A 45 7.88 1.35 3.49
CA THR A 45 9.12 1.75 2.83
C THR A 45 10.04 0.55 2.61
N CYS A 46 10.65 0.49 1.44
CA CYS A 46 11.54 -0.61 1.11
C CYS A 46 12.99 -0.26 1.46
N SER A 47 13.57 -1.06 2.36
CA SER A 47 14.95 -0.85 2.79
C SER A 47 15.86 -0.70 1.57
N SER A 48 15.46 -1.33 0.47
CA SER A 48 16.22 -1.28 -0.77
C SER A 48 15.82 -0.05 -1.57
N SER A 49 16.67 0.98 -1.51
CA SER A 49 16.44 2.24 -2.21
C SER A 49 15.45 3.12 -1.47
N LYS A 50 15.11 2.73 -0.23
CA LYS A 50 14.17 3.49 0.59
C LYS A 50 12.99 3.96 -0.28
N ARG A 51 12.12 3.03 -0.63
CA ARG A 51 10.97 3.34 -1.46
C ARG A 51 9.66 3.11 -0.71
N ASN A 52 8.90 4.18 -0.54
CA ASN A 52 7.62 4.11 0.15
C ASN A 52 6.48 3.80 -0.82
N GLU A 53 5.97 2.58 -0.75
CA GLU A 53 4.89 2.15 -1.62
C GLU A 53 3.55 2.22 -0.88
N PHE A 54 2.47 2.18 -1.64
CA PHE A 54 1.13 2.23 -1.06
C PHE A 54 0.48 0.85 -1.07
N LYS A 55 0.57 0.15 0.06
CA LYS A 55 0.00 -1.18 0.18
C LYS A 55 -1.29 -1.15 1.00
N SER A 56 -1.92 -2.30 1.14
CA SER A 56 -3.17 -2.40 1.90
C SER A 56 -3.00 -3.31 3.11
N CYS A 57 -3.56 -2.91 4.25
CA CYS A 57 -3.45 -3.71 5.46
C CYS A 57 -4.79 -3.83 6.17
N ARG A 58 -4.82 -4.62 7.23
CA ARG A 58 -6.06 -4.82 7.98
C ARG A 58 -6.14 -3.86 9.16
N SER A 59 -7.20 -3.07 9.19
CA SER A 59 -7.40 -2.09 10.26
C SER A 59 -8.05 -2.74 11.48
N ALA A 60 -8.83 -3.78 11.24
CA ALA A 60 -9.52 -4.49 12.31
C ALA A 60 -8.52 -5.11 13.29
N LEU A 61 -7.27 -5.24 12.87
CA LEU A 61 -6.23 -5.82 13.72
C LEU A 61 -5.20 -4.77 14.10
N MET A 62 -4.93 -3.86 13.17
CA MET A 62 -3.96 -2.79 13.42
C MET A 62 -4.36 -1.97 14.64
N GLU A 63 -5.62 -1.59 14.72
CA GLU A 63 -6.13 -0.80 15.83
C GLU A 63 -7.63 -1.02 16.02
N GLN A 64 -7.98 -2.02 16.83
CA GLN A 64 -9.38 -2.32 17.09
C GLN A 64 -9.56 -2.92 18.49
N ARG A 65 -10.65 -2.54 19.15
CA ARG A 65 -10.94 -3.03 20.50
C ARG A 65 -11.99 -4.12 20.46
N GLY A 1 -5.02 -2.50 -22.60
CA GLY A 1 -4.78 -1.25 -21.82
C GLY A 1 -3.66 -1.39 -20.81
N SER A 2 -2.45 -1.61 -21.30
CA SER A 2 -1.29 -1.77 -20.43
C SER A 2 0.00 -1.93 -21.25
N GLY A 3 0.74 -0.84 -21.39
CA GLY A 3 1.97 -0.88 -22.14
C GLY A 3 2.98 -1.86 -21.57
N MET A 4 3.34 -1.66 -20.30
CA MET A 4 4.30 -2.53 -19.63
C MET A 4 3.76 -3.00 -18.28
N LYS A 5 4.45 -3.95 -17.68
CA LYS A 5 4.04 -4.49 -16.38
C LYS A 5 4.80 -3.81 -15.25
N GLU A 6 4.17 -2.84 -14.60
CA GLU A 6 4.78 -2.12 -13.51
C GLU A 6 4.56 -2.84 -12.18
N PHE A 7 5.58 -2.80 -11.32
CA PHE A 7 5.49 -3.47 -10.02
C PHE A 7 6.02 -2.55 -8.91
N PRO A 8 5.75 -2.91 -7.64
CA PRO A 8 6.19 -2.12 -6.49
C PRO A 8 7.60 -2.50 -6.05
N CYS A 9 7.98 -2.05 -4.85
CA CYS A 9 9.30 -2.36 -4.31
C CYS A 9 9.21 -3.42 -3.24
N TRP A 10 8.07 -3.48 -2.56
CA TRP A 10 7.86 -4.46 -1.50
C TRP A 10 7.74 -5.87 -2.08
N LEU A 11 7.46 -5.97 -3.37
CA LEU A 11 7.32 -7.25 -4.03
C LEU A 11 8.69 -7.83 -4.41
N VAL A 12 9.69 -6.97 -4.47
CA VAL A 12 11.05 -7.39 -4.82
C VAL A 12 12.07 -6.95 -3.77
N GLU A 13 11.60 -6.28 -2.72
CA GLU A 13 12.48 -5.80 -1.65
C GLU A 13 11.82 -5.98 -0.29
N GLU A 14 12.58 -5.67 0.76
CA GLU A 14 12.06 -5.77 2.13
C GLU A 14 11.40 -4.47 2.53
N PHE A 15 10.11 -4.55 2.85
CA PHE A 15 9.34 -3.36 3.24
C PHE A 15 9.06 -3.34 4.73
N VAL A 16 8.85 -2.15 5.26
CA VAL A 16 8.56 -1.98 6.68
C VAL A 16 7.40 -1.02 6.88
N VAL A 17 6.32 -1.51 7.49
CA VAL A 17 5.15 -0.68 7.73
C VAL A 17 5.49 0.54 8.58
N ALA A 18 5.78 1.66 7.92
CA ALA A 18 6.11 2.89 8.60
C ALA A 18 4.84 3.67 8.95
N GLU A 19 3.82 3.49 8.13
CA GLU A 19 2.54 4.16 8.33
C GLU A 19 1.38 3.19 8.11
N GLU A 20 0.66 2.88 9.19
CA GLU A 20 -0.48 1.97 9.10
C GLU A 20 -1.38 2.34 7.94
N CYS A 21 -2.24 1.41 7.52
CA CYS A 21 -3.13 1.67 6.40
C CYS A 21 -4.41 2.36 6.87
N SER A 22 -4.87 3.31 6.05
CA SER A 22 -6.07 4.07 6.37
C SER A 22 -7.00 4.17 5.17
N PRO A 23 -8.27 4.57 5.39
CA PRO A 23 -9.28 4.70 4.34
C PRO A 23 -8.74 5.40 3.10
N CYS A 24 -9.42 5.20 1.98
CA CYS A 24 -9.03 5.80 0.71
C CYS A 24 -10.09 6.81 0.23
N SER A 25 -9.67 8.06 0.07
CA SER A 25 -10.59 9.10 -0.38
C SER A 25 -11.20 8.75 -1.73
N ASN A 26 -11.97 9.67 -2.28
CA ASN A 26 -12.63 9.46 -3.57
C ASN A 26 -11.60 9.22 -4.67
N PHE A 27 -10.42 9.81 -4.52
CA PHE A 27 -9.36 9.67 -5.50
C PHE A 27 -8.41 8.53 -5.10
N ARG A 28 -8.26 8.32 -3.80
CA ARG A 28 -7.38 7.27 -3.29
C ARG A 28 -7.95 5.89 -3.60
N ALA A 29 -9.26 5.74 -3.42
CA ALA A 29 -9.92 4.47 -3.68
C ALA A 29 -10.06 4.21 -5.17
N LYS A 30 -10.15 5.28 -5.96
CA LYS A 30 -10.29 5.16 -7.40
C LYS A 30 -8.92 5.03 -8.07
N THR A 31 -7.91 5.62 -7.46
CA THR A 31 -6.55 5.57 -8.00
C THR A 31 -5.81 4.34 -7.47
N THR A 32 -5.78 4.19 -6.16
CA THR A 32 -5.09 3.06 -5.53
C THR A 32 -5.96 1.80 -5.56
N PRO A 33 -5.56 0.79 -6.33
CA PRO A 33 -6.31 -0.47 -6.43
C PRO A 33 -6.24 -1.31 -5.15
N GLU A 34 -5.39 -0.89 -4.22
CA GLU A 34 -5.23 -1.61 -2.96
C GLU A 34 -6.39 -1.31 -1.99
N CYS A 35 -7.29 -0.43 -2.42
CA CYS A 35 -8.44 -0.07 -1.59
C CYS A 35 -9.67 -0.89 -1.97
N GLY A 36 -9.44 -2.06 -2.55
CA GLY A 36 -10.55 -2.92 -2.96
C GLY A 36 -10.95 -3.94 -1.91
N PRO A 37 -9.97 -4.67 -1.33
CA PRO A 37 -10.25 -5.69 -0.32
C PRO A 37 -10.46 -5.12 1.08
N THR A 38 -9.54 -4.26 1.52
CA THR A 38 -9.63 -3.66 2.84
C THR A 38 -10.10 -2.21 2.76
N GLY A 39 -9.71 -1.53 1.69
CA GLY A 39 -10.08 -0.13 1.52
C GLY A 39 -9.15 0.78 2.30
N TYR A 40 -8.19 0.17 3.01
CA TYR A 40 -7.23 0.91 3.80
C TYR A 40 -5.83 0.71 3.22
N VAL A 41 -5.13 1.81 2.94
CA VAL A 41 -3.79 1.72 2.38
C VAL A 41 -2.73 2.29 3.31
N GLU A 42 -1.66 1.52 3.51
CA GLU A 42 -0.56 1.92 4.39
C GLU A 42 0.63 2.42 3.58
N LYS A 43 1.65 2.91 4.29
CA LYS A 43 2.86 3.41 3.65
C LYS A 43 4.07 2.62 4.11
N ILE A 44 4.47 1.64 3.30
CA ILE A 44 5.62 0.79 3.62
C ILE A 44 6.85 1.21 2.83
N THR A 45 7.98 1.34 3.52
CA THR A 45 9.23 1.74 2.89
C THR A 45 10.13 0.53 2.66
N CYS A 46 10.79 0.50 1.51
CA CYS A 46 11.68 -0.61 1.17
C CYS A 46 13.13 -0.28 1.53
N SER A 47 13.71 -1.08 2.41
CA SER A 47 15.10 -0.88 2.83
C SER A 47 16.00 -0.76 1.61
N SER A 48 15.59 -1.39 0.52
CA SER A 48 16.34 -1.36 -0.72
C SER A 48 15.95 -0.14 -1.54
N SER A 49 16.81 0.88 -1.51
CA SER A 49 16.59 2.13 -2.22
C SER A 49 15.62 3.05 -1.47
N LYS A 50 15.26 2.66 -0.24
CA LYS A 50 14.34 3.45 0.57
C LYS A 50 13.17 3.93 -0.27
N ARG A 51 12.27 3.01 -0.60
CA ARG A 51 11.12 3.34 -1.43
C ARG A 51 9.82 3.09 -0.68
N ASN A 52 9.01 4.14 -0.55
CA ASN A 52 7.73 4.04 0.15
C ASN A 52 6.62 3.77 -0.84
N GLU A 53 6.09 2.54 -0.80
CA GLU A 53 5.02 2.14 -1.69
C GLU A 53 3.67 2.20 -0.98
N PHE A 54 2.59 2.16 -1.76
CA PHE A 54 1.24 2.22 -1.21
C PHE A 54 0.60 0.84 -1.22
N LYS A 55 0.60 0.18 -0.07
CA LYS A 55 0.02 -1.15 0.07
C LYS A 55 -1.27 -1.09 0.90
N SER A 56 -1.92 -2.24 1.05
CA SER A 56 -3.16 -2.32 1.81
C SER A 56 -2.99 -3.26 3.00
N CYS A 57 -3.53 -2.86 4.15
CA CYS A 57 -3.42 -3.69 5.35
C CYS A 57 -4.78 -3.89 6.01
N ARG A 58 -4.77 -4.44 7.22
CA ARG A 58 -6.00 -4.67 7.96
C ARG A 58 -6.15 -3.64 9.06
N SER A 59 -7.27 -2.91 9.02
CA SER A 59 -7.53 -1.88 10.00
C SER A 59 -8.47 -2.37 11.09
N ALA A 60 -9.33 -3.34 10.74
CA ALA A 60 -10.28 -3.89 11.68
C ALA A 60 -9.63 -4.92 12.60
N LEU A 61 -8.34 -5.17 12.41
CA LEU A 61 -7.61 -6.13 13.23
C LEU A 61 -6.57 -5.44 14.09
N MET A 62 -6.01 -4.34 13.58
CA MET A 62 -5.01 -3.59 14.30
C MET A 62 -5.56 -3.06 15.63
N GLU A 63 -6.69 -2.36 15.55
CA GLU A 63 -7.33 -1.81 16.73
C GLU A 63 -8.82 -1.61 16.49
N GLN A 64 -9.61 -2.64 16.81
CA GLN A 64 -11.05 -2.58 16.64
C GLN A 64 -11.77 -3.27 17.79
N ARG A 65 -12.49 -2.48 18.59
CA ARG A 65 -13.22 -3.01 19.73
C ARG A 65 -14.64 -3.38 19.34
N GLY A 1 0.39 11.10 -11.81
CA GLY A 1 -0.31 10.95 -13.11
C GLY A 1 0.35 9.92 -14.02
N SER A 2 0.51 8.70 -13.51
CA SER A 2 1.11 7.63 -14.28
C SER A 2 0.07 6.65 -14.78
N GLY A 3 -0.06 6.54 -16.10
CA GLY A 3 -1.04 5.63 -16.68
C GLY A 3 -0.40 4.38 -17.26
N MET A 4 0.74 3.99 -16.69
CA MET A 4 1.46 2.81 -17.16
C MET A 4 1.35 1.68 -16.15
N LYS A 5 1.79 0.49 -16.55
CA LYS A 5 1.75 -0.68 -15.68
C LYS A 5 3.14 -1.07 -15.22
N GLU A 6 3.33 -1.19 -13.92
CA GLU A 6 4.62 -1.56 -13.35
C GLU A 6 4.44 -2.31 -12.03
N PHE A 7 5.56 -2.63 -11.39
CA PHE A 7 5.53 -3.35 -10.12
C PHE A 7 6.03 -2.46 -8.98
N PRO A 8 5.81 -2.89 -7.72
CA PRO A 8 6.24 -2.14 -6.55
C PRO A 8 7.66 -2.52 -6.11
N CYS A 9 8.03 -2.11 -4.91
CA CYS A 9 9.35 -2.41 -4.39
C CYS A 9 9.28 -3.49 -3.31
N TRP A 10 8.15 -3.56 -2.62
CA TRP A 10 7.94 -4.54 -1.57
C TRP A 10 7.84 -5.95 -2.14
N LEU A 11 7.53 -6.05 -3.43
CA LEU A 11 7.40 -7.34 -4.10
C LEU A 11 8.77 -7.93 -4.43
N VAL A 12 9.79 -7.08 -4.44
CA VAL A 12 11.15 -7.51 -4.74
C VAL A 12 12.15 -7.02 -3.69
N GLU A 13 11.65 -6.35 -2.66
CA GLU A 13 12.51 -5.82 -1.60
C GLU A 13 11.83 -5.95 -0.24
N GLU A 14 12.60 -5.73 0.82
CA GLU A 14 12.06 -5.81 2.17
C GLU A 14 11.42 -4.48 2.55
N PHE A 15 10.14 -4.54 2.92
CA PHE A 15 9.40 -3.34 3.29
C PHE A 15 9.10 -3.31 4.79
N VAL A 16 8.90 -2.10 5.31
CA VAL A 16 8.59 -1.91 6.71
C VAL A 16 7.43 -0.96 6.89
N VAL A 17 6.36 -1.43 7.51
CA VAL A 17 5.18 -0.60 7.74
C VAL A 17 5.52 0.63 8.57
N ALA A 18 5.82 1.73 7.88
CA ALA A 18 6.16 2.98 8.56
C ALA A 18 4.89 3.76 8.90
N GLU A 19 3.85 3.56 8.09
CA GLU A 19 2.58 4.24 8.30
C GLU A 19 1.42 3.27 8.09
N GLU A 20 0.70 2.97 9.17
CA GLU A 20 -0.44 2.07 9.10
C GLU A 20 -1.36 2.43 7.94
N CYS A 21 -2.18 1.48 7.51
CA CYS A 21 -3.07 1.73 6.39
C CYS A 21 -4.36 2.40 6.85
N SER A 22 -4.86 3.32 6.03
CA SER A 22 -6.08 4.05 6.34
C SER A 22 -7.02 4.10 5.13
N PRO A 23 -8.30 4.45 5.37
CA PRO A 23 -9.31 4.53 4.31
C PRO A 23 -8.81 5.29 3.07
N CYS A 24 -9.45 5.03 1.95
CA CYS A 24 -9.10 5.67 0.69
C CYS A 24 -10.19 6.66 0.25
N SER A 25 -9.82 7.93 0.16
CA SER A 25 -10.77 8.97 -0.25
C SER A 25 -11.37 8.65 -1.62
N ASN A 26 -12.09 9.61 -2.18
CA ASN A 26 -12.73 9.43 -3.48
C ASN A 26 -11.68 9.11 -4.55
N PHE A 27 -10.69 9.99 -4.68
CA PHE A 27 -9.63 9.80 -5.66
C PHE A 27 -8.60 8.78 -5.17
N ARG A 28 -8.48 8.67 -3.86
CA ARG A 28 -7.53 7.74 -3.26
C ARG A 28 -7.82 6.31 -3.69
N ALA A 29 -9.07 5.87 -3.49
CA ALA A 29 -9.46 4.51 -3.86
C ALA A 29 -9.72 4.40 -5.36
N LYS A 30 -10.23 5.48 -5.95
CA LYS A 30 -10.52 5.51 -7.38
C LYS A 30 -9.27 5.22 -8.20
N THR A 31 -8.11 5.56 -7.65
CA THR A 31 -6.84 5.35 -8.34
C THR A 31 -6.05 4.21 -7.69
N THR A 32 -6.00 4.22 -6.36
CA THR A 32 -5.28 3.19 -5.62
C THR A 32 -6.05 1.87 -5.63
N PRO A 33 -5.49 0.82 -6.28
CA PRO A 33 -6.12 -0.49 -6.35
C PRO A 33 -6.01 -1.27 -5.04
N GLU A 34 -5.33 -0.69 -4.06
CA GLU A 34 -5.16 -1.34 -2.76
C GLU A 34 -6.25 -0.90 -1.78
N CYS A 35 -7.42 -0.59 -2.32
CA CYS A 35 -8.55 -0.16 -1.50
C CYS A 35 -9.79 -1.00 -1.80
N GLY A 36 -9.61 -2.11 -2.51
CA GLY A 36 -10.72 -2.97 -2.86
C GLY A 36 -11.01 -4.03 -1.81
N PRO A 37 -9.98 -4.71 -1.29
CA PRO A 37 -10.16 -5.76 -0.29
C PRO A 37 -10.36 -5.23 1.13
N THR A 38 -9.46 -4.33 1.54
CA THR A 38 -9.54 -3.74 2.88
C THR A 38 -10.02 -2.30 2.82
N GLY A 39 -9.67 -1.61 1.73
CA GLY A 39 -10.06 -0.22 1.60
C GLY A 39 -9.12 0.70 2.36
N TYR A 40 -8.15 0.09 3.04
CA TYR A 40 -7.17 0.84 3.82
C TYR A 40 -5.78 0.69 3.18
N VAL A 41 -5.08 1.81 2.99
CA VAL A 41 -3.75 1.76 2.38
C VAL A 41 -2.68 2.32 3.32
N GLU A 42 -1.63 1.53 3.52
CA GLU A 42 -0.51 1.92 4.39
C GLU A 42 0.68 2.42 3.57
N LYS A 43 1.68 2.92 4.27
CA LYS A 43 2.90 3.42 3.62
C LYS A 43 4.12 2.63 4.09
N ILE A 44 4.50 1.63 3.30
CA ILE A 44 5.64 0.79 3.63
C ILE A 44 6.87 1.18 2.81
N THR A 45 8.00 1.37 3.50
CA THR A 45 9.24 1.74 2.85
C THR A 45 10.14 0.52 2.64
N CYS A 46 10.77 0.45 1.47
CA CYS A 46 11.65 -0.67 1.15
C CYS A 46 13.09 -0.36 1.54
N SER A 47 13.64 -1.18 2.43
CA SER A 47 15.02 -1.01 2.87
C SER A 47 15.96 -0.87 1.67
N SER A 48 15.56 -1.49 0.56
CA SER A 48 16.35 -1.42 -0.66
C SER A 48 15.98 -0.19 -1.46
N SER A 49 16.83 0.83 -1.38
CA SER A 49 16.63 2.10 -2.07
C SER A 49 15.64 2.99 -1.33
N LYS A 50 15.28 2.60 -0.11
CA LYS A 50 14.33 3.36 0.69
C LYS A 50 13.18 3.86 -0.18
N ARG A 51 12.29 2.94 -0.55
CA ARG A 51 11.15 3.28 -1.40
C ARG A 51 9.83 3.02 -0.68
N ASN A 52 9.05 4.07 -0.51
CA ASN A 52 7.75 3.97 0.15
C ASN A 52 6.65 3.68 -0.86
N GLU A 53 6.07 2.48 -0.76
CA GLU A 53 5.01 2.07 -1.66
C GLU A 53 3.66 2.18 -0.97
N PHE A 54 2.60 2.16 -1.77
CA PHE A 54 1.24 2.25 -1.24
C PHE A 54 0.57 0.88 -1.25
N LYS A 55 0.59 0.21 -0.10
CA LYS A 55 0.00 -1.11 0.02
C LYS A 55 -1.28 -1.05 0.85
N SER A 56 -1.95 -2.19 0.99
CA SER A 56 -3.19 -2.26 1.77
C SER A 56 -3.03 -3.21 2.95
N CYS A 57 -3.55 -2.81 4.10
CA CYS A 57 -3.45 -3.65 5.30
C CYS A 57 -4.79 -3.76 6.01
N ARG A 58 -4.84 -4.56 7.06
CA ARG A 58 -6.07 -4.75 7.82
C ARG A 58 -6.11 -3.80 9.01
N SER A 59 -7.15 -2.98 9.07
CA SER A 59 -7.32 -2.01 10.15
C SER A 59 -8.04 -2.66 11.34
N ALA A 60 -8.90 -3.63 11.06
CA ALA A 60 -9.65 -4.31 12.09
C ALA A 60 -8.73 -5.04 13.07
N LEU A 61 -7.49 -5.26 12.65
CA LEU A 61 -6.51 -5.95 13.50
C LEU A 61 -5.40 -5.00 13.93
N MET A 62 -5.10 -4.02 13.09
CA MET A 62 -4.05 -3.04 13.38
C MET A 62 -4.43 -2.22 14.61
N GLU A 63 -5.62 -1.63 14.59
CA GLU A 63 -6.10 -0.81 15.69
C GLU A 63 -7.61 -0.88 15.81
N GLN A 64 -8.10 -1.84 16.57
CA GLN A 64 -9.54 -2.01 16.76
C GLN A 64 -9.86 -2.41 18.20
N ARG A 65 -10.24 -1.42 19.01
CA ARG A 65 -10.57 -1.67 20.41
C ARG A 65 -9.37 -2.23 21.16
N GLY A 1 9.53 -9.02 -23.50
CA GLY A 1 8.66 -9.51 -24.61
C GLY A 1 7.87 -8.41 -25.27
N SER A 2 6.57 -8.39 -25.03
CA SER A 2 5.69 -7.38 -25.60
C SER A 2 4.66 -6.90 -24.58
N GLY A 3 5.00 -5.82 -23.87
CA GLY A 3 4.10 -5.28 -22.87
C GLY A 3 4.73 -4.15 -22.08
N MET A 4 4.37 -4.05 -20.81
CA MET A 4 4.89 -2.99 -19.95
C MET A 4 5.39 -3.57 -18.63
N LYS A 5 6.07 -2.73 -17.85
CA LYS A 5 6.61 -3.17 -16.56
C LYS A 5 6.19 -2.21 -15.45
N GLU A 6 5.17 -2.58 -14.69
CA GLU A 6 4.68 -1.75 -13.60
C GLU A 6 4.51 -2.57 -12.32
N PHE A 7 5.52 -2.51 -11.46
CA PHE A 7 5.50 -3.25 -10.20
C PHE A 7 5.97 -2.37 -9.05
N PRO A 8 5.73 -2.82 -7.79
CA PRO A 8 6.12 -2.08 -6.60
C PRO A 8 7.57 -2.39 -6.18
N CYS A 9 7.92 -1.98 -4.97
CA CYS A 9 9.27 -2.22 -4.46
C CYS A 9 9.25 -3.35 -3.43
N TRP A 10 8.12 -3.50 -2.73
CA TRP A 10 7.99 -4.54 -1.72
C TRP A 10 7.96 -5.93 -2.35
N LEU A 11 7.57 -5.99 -3.62
CA LEU A 11 7.52 -7.26 -4.33
C LEU A 11 8.91 -7.75 -4.70
N VAL A 12 9.89 -6.85 -4.66
CA VAL A 12 11.27 -7.19 -4.98
C VAL A 12 12.24 -6.73 -3.88
N GLU A 13 11.70 -6.11 -2.84
CA GLU A 13 12.52 -5.63 -1.73
C GLU A 13 11.83 -5.86 -0.39
N GLU A 14 12.52 -5.50 0.69
CA GLU A 14 11.96 -5.66 2.03
C GLU A 14 11.27 -4.38 2.47
N PHE A 15 9.98 -4.46 2.74
CA PHE A 15 9.22 -3.29 3.16
C PHE A 15 8.94 -3.32 4.66
N VAL A 16 8.69 -2.13 5.21
CA VAL A 16 8.40 -2.00 6.63
C VAL A 16 7.26 -1.00 6.85
N VAL A 17 6.19 -1.46 7.49
CA VAL A 17 5.04 -0.62 7.75
C VAL A 17 5.43 0.60 8.59
N ALA A 18 5.72 1.70 7.91
CA ALA A 18 6.10 2.93 8.59
C ALA A 18 4.85 3.72 8.98
N GLU A 19 3.80 3.55 8.19
CA GLU A 19 2.54 4.23 8.45
C GLU A 19 1.37 3.27 8.23
N GLU A 20 0.61 3.00 9.29
CA GLU A 20 -0.53 2.09 9.20
C GLU A 20 -1.41 2.45 8.01
N CYS A 21 -2.30 1.54 7.63
CA CYS A 21 -3.18 1.78 6.50
C CYS A 21 -4.48 2.44 6.93
N SER A 22 -4.97 3.34 6.09
CA SER A 22 -6.22 4.06 6.37
C SER A 22 -7.13 4.09 5.15
N PRO A 23 -8.42 4.43 5.35
CA PRO A 23 -9.41 4.50 4.27
C PRO A 23 -8.89 5.26 3.05
N CYS A 24 -9.52 5.03 1.90
CA CYS A 24 -9.14 5.69 0.66
C CYS A 24 -10.21 6.67 0.22
N SER A 25 -9.84 7.96 0.15
CA SER A 25 -10.77 9.00 -0.26
C SER A 25 -11.36 8.68 -1.63
N ASN A 26 -12.12 9.63 -2.17
CA ASN A 26 -12.75 9.47 -3.47
C ASN A 26 -11.71 9.31 -4.57
N PHE A 27 -10.55 9.92 -4.38
CA PHE A 27 -9.47 9.85 -5.36
C PHE A 27 -8.53 8.69 -5.06
N ARG A 28 -8.30 8.44 -3.77
CA ARG A 28 -7.41 7.36 -3.35
C ARG A 28 -7.82 6.04 -3.99
N ALA A 29 -8.98 5.53 -3.61
CA ALA A 29 -9.48 4.27 -4.15
C ALA A 29 -9.65 4.35 -5.66
N LYS A 30 -9.75 5.56 -6.19
CA LYS A 30 -9.92 5.76 -7.63
C LYS A 30 -8.76 5.14 -8.42
N THR A 31 -7.54 5.52 -8.05
CA THR A 31 -6.34 5.01 -8.73
C THR A 31 -5.65 3.94 -7.90
N THR A 32 -5.63 4.14 -6.59
CA THR A 32 -4.98 3.20 -5.67
C THR A 32 -5.72 1.86 -5.67
N PRO A 33 -5.08 0.79 -6.19
CA PRO A 33 -5.69 -0.54 -6.23
C PRO A 33 -5.64 -1.25 -4.88
N GLU A 34 -5.04 -0.60 -3.89
CA GLU A 34 -4.93 -1.17 -2.55
C GLU A 34 -6.09 -0.73 -1.67
N CYS A 35 -7.26 -0.57 -2.27
CA CYS A 35 -8.45 -0.16 -1.54
C CYS A 35 -9.64 -1.05 -1.86
N GLY A 36 -9.38 -2.17 -2.54
CA GLY A 36 -10.44 -3.09 -2.90
C GLY A 36 -10.81 -4.05 -1.78
N PRO A 37 -9.81 -4.70 -1.15
CA PRO A 37 -10.06 -5.65 -0.07
C PRO A 37 -10.38 -4.96 1.26
N THR A 38 -9.34 -4.53 1.98
CA THR A 38 -9.53 -3.87 3.26
C THR A 38 -10.03 -2.44 3.07
N GLY A 39 -9.66 -1.84 1.94
CA GLY A 39 -10.05 -0.47 1.68
C GLY A 39 -9.14 0.52 2.39
N TYR A 40 -8.18 -0.01 3.14
CA TYR A 40 -7.23 0.79 3.89
C TYR A 40 -5.83 0.66 3.28
N VAL A 41 -5.16 1.78 3.06
CA VAL A 41 -3.82 1.75 2.47
C VAL A 41 -2.77 2.34 3.42
N GLU A 42 -1.70 1.59 3.63
CA GLU A 42 -0.60 2.00 4.50
C GLU A 42 0.58 2.52 3.70
N LYS A 43 1.59 3.02 4.41
CA LYS A 43 2.79 3.55 3.78
C LYS A 43 4.00 2.71 4.15
N ILE A 44 4.29 1.69 3.35
CA ILE A 44 5.42 0.81 3.60
C ILE A 44 6.67 1.28 2.88
N THR A 45 7.79 1.30 3.59
CA THR A 45 9.06 1.74 3.01
C THR A 45 9.96 0.55 2.73
N CYS A 46 10.51 0.49 1.52
CA CYS A 46 11.38 -0.61 1.12
C CYS A 46 12.83 -0.31 1.49
N SER A 47 13.38 -1.07 2.43
CA SER A 47 14.75 -0.89 2.87
C SER A 47 15.70 -0.82 1.68
N SER A 48 15.68 -1.86 0.85
CA SER A 48 16.53 -1.91 -0.32
C SER A 48 15.96 -1.01 -1.41
N SER A 49 16.56 0.18 -1.53
CA SER A 49 16.15 1.20 -2.50
C SER A 49 15.46 2.38 -1.80
N LYS A 50 15.06 2.16 -0.54
CA LYS A 50 14.38 3.20 0.22
C LYS A 50 13.24 3.79 -0.59
N ARG A 51 12.16 3.04 -0.71
CA ARG A 51 11.00 3.49 -1.47
C ARG A 51 9.71 3.24 -0.70
N ASN A 52 8.94 4.31 -0.51
CA ASN A 52 7.68 4.22 0.21
C ASN A 52 6.52 3.97 -0.76
N GLU A 53 6.01 2.74 -0.75
CA GLU A 53 4.90 2.37 -1.62
C GLU A 53 3.58 2.40 -0.88
N PHE A 54 2.49 2.38 -1.62
CA PHE A 54 1.16 2.38 -1.03
C PHE A 54 0.56 0.98 -1.00
N LYS A 55 0.70 0.32 0.14
CA LYS A 55 0.18 -1.03 0.32
C LYS A 55 -1.15 -1.02 1.06
N SER A 56 -1.75 -2.18 1.22
CA SER A 56 -3.02 -2.31 1.92
C SER A 56 -2.89 -3.22 3.13
N CYS A 57 -3.48 -2.82 4.25
CA CYS A 57 -3.41 -3.62 5.47
C CYS A 57 -4.78 -3.76 6.12
N ARG A 58 -4.85 -4.56 7.19
CA ARG A 58 -6.11 -4.76 7.89
C ARG A 58 -6.22 -3.80 9.07
N SER A 59 -7.28 -3.01 9.08
CA SER A 59 -7.50 -2.04 10.15
C SER A 59 -8.18 -2.70 11.35
N ALA A 60 -8.93 -3.77 11.09
CA ALA A 60 -9.64 -4.49 12.15
C ALA A 60 -8.67 -5.03 13.20
N LEU A 61 -7.40 -5.15 12.82
CA LEU A 61 -6.37 -5.65 13.73
C LEU A 61 -5.40 -4.55 14.12
N MET A 62 -5.19 -3.59 13.22
CA MET A 62 -4.29 -2.48 13.48
C MET A 62 -4.84 -1.57 14.57
N GLU A 63 -6.03 -1.04 14.34
CA GLU A 63 -6.67 -0.14 15.30
C GLU A 63 -8.19 -0.23 15.20
N GLN A 64 -8.77 -1.15 15.98
CA GLN A 64 -10.22 -1.34 15.99
C GLN A 64 -10.76 -1.34 17.41
N ARG A 65 -10.93 -0.16 17.98
CA ARG A 65 -11.44 -0.02 19.33
C ARG A 65 -10.53 -0.72 20.33
N GLY A 1 2.11 -5.89 -27.39
CA GLY A 1 3.54 -6.23 -27.61
C GLY A 1 4.42 -5.87 -26.42
N SER A 2 5.70 -5.65 -26.69
CA SER A 2 6.64 -5.30 -25.63
C SER A 2 6.72 -6.40 -24.57
N GLY A 3 7.53 -6.16 -23.55
CA GLY A 3 7.68 -7.15 -22.49
C GLY A 3 8.09 -6.52 -21.17
N MET A 4 7.21 -5.71 -20.61
CA MET A 4 7.49 -5.05 -19.34
C MET A 4 6.32 -5.21 -18.37
N LYS A 5 6.63 -5.31 -17.08
CA LYS A 5 5.61 -5.47 -16.06
C LYS A 5 5.85 -4.52 -14.89
N GLU A 6 4.84 -3.71 -14.56
CA GLU A 6 4.94 -2.76 -13.48
C GLU A 6 4.78 -3.45 -12.13
N PHE A 7 5.79 -3.35 -11.29
CA PHE A 7 5.76 -3.97 -9.96
C PHE A 7 6.28 -3.00 -8.90
N PRO A 8 6.06 -3.33 -7.61
CA PRO A 8 6.50 -2.51 -6.50
C PRO A 8 7.90 -2.86 -6.03
N CYS A 9 8.28 -2.36 -4.86
CA CYS A 9 9.59 -2.65 -4.31
C CYS A 9 9.50 -3.69 -3.20
N TRP A 10 8.43 -3.62 -2.42
CA TRP A 10 8.22 -4.56 -1.32
C TRP A 10 8.11 -5.99 -1.83
N LEU A 11 7.88 -6.14 -3.13
CA LEU A 11 7.76 -7.46 -3.73
C LEU A 11 9.13 -8.04 -4.08
N VAL A 12 10.19 -7.35 -3.66
CA VAL A 12 11.56 -7.80 -3.92
C VAL A 12 12.55 -7.12 -2.97
N GLU A 13 12.07 -6.81 -1.76
CA GLU A 13 12.91 -6.15 -0.76
C GLU A 13 12.29 -6.28 0.63
N GLU A 14 12.91 -5.64 1.61
CA GLU A 14 12.42 -5.66 2.98
C GLU A 14 11.54 -4.45 3.26
N PHE A 15 10.24 -4.63 3.19
CA PHE A 15 9.31 -3.52 3.42
C PHE A 15 8.86 -3.49 4.88
N VAL A 16 8.79 -2.28 5.43
CA VAL A 16 8.37 -2.10 6.82
C VAL A 16 7.21 -1.12 6.91
N VAL A 17 6.11 -1.56 7.52
CA VAL A 17 4.93 -0.72 7.66
C VAL A 17 5.25 0.50 8.52
N ALA A 18 5.61 1.61 7.87
CA ALA A 18 5.92 2.84 8.58
C ALA A 18 4.65 3.61 8.93
N GLU A 19 3.61 3.41 8.12
CA GLU A 19 2.34 4.08 8.34
C GLU A 19 1.18 3.11 8.15
N GLU A 20 0.48 2.81 9.23
CA GLU A 20 -0.67 1.90 9.18
C GLU A 20 -1.60 2.28 8.04
N CYS A 21 -2.28 1.30 7.46
CA CYS A 21 -3.18 1.55 6.36
C CYS A 21 -4.46 2.23 6.83
N SER A 22 -4.96 3.16 6.02
CA SER A 22 -6.17 3.90 6.35
C SER A 22 -7.10 3.99 5.15
N PRO A 23 -8.38 4.35 5.38
CA PRO A 23 -9.38 4.48 4.31
C PRO A 23 -8.85 5.26 3.10
N CYS A 24 -9.49 5.04 1.95
CA CYS A 24 -9.10 5.71 0.72
C CYS A 24 -10.14 6.76 0.32
N SER A 25 -9.71 8.01 0.24
CA SER A 25 -10.59 9.11 -0.12
C SER A 25 -11.22 8.86 -1.50
N ASN A 26 -11.95 9.85 -2.00
CA ASN A 26 -12.61 9.74 -3.30
C ASN A 26 -11.59 9.53 -4.41
N PHE A 27 -10.41 10.14 -4.24
CA PHE A 27 -9.35 10.02 -5.23
C PHE A 27 -8.46 8.81 -4.93
N ARG A 28 -8.31 8.50 -3.65
CA ARG A 28 -7.49 7.37 -3.23
C ARG A 28 -8.15 6.05 -3.60
N ALA A 29 -9.44 5.95 -3.36
CA ALA A 29 -10.19 4.73 -3.68
C ALA A 29 -10.11 4.40 -5.16
N LYS A 30 -9.98 5.42 -5.99
CA LYS A 30 -9.89 5.25 -7.43
C LYS A 30 -8.44 5.11 -7.89
N THR A 31 -7.63 6.10 -7.56
CA THR A 31 -6.22 6.08 -7.93
C THR A 31 -5.50 4.87 -7.35
N THR A 32 -5.54 4.74 -6.03
CA THR A 32 -4.89 3.62 -5.35
C THR A 32 -5.72 2.35 -5.48
N PRO A 33 -5.24 1.35 -6.22
CA PRO A 33 -5.95 0.08 -6.40
C PRO A 33 -5.92 -0.80 -5.15
N GLU A 34 -5.20 -0.36 -4.13
CA GLU A 34 -5.10 -1.10 -2.88
C GLU A 34 -6.21 -0.70 -1.91
N CYS A 35 -7.40 -0.50 -2.45
CA CYS A 35 -8.55 -0.11 -1.64
C CYS A 35 -9.77 -0.99 -1.95
N GLY A 36 -9.56 -2.04 -2.74
CA GLY A 36 -10.63 -2.94 -3.09
C GLY A 36 -11.02 -3.88 -1.96
N PRO A 37 -10.05 -4.58 -1.36
CA PRO A 37 -10.31 -5.52 -0.27
C PRO A 37 -10.57 -4.82 1.07
N THR A 38 -9.52 -4.55 1.83
CA THR A 38 -9.65 -3.88 3.12
C THR A 38 -10.13 -2.44 2.96
N GLY A 39 -9.76 -1.83 1.85
CA GLY A 39 -10.14 -0.44 1.61
C GLY A 39 -9.21 0.52 2.32
N TYR A 40 -8.23 -0.05 3.05
CA TYR A 40 -7.26 0.75 3.79
C TYR A 40 -5.89 0.60 3.14
N VAL A 41 -5.18 1.72 2.97
CA VAL A 41 -3.85 1.68 2.36
C VAL A 41 -2.78 2.21 3.30
N GLU A 42 -1.74 1.41 3.50
CA GLU A 42 -0.61 1.76 4.37
C GLU A 42 0.57 2.28 3.57
N LYS A 43 1.56 2.83 4.28
CA LYS A 43 2.77 3.35 3.65
C LYS A 43 4.00 2.56 4.08
N ILE A 44 4.36 1.56 3.29
CA ILE A 44 5.52 0.72 3.59
C ILE A 44 6.75 1.19 2.85
N THR A 45 7.85 1.36 3.58
CA THR A 45 9.11 1.81 2.99
C THR A 45 9.97 0.62 2.58
N CYS A 46 10.71 0.77 1.49
CA CYS A 46 11.58 -0.29 0.99
C CYS A 46 13.04 0.06 1.16
N SER A 47 13.78 -0.79 1.87
CA SER A 47 15.20 -0.57 2.07
C SER A 47 15.91 -0.55 0.73
N SER A 48 15.29 -1.16 -0.28
CA SER A 48 15.84 -1.21 -1.62
C SER A 48 15.52 0.08 -2.37
N SER A 49 16.50 0.95 -2.45
CA SER A 49 16.36 2.24 -3.14
C SER A 49 15.50 3.21 -2.33
N LYS A 50 15.25 2.88 -1.06
CA LYS A 50 14.44 3.73 -0.19
C LYS A 50 13.20 4.20 -0.93
N ARG A 51 12.23 3.30 -1.10
CA ARG A 51 11.00 3.63 -1.79
C ARG A 51 9.78 3.24 -0.97
N ASN A 52 8.88 4.20 -0.78
CA ASN A 52 7.66 3.98 -0.02
C ASN A 52 6.50 3.68 -0.97
N GLU A 53 5.97 2.47 -0.88
CA GLU A 53 4.86 2.07 -1.74
C GLU A 53 3.53 2.16 -0.99
N PHE A 54 2.44 2.16 -1.75
CA PHE A 54 1.11 2.24 -1.16
C PHE A 54 0.41 0.89 -1.23
N LYS A 55 0.48 0.14 -0.13
CA LYS A 55 -0.15 -1.17 -0.06
C LYS A 55 -1.42 -1.12 0.79
N SER A 56 -2.11 -2.25 0.89
CA SER A 56 -3.34 -2.32 1.67
C SER A 56 -3.19 -3.30 2.82
N CYS A 57 -3.68 -2.92 4.00
CA CYS A 57 -3.58 -3.79 5.17
C CYS A 57 -4.94 -3.92 5.85
N ARG A 58 -5.01 -4.79 6.86
CA ARG A 58 -6.25 -5.00 7.59
C ARG A 58 -6.33 -4.05 8.79
N SER A 59 -7.40 -3.25 8.83
CA SER A 59 -7.58 -2.31 9.92
C SER A 59 -8.33 -2.95 11.09
N ALA A 60 -9.08 -4.01 10.80
CA ALA A 60 -9.84 -4.71 11.82
C ALA A 60 -8.94 -5.19 12.96
N LEU A 61 -7.65 -5.33 12.69
CA LEU A 61 -6.69 -5.78 13.69
C LEU A 61 -5.72 -4.66 14.05
N MET A 62 -5.46 -3.78 13.09
CA MET A 62 -4.55 -2.66 13.31
C MET A 62 -5.17 -1.61 14.23
N GLU A 63 -6.30 -1.06 13.80
CA GLU A 63 -7.00 -0.05 14.59
C GLU A 63 -8.51 -0.14 14.37
N GLN A 64 -9.18 -0.92 15.21
CA GLN A 64 -10.62 -1.10 15.11
C GLN A 64 -11.27 -1.10 16.49
N ARG A 65 -12.26 -0.24 16.67
CA ARG A 65 -12.96 -0.15 17.95
C ARG A 65 -14.35 -0.75 17.85
N GLY A 1 8.96 -5.91 -29.91
CA GLY A 1 8.11 -4.90 -29.22
C GLY A 1 8.78 -4.32 -28.00
N SER A 2 7.99 -3.76 -27.09
CA SER A 2 8.52 -3.15 -25.87
C SER A 2 7.74 -3.63 -24.65
N GLY A 3 8.36 -4.51 -23.87
CA GLY A 3 7.72 -5.03 -22.68
C GLY A 3 7.99 -4.19 -21.45
N MET A 4 6.94 -3.65 -20.85
CA MET A 4 7.08 -2.83 -19.65
C MET A 4 6.06 -3.22 -18.60
N LYS A 5 6.53 -3.80 -17.50
CA LYS A 5 5.66 -4.23 -16.41
C LYS A 5 5.84 -3.34 -15.19
N GLU A 6 4.75 -2.76 -14.71
CA GLU A 6 4.79 -1.89 -13.55
C GLU A 6 4.61 -2.69 -12.26
N PHE A 7 5.62 -2.66 -11.40
CA PHE A 7 5.57 -3.38 -10.14
C PHE A 7 6.08 -2.51 -8.99
N PRO A 8 5.86 -2.94 -7.74
CA PRO A 8 6.28 -2.21 -6.55
C PRO A 8 7.68 -2.60 -6.10
N CYS A 9 8.05 -2.19 -4.90
CA CYS A 9 9.36 -2.51 -4.36
C CYS A 9 9.24 -3.62 -3.31
N TRP A 10 8.17 -3.57 -2.52
CA TRP A 10 7.94 -4.57 -1.48
C TRP A 10 7.83 -5.98 -2.08
N LEU A 11 7.59 -6.04 -3.39
CA LEU A 11 7.47 -7.33 -4.07
C LEU A 11 8.84 -7.90 -4.43
N VAL A 12 9.90 -7.23 -3.97
CA VAL A 12 11.26 -7.67 -4.23
C VAL A 12 12.24 -7.05 -3.25
N GLU A 13 11.77 -6.81 -2.02
CA GLU A 13 12.60 -6.21 -0.99
C GLU A 13 11.96 -6.38 0.39
N GLU A 14 12.58 -5.79 1.40
CA GLU A 14 12.09 -5.86 2.77
C GLU A 14 11.29 -4.61 3.12
N PHE A 15 9.97 -4.70 3.05
CA PHE A 15 9.10 -3.57 3.35
C PHE A 15 8.65 -3.57 4.80
N VAL A 16 8.64 -2.40 5.41
CA VAL A 16 8.23 -2.25 6.80
C VAL A 16 7.12 -1.22 6.94
N VAL A 17 6.00 -1.62 7.54
CA VAL A 17 4.88 -0.73 7.72
C VAL A 17 5.24 0.44 8.62
N ALA A 18 5.66 1.55 8.01
CA ALA A 18 6.02 2.74 8.76
C ALA A 18 4.79 3.55 9.13
N GLU A 19 3.75 3.43 8.30
CA GLU A 19 2.50 4.13 8.53
C GLU A 19 1.32 3.20 8.30
N GLU A 20 0.55 2.94 9.35
CA GLU A 20 -0.61 2.05 9.26
C GLU A 20 -1.48 2.44 8.06
N CYS A 21 -2.32 1.50 7.63
CA CYS A 21 -3.19 1.75 6.48
C CYS A 21 -4.50 2.41 6.91
N SER A 22 -4.98 3.32 6.08
CA SER A 22 -6.22 4.04 6.36
C SER A 22 -7.13 4.09 5.14
N PRO A 23 -8.42 4.42 5.34
CA PRO A 23 -9.39 4.51 4.25
C PRO A 23 -8.85 5.26 3.03
N CYS A 24 -9.51 5.04 1.88
CA CYS A 24 -9.10 5.68 0.64
C CYS A 24 -10.18 6.67 0.17
N SER A 25 -9.79 7.95 0.08
CA SER A 25 -10.72 8.98 -0.36
C SER A 25 -11.30 8.66 -1.73
N ASN A 26 -12.08 9.60 -2.27
CA ASN A 26 -12.70 9.41 -3.57
C ASN A 26 -11.64 9.21 -4.65
N PHE A 27 -10.50 9.87 -4.48
CA PHE A 27 -9.41 9.77 -5.45
C PHE A 27 -8.47 8.62 -5.09
N ARG A 28 -8.33 8.36 -3.79
CA ARG A 28 -7.46 7.29 -3.31
C ARG A 28 -8.04 5.92 -3.67
N ALA A 29 -9.34 5.76 -3.45
CA ALA A 29 -10.01 4.51 -3.74
C ALA A 29 -9.89 4.15 -5.22
N LYS A 30 -9.80 5.16 -6.07
CA LYS A 30 -9.68 4.95 -7.51
C LYS A 30 -8.22 4.81 -7.93
N THR A 31 -7.42 5.84 -7.60
CA THR A 31 -6.01 5.84 -7.95
C THR A 31 -5.29 4.66 -7.30
N THR A 32 -5.33 4.59 -5.98
CA THR A 32 -4.69 3.51 -5.24
C THR A 32 -5.48 2.21 -5.36
N PRO A 33 -4.94 1.19 -6.05
CA PRO A 33 -5.62 -0.09 -6.21
C PRO A 33 -5.63 -0.93 -4.93
N GLU A 34 -4.96 -0.43 -3.89
CA GLU A 34 -4.90 -1.13 -2.62
C GLU A 34 -6.06 -0.73 -1.71
N CYS A 35 -7.24 -0.56 -2.30
CA CYS A 35 -8.43 -0.16 -1.55
C CYS A 35 -9.63 -1.02 -1.93
N GLY A 36 -9.37 -2.10 -2.68
CA GLY A 36 -10.45 -2.99 -3.09
C GLY A 36 -10.76 -4.08 -2.08
N PRO A 37 -9.74 -4.73 -1.52
CA PRO A 37 -9.94 -5.81 -0.54
C PRO A 37 -10.18 -5.28 0.88
N THR A 38 -9.34 -4.36 1.33
CA THR A 38 -9.46 -3.80 2.66
C THR A 38 -9.98 -2.37 2.61
N GLY A 39 -9.60 -1.65 1.57
CA GLY A 39 -10.02 -0.26 1.44
C GLY A 39 -9.12 0.66 2.25
N TYR A 40 -8.17 0.07 2.97
CA TYR A 40 -7.23 0.82 3.79
C TYR A 40 -5.82 0.67 3.23
N VAL A 41 -5.14 1.79 2.99
CA VAL A 41 -3.79 1.74 2.44
C VAL A 41 -2.76 2.32 3.41
N GLU A 42 -1.68 1.57 3.61
CA GLU A 42 -0.60 1.98 4.51
C GLU A 42 0.61 2.49 3.73
N LYS A 43 1.62 2.95 4.45
CA LYS A 43 2.84 3.47 3.84
C LYS A 43 4.04 2.62 4.22
N ILE A 44 4.37 1.64 3.38
CA ILE A 44 5.48 0.74 3.63
C ILE A 44 6.77 1.28 3.01
N THR A 45 7.86 1.19 3.77
CA THR A 45 9.16 1.66 3.29
C THR A 45 10.01 0.49 2.79
N CYS A 46 10.58 0.64 1.61
CA CYS A 46 11.40 -0.42 1.02
C CYS A 46 12.88 -0.12 1.18
N SER A 47 13.60 -1.03 1.82
CA SER A 47 15.04 -0.87 2.00
C SER A 47 15.74 -0.82 0.65
N SER A 48 15.06 -1.36 -0.37
CA SER A 48 15.60 -1.38 -1.72
C SER A 48 15.30 -0.07 -2.44
N SER A 49 16.31 0.78 -2.50
CA SER A 49 16.20 2.09 -3.15
C SER A 49 15.39 3.07 -2.29
N LYS A 50 15.13 2.70 -1.04
CA LYS A 50 14.36 3.56 -0.13
C LYS A 50 13.14 4.12 -0.84
N ARG A 51 12.15 3.26 -1.05
CA ARG A 51 10.93 3.68 -1.74
C ARG A 51 9.69 3.37 -0.90
N ASN A 52 8.89 4.40 -0.66
CA ASN A 52 7.66 4.25 0.12
C ASN A 52 6.48 4.00 -0.80
N GLU A 53 5.98 2.78 -0.80
CA GLU A 53 4.84 2.41 -1.65
C GLU A 53 3.55 2.41 -0.85
N PHE A 54 2.43 2.39 -1.57
CA PHE A 54 1.11 2.40 -0.93
C PHE A 54 0.53 0.99 -0.92
N LYS A 55 0.70 0.29 0.20
CA LYS A 55 0.19 -1.06 0.35
C LYS A 55 -1.16 -1.06 1.07
N SER A 56 -1.75 -2.23 1.21
CA SER A 56 -3.04 -2.36 1.89
C SER A 56 -2.92 -3.27 3.11
N CYS A 57 -3.50 -2.85 4.23
CA CYS A 57 -3.43 -3.66 5.45
C CYS A 57 -4.81 -3.78 6.08
N ARG A 58 -4.89 -4.57 7.14
CA ARG A 58 -6.15 -4.78 7.83
C ARG A 58 -6.29 -3.79 9.00
N SER A 59 -7.36 -3.02 8.97
CA SER A 59 -7.61 -2.03 10.02
C SER A 59 -8.40 -2.64 11.17
N ALA A 60 -9.22 -3.64 10.85
CA ALA A 60 -10.04 -4.31 11.86
C ALA A 60 -9.17 -4.98 12.91
N LEU A 61 -7.89 -5.21 12.59
CA LEU A 61 -6.98 -5.84 13.52
C LEU A 61 -5.93 -4.85 14.01
N MET A 62 -5.59 -3.88 13.17
CA MET A 62 -4.60 -2.88 13.52
C MET A 62 -5.10 -2.03 14.69
N GLU A 63 -6.34 -1.59 14.61
CA GLU A 63 -6.94 -0.77 15.66
C GLU A 63 -8.46 -0.91 15.67
N GLN A 64 -8.94 -1.88 16.45
CA GLN A 64 -10.38 -2.13 16.55
C GLN A 64 -10.76 -2.58 17.95
N ARG A 65 -11.49 -1.74 18.66
CA ARG A 65 -11.93 -2.06 20.02
C ARG A 65 -13.37 -2.54 20.03
N GLY A 1 0.27 -7.20 -17.94
CA GLY A 1 0.16 -8.58 -18.49
C GLY A 1 0.76 -8.72 -19.87
N SER A 2 0.34 -7.86 -20.79
CA SER A 2 0.84 -7.90 -22.16
C SER A 2 1.77 -6.71 -22.43
N GLY A 3 1.20 -5.52 -22.42
CA GLY A 3 2.00 -4.32 -22.65
C GLY A 3 2.95 -4.02 -21.51
N MET A 4 2.98 -2.77 -21.08
CA MET A 4 3.85 -2.35 -19.99
C MET A 4 3.53 -3.11 -18.72
N LYS A 5 4.55 -3.35 -17.91
CA LYS A 5 4.38 -4.08 -16.66
C LYS A 5 5.09 -3.36 -15.50
N GLU A 6 4.32 -2.63 -14.72
CA GLU A 6 4.87 -1.89 -13.58
C GLU A 6 4.66 -2.66 -12.28
N PHE A 7 5.66 -2.63 -11.42
CA PHE A 7 5.58 -3.33 -10.13
C PHE A 7 6.10 -2.44 -9.00
N PRO A 8 5.83 -2.84 -7.74
CA PRO A 8 6.27 -2.10 -6.56
C PRO A 8 7.68 -2.47 -6.14
N CYS A 9 8.06 -2.06 -4.94
CA CYS A 9 9.38 -2.36 -4.41
C CYS A 9 9.31 -3.47 -3.37
N TRP A 10 8.16 -3.57 -2.68
CA TRP A 10 7.97 -4.58 -1.65
C TRP A 10 7.88 -5.97 -2.26
N LEU A 11 7.48 -6.04 -3.53
CA LEU A 11 7.36 -7.31 -4.23
C LEU A 11 8.74 -7.87 -4.59
N VAL A 12 9.75 -7.01 -4.59
CA VAL A 12 11.10 -7.42 -4.92
C VAL A 12 12.11 -6.99 -3.84
N GLU A 13 11.62 -6.34 -2.78
CA GLU A 13 12.47 -5.88 -1.70
C GLU A 13 11.78 -6.07 -0.35
N GLU A 14 12.50 -5.73 0.72
CA GLU A 14 11.96 -5.85 2.07
C GLU A 14 11.34 -4.53 2.49
N PHE A 15 10.05 -4.56 2.83
CA PHE A 15 9.34 -3.36 3.24
C PHE A 15 9.07 -3.35 4.73
N VAL A 16 8.83 -2.16 5.26
CA VAL A 16 8.54 -1.99 6.68
C VAL A 16 7.39 -1.02 6.89
N VAL A 17 6.33 -1.50 7.53
CA VAL A 17 5.16 -0.67 7.78
C VAL A 17 5.52 0.57 8.59
N ALA A 18 5.80 1.66 7.90
CA ALA A 18 6.15 2.92 8.56
C ALA A 18 4.90 3.71 8.92
N GLU A 19 3.84 3.50 8.14
CA GLU A 19 2.58 4.18 8.38
C GLU A 19 1.41 3.22 8.16
N GLU A 20 0.68 2.92 9.24
CA GLU A 20 -0.46 2.02 9.15
C GLU A 20 -1.36 2.42 7.99
N CYS A 21 -2.21 1.49 7.55
CA CYS A 21 -3.11 1.76 6.44
C CYS A 21 -4.37 2.46 6.90
N SER A 22 -4.85 3.40 6.08
CA SER A 22 -6.05 4.15 6.39
C SER A 22 -6.99 4.23 5.20
N PRO A 23 -8.27 4.58 5.44
CA PRO A 23 -9.29 4.68 4.40
C PRO A 23 -8.79 5.39 3.14
N CYS A 24 -9.44 5.12 2.02
CA CYS A 24 -9.07 5.72 0.74
C CYS A 24 -10.16 6.70 0.28
N SER A 25 -9.78 7.97 0.15
CA SER A 25 -10.71 9.01 -0.28
C SER A 25 -11.36 8.62 -1.61
N ASN A 26 -12.17 9.54 -2.14
CA ASN A 26 -12.85 9.31 -3.41
C ASN A 26 -11.85 9.02 -4.53
N PHE A 27 -10.81 9.83 -4.61
CA PHE A 27 -9.77 9.67 -5.62
C PHE A 27 -8.70 8.69 -5.16
N ARG A 28 -8.53 8.59 -3.84
CA ARG A 28 -7.54 7.69 -3.26
C ARG A 28 -7.75 6.25 -3.74
N ALA A 29 -8.95 5.73 -3.52
CA ALA A 29 -9.28 4.38 -3.92
C ALA A 29 -9.56 4.29 -5.42
N LYS A 30 -10.02 5.39 -6.00
CA LYS A 30 -10.32 5.43 -7.43
C LYS A 30 -9.08 5.12 -8.26
N THR A 31 -7.91 5.46 -7.73
CA THR A 31 -6.66 5.22 -8.42
C THR A 31 -5.87 4.11 -7.74
N THR A 32 -6.05 3.96 -6.44
CA THR A 32 -5.34 2.93 -5.67
C THR A 32 -6.16 1.65 -5.59
N PRO A 33 -5.77 0.61 -6.36
CA PRO A 33 -6.49 -0.68 -6.36
C PRO A 33 -6.33 -1.43 -5.04
N GLU A 34 -5.42 -0.96 -4.19
CA GLU A 34 -5.16 -1.59 -2.91
C GLU A 34 -6.32 -1.33 -1.93
N CYS A 35 -7.24 -0.46 -2.31
CA CYS A 35 -8.39 -0.13 -1.48
C CYS A 35 -9.61 -0.98 -1.85
N GLY A 36 -9.34 -2.20 -2.33
CA GLY A 36 -10.42 -3.08 -2.71
C GLY A 36 -10.83 -4.07 -1.64
N PRO A 37 -9.87 -4.77 -1.00
CA PRO A 37 -10.16 -5.75 0.04
C PRO A 37 -10.37 -5.12 1.41
N THR A 38 -9.46 -4.23 1.79
CA THR A 38 -9.55 -3.57 3.09
C THR A 38 -10.02 -2.12 2.92
N GLY A 39 -9.61 -1.50 1.83
CA GLY A 39 -9.97 -0.12 1.58
C GLY A 39 -9.00 0.84 2.26
N TYR A 40 -8.18 0.30 3.15
CA TYR A 40 -7.19 1.09 3.88
C TYR A 40 -5.81 0.89 3.26
N VAL A 41 -5.10 1.98 3.01
CA VAL A 41 -3.76 1.90 2.42
C VAL A 41 -2.69 2.43 3.37
N GLU A 42 -1.63 1.64 3.56
CA GLU A 42 -0.52 2.02 4.43
C GLU A 42 0.68 2.50 3.62
N LYS A 43 1.68 3.01 4.33
CA LYS A 43 2.90 3.50 3.69
C LYS A 43 4.11 2.68 4.12
N ILE A 44 4.45 1.68 3.32
CA ILE A 44 5.59 0.81 3.61
C ILE A 44 6.83 1.24 2.83
N THR A 45 7.95 1.30 3.51
CA THR A 45 9.22 1.69 2.88
C THR A 45 10.12 0.48 2.67
N CYS A 46 10.74 0.42 1.50
CA CYS A 46 11.63 -0.70 1.18
C CYS A 46 13.07 -0.38 1.57
N SER A 47 13.62 -1.20 2.48
CA SER A 47 14.99 -1.01 2.94
C SER A 47 15.93 -0.88 1.75
N SER A 48 15.54 -1.50 0.63
CA SER A 48 16.34 -1.45 -0.58
C SER A 48 15.98 -0.22 -1.39
N SER A 49 16.84 0.79 -1.32
CA SER A 49 16.65 2.06 -2.02
C SER A 49 15.66 2.96 -1.29
N LYS A 50 15.29 2.58 -0.07
CA LYS A 50 14.34 3.36 0.73
C LYS A 50 13.20 3.85 -0.15
N ARG A 51 12.31 2.95 -0.51
CA ARG A 51 11.18 3.29 -1.37
C ARG A 51 9.85 3.08 -0.65
N ASN A 52 9.10 4.15 -0.51
CA ASN A 52 7.80 4.10 0.16
C ASN A 52 6.68 3.81 -0.84
N GLU A 53 6.14 2.60 -0.76
CA GLU A 53 5.07 2.19 -1.65
C GLU A 53 3.71 2.31 -0.96
N PHE A 54 2.65 2.29 -1.75
CA PHE A 54 1.29 2.40 -1.21
C PHE A 54 0.61 1.04 -1.23
N LYS A 55 0.64 0.36 -0.09
CA LYS A 55 0.03 -0.96 0.04
C LYS A 55 -1.25 -0.88 0.88
N SER A 56 -1.92 -2.01 1.03
CA SER A 56 -3.16 -2.07 1.81
C SER A 56 -3.01 -3.04 2.96
N CYS A 57 -3.53 -2.67 4.13
CA CYS A 57 -3.46 -3.54 5.30
C CYS A 57 -4.85 -3.78 5.90
N ARG A 58 -4.97 -4.80 6.73
CA ARG A 58 -6.24 -5.12 7.35
C ARG A 58 -6.74 -3.96 8.20
N SER A 59 -8.05 -3.75 8.22
CA SER A 59 -8.66 -2.68 9.00
C SER A 59 -9.41 -3.23 10.19
N ALA A 60 -9.90 -4.46 10.08
CA ALA A 60 -10.64 -5.10 11.15
C ALA A 60 -9.84 -5.16 12.45
N LEU A 61 -8.51 -5.05 12.33
CA LEU A 61 -7.64 -5.09 13.49
C LEU A 61 -7.08 -3.71 13.79
N MET A 62 -6.95 -2.90 12.75
CA MET A 62 -6.42 -1.54 12.89
C MET A 62 -7.39 -0.68 13.70
N GLU A 63 -8.66 -0.73 13.32
CA GLU A 63 -9.69 0.05 14.00
C GLU A 63 -11.06 -0.60 13.83
N GLN A 64 -11.41 -1.48 14.75
CA GLN A 64 -12.69 -2.18 14.70
C GLN A 64 -13.21 -2.46 16.10
N ARG A 65 -14.52 -2.33 16.28
CA ARG A 65 -15.15 -2.59 17.57
C ARG A 65 -15.14 -4.08 17.91
N GLY A 1 -0.87 8.55 -19.08
CA GLY A 1 -0.12 7.27 -19.15
C GLY A 1 -1.00 6.07 -18.88
N SER A 2 -1.27 5.29 -19.92
CA SER A 2 -2.11 4.11 -19.78
C SER A 2 -1.65 3.01 -20.74
N GLY A 3 -1.17 1.91 -20.17
CA GLY A 3 -0.70 0.80 -20.98
C GLY A 3 0.62 0.23 -20.50
N MET A 4 1.42 1.07 -19.86
CA MET A 4 2.72 0.66 -19.35
C MET A 4 2.57 0.02 -17.97
N LYS A 5 2.81 -1.29 -17.90
CA LYS A 5 2.70 -2.02 -16.66
C LYS A 5 3.92 -1.76 -15.76
N GLU A 6 3.68 -1.69 -14.45
CA GLU A 6 4.76 -1.45 -13.50
C GLU A 6 4.48 -2.15 -12.17
N PHE A 7 5.54 -2.52 -11.47
CA PHE A 7 5.41 -3.21 -10.18
C PHE A 7 5.95 -2.33 -9.05
N PRO A 8 5.66 -2.70 -7.79
CA PRO A 8 6.12 -1.95 -6.63
C PRO A 8 7.50 -2.40 -6.16
N CYS A 9 7.88 -1.99 -4.95
CA CYS A 9 9.18 -2.36 -4.40
C CYS A 9 9.01 -3.41 -3.32
N TRP A 10 7.86 -3.40 -2.66
CA TRP A 10 7.59 -4.36 -1.59
C TRP A 10 7.41 -5.78 -2.16
N LEU A 11 7.14 -5.86 -3.46
CA LEU A 11 6.94 -7.14 -4.12
C LEU A 11 8.29 -7.80 -4.44
N VAL A 12 9.36 -7.01 -4.43
CA VAL A 12 10.69 -7.52 -4.73
C VAL A 12 11.70 -7.08 -3.68
N GLU A 13 11.25 -6.39 -2.65
CA GLU A 13 12.14 -5.92 -1.59
C GLU A 13 11.48 -6.05 -0.21
N GLU A 14 12.27 -5.90 0.83
CA GLU A 14 11.76 -5.99 2.19
C GLU A 14 11.12 -4.67 2.62
N PHE A 15 9.80 -4.67 2.70
CA PHE A 15 9.07 -3.46 3.08
C PHE A 15 8.81 -3.42 4.58
N VAL A 16 8.85 -2.23 5.15
CA VAL A 16 8.61 -2.05 6.58
C VAL A 16 7.47 -1.07 6.82
N VAL A 17 6.39 -1.57 7.44
CA VAL A 17 5.22 -0.74 7.72
C VAL A 17 5.60 0.45 8.60
N ALA A 18 5.89 1.57 7.98
CA ALA A 18 6.25 2.79 8.70
C ALA A 18 5.00 3.58 9.08
N GLU A 19 3.96 3.42 8.27
CA GLU A 19 2.70 4.12 8.50
C GLU A 19 1.52 3.18 8.25
N GLU A 20 0.73 2.93 9.29
CA GLU A 20 -0.43 2.05 9.16
C GLU A 20 -1.27 2.44 7.96
N CYS A 21 -2.23 1.59 7.61
CA CYS A 21 -3.09 1.86 6.47
C CYS A 21 -4.39 2.53 6.89
N SER A 22 -4.89 3.43 6.05
CA SER A 22 -6.12 4.15 6.33
C SER A 22 -7.05 4.18 5.12
N PRO A 23 -8.33 4.51 5.34
CA PRO A 23 -9.33 4.57 4.26
C PRO A 23 -8.83 5.30 3.02
N CYS A 24 -9.46 5.01 1.89
CA CYS A 24 -9.10 5.64 0.62
C CYS A 24 -10.21 6.57 0.14
N SER A 25 -9.92 7.86 0.11
CA SER A 25 -10.88 8.86 -0.33
C SER A 25 -11.40 8.55 -1.73
N ASN A 26 -12.09 9.51 -2.33
CA ASN A 26 -12.64 9.33 -3.68
C ASN A 26 -11.53 9.01 -4.68
N PHE A 27 -10.53 9.87 -4.76
CA PHE A 27 -9.42 9.67 -5.68
C PHE A 27 -8.60 8.44 -5.30
N ARG A 28 -8.40 8.24 -4.01
CA ARG A 28 -7.64 7.09 -3.52
C ARG A 28 -8.30 5.78 -3.93
N ALA A 29 -9.57 5.62 -3.57
CA ALA A 29 -10.30 4.40 -3.89
C ALA A 29 -10.32 4.14 -5.39
N LYS A 30 -10.10 5.19 -6.18
CA LYS A 30 -10.10 5.07 -7.64
C LYS A 30 -8.70 4.72 -8.16
N THR A 31 -7.76 5.63 -7.95
CA THR A 31 -6.39 5.43 -8.41
C THR A 31 -5.70 4.32 -7.63
N THR A 32 -5.72 4.42 -6.31
CA THR A 32 -5.10 3.43 -5.45
C THR A 32 -5.79 2.08 -5.55
N PRO A 33 -5.13 1.09 -6.19
CA PRO A 33 -5.69 -0.25 -6.35
C PRO A 33 -5.70 -1.04 -5.04
N GLU A 34 -4.90 -0.58 -4.09
CA GLU A 34 -4.81 -1.24 -2.78
C GLU A 34 -5.93 -0.76 -1.85
N CYS A 35 -7.16 -0.73 -2.36
CA CYS A 35 -8.30 -0.31 -1.59
C CYS A 35 -9.53 -1.17 -1.90
N GLY A 36 -9.28 -2.36 -2.46
CA GLY A 36 -10.37 -3.25 -2.81
C GLY A 36 -10.71 -4.26 -1.73
N PRO A 37 -9.71 -4.90 -1.11
CA PRO A 37 -9.94 -5.90 -0.06
C PRO A 37 -10.18 -5.29 1.31
N THR A 38 -9.30 -4.39 1.72
CA THR A 38 -9.43 -3.74 3.02
C THR A 38 -9.93 -2.30 2.88
N GLY A 39 -9.55 -1.66 1.78
CA GLY A 39 -9.95 -0.28 1.57
C GLY A 39 -9.04 0.68 2.31
N TYR A 40 -8.08 0.14 3.04
CA TYR A 40 -7.13 0.93 3.81
C TYR A 40 -5.73 0.79 3.21
N VAL A 41 -5.04 1.91 3.03
CA VAL A 41 -3.70 1.87 2.45
C VAL A 41 -2.65 2.44 3.41
N GLU A 42 -1.59 1.66 3.61
CA GLU A 42 -0.49 2.05 4.50
C GLU A 42 0.71 2.56 3.71
N LYS A 43 1.73 3.00 4.42
CA LYS A 43 2.95 3.51 3.80
C LYS A 43 4.15 2.65 4.20
N ILE A 44 4.48 1.68 3.37
CA ILE A 44 5.60 0.80 3.65
C ILE A 44 6.85 1.20 2.86
N THR A 45 8.00 1.24 3.54
CA THR A 45 9.25 1.61 2.91
C THR A 45 10.11 0.38 2.63
N CYS A 46 10.79 0.38 1.48
CA CYS A 46 11.64 -0.73 1.10
C CYS A 46 13.10 -0.46 1.43
N SER A 47 13.69 -1.34 2.24
CA SER A 47 15.09 -1.21 2.63
C SER A 47 15.95 -0.97 1.40
N SER A 48 15.51 -1.49 0.26
CA SER A 48 16.23 -1.34 -0.98
C SER A 48 15.88 -0.02 -1.65
N SER A 49 16.77 0.95 -1.51
CA SER A 49 16.59 2.28 -2.07
C SER A 49 15.60 3.11 -1.26
N LYS A 50 15.26 2.61 -0.06
CA LYS A 50 14.30 3.31 0.81
C LYS A 50 13.15 3.86 -0.02
N ARG A 51 12.28 2.95 -0.47
CA ARG A 51 11.15 3.34 -1.30
C ARG A 51 9.83 3.11 -0.58
N ASN A 52 9.09 4.20 -0.37
CA ASN A 52 7.82 4.15 0.31
C ASN A 52 6.68 3.92 -0.68
N GLU A 53 6.14 2.70 -0.69
CA GLU A 53 5.05 2.37 -1.59
C GLU A 53 3.71 2.42 -0.88
N PHE A 54 2.63 2.43 -1.65
CA PHE A 54 1.28 2.48 -1.09
C PHE A 54 0.65 1.09 -1.09
N LYS A 55 0.74 0.43 0.05
CA LYS A 55 0.18 -0.92 0.20
C LYS A 55 -1.14 -0.87 0.98
N SER A 56 -1.77 -2.03 1.12
CA SER A 56 -3.04 -2.13 1.84
C SER A 56 -2.90 -3.07 3.04
N CYS A 57 -3.47 -2.68 4.17
CA CYS A 57 -3.41 -3.52 5.37
C CYS A 57 -4.78 -3.64 6.02
N ARG A 58 -4.88 -4.48 7.04
CA ARG A 58 -6.14 -4.69 7.74
C ARG A 58 -6.25 -3.75 8.95
N SER A 59 -7.30 -2.94 8.96
CA SER A 59 -7.52 -2.00 10.05
C SER A 59 -8.16 -2.70 11.25
N ALA A 60 -8.91 -3.76 10.99
CA ALA A 60 -9.59 -4.50 12.04
C ALA A 60 -8.60 -5.07 13.04
N LEU A 61 -7.33 -5.17 12.65
CA LEU A 61 -6.29 -5.71 13.52
C LEU A 61 -5.33 -4.61 13.94
N MET A 62 -5.15 -3.60 13.07
CA MET A 62 -4.26 -2.49 13.36
C MET A 62 -4.80 -1.64 14.50
N GLU A 63 -5.98 -1.08 14.30
CA GLU A 63 -6.62 -0.25 15.32
C GLU A 63 -8.11 -0.52 15.40
N GLN A 64 -8.49 -1.47 16.26
CA GLN A 64 -9.89 -1.83 16.42
C GLN A 64 -10.24 -1.98 17.90
N ARG A 65 -10.47 -0.86 18.56
CA ARG A 65 -10.82 -0.86 19.98
C ARG A 65 -12.27 -1.24 20.18
N GLY A 1 1.23 -3.97 -27.95
CA GLY A 1 1.34 -5.29 -27.27
C GLY A 1 1.93 -5.18 -25.87
N SER A 2 1.12 -4.72 -24.93
CA SER A 2 1.57 -4.56 -23.54
C SER A 2 2.74 -3.59 -23.46
N GLY A 3 2.49 -2.41 -22.91
CA GLY A 3 3.53 -1.41 -22.77
C GLY A 3 4.70 -1.90 -21.94
N MET A 4 4.47 -2.05 -20.64
CA MET A 4 5.51 -2.52 -19.74
C MET A 4 4.92 -2.91 -18.38
N LYS A 5 5.27 -4.09 -17.90
CA LYS A 5 4.78 -4.57 -16.62
C LYS A 5 5.30 -3.71 -15.48
N GLU A 6 4.38 -3.14 -14.70
CA GLU A 6 4.74 -2.30 -13.57
C GLU A 6 4.54 -3.02 -12.25
N PHE A 7 5.55 -2.97 -11.39
CA PHE A 7 5.49 -3.63 -10.09
C PHE A 7 6.00 -2.71 -8.99
N PRO A 8 5.75 -3.08 -7.71
CA PRO A 8 6.19 -2.29 -6.57
C PRO A 8 7.60 -2.66 -6.12
N CYS A 9 7.98 -2.20 -4.94
CA CYS A 9 9.30 -2.49 -4.40
C CYS A 9 9.21 -3.54 -3.30
N TRP A 10 8.08 -3.58 -2.60
CA TRP A 10 7.87 -4.53 -1.51
C TRP A 10 7.77 -5.95 -2.05
N LEU A 11 7.39 -6.08 -3.32
CA LEU A 11 7.26 -7.38 -3.95
C LEU A 11 8.63 -7.99 -4.28
N VAL A 12 9.67 -7.15 -4.26
CA VAL A 12 11.02 -7.60 -4.55
C VAL A 12 12.02 -7.09 -3.52
N GLU A 13 11.53 -6.41 -2.49
CA GLU A 13 12.40 -5.88 -1.44
C GLU A 13 11.75 -6.02 -0.07
N GLU A 14 12.55 -5.86 0.98
CA GLU A 14 12.04 -5.96 2.35
C GLU A 14 11.26 -4.70 2.71
N PHE A 15 9.94 -4.83 2.77
CA PHE A 15 9.08 -3.69 3.09
C PHE A 15 8.76 -3.66 4.58
N VAL A 16 8.56 -2.45 5.11
CA VAL A 16 8.25 -2.27 6.50
C VAL A 16 7.15 -1.23 6.69
N VAL A 17 6.08 -1.63 7.38
CA VAL A 17 4.95 -0.72 7.61
C VAL A 17 5.39 0.50 8.41
N ALA A 18 5.74 1.56 7.70
CA ALA A 18 6.15 2.81 8.35
C ALA A 18 4.94 3.62 8.78
N GLU A 19 3.84 3.46 8.05
CA GLU A 19 2.61 4.16 8.35
C GLU A 19 1.40 3.23 8.16
N GLU A 20 0.65 3.00 9.23
CA GLU A 20 -0.52 2.12 9.17
C GLU A 20 -1.40 2.50 7.99
N CYS A 21 -2.25 1.57 7.56
CA CYS A 21 -3.13 1.81 6.43
C CYS A 21 -4.43 2.47 6.87
N SER A 22 -4.94 3.37 6.03
CA SER A 22 -6.18 4.08 6.33
C SER A 22 -7.10 4.12 5.11
N PRO A 23 -8.39 4.46 5.32
CA PRO A 23 -9.37 4.53 4.25
C PRO A 23 -8.87 5.30 3.03
N CYS A 24 -9.50 5.05 1.89
CA CYS A 24 -9.13 5.71 0.64
C CYS A 24 -10.22 6.68 0.19
N SER A 25 -9.85 7.94 0.02
CA SER A 25 -10.80 8.97 -0.41
C SER A 25 -11.40 8.62 -1.77
N ASN A 26 -12.22 9.52 -2.29
CA ASN A 26 -12.86 9.31 -3.59
C ASN A 26 -11.82 9.13 -4.69
N PHE A 27 -10.68 9.78 -4.52
CA PHE A 27 -9.59 9.70 -5.50
C PHE A 27 -8.55 8.66 -5.08
N ARG A 28 -8.39 8.49 -3.77
CA ARG A 28 -7.43 7.53 -3.24
C ARG A 28 -7.88 6.10 -3.53
N ALA A 29 -9.17 5.84 -3.37
CA ALA A 29 -9.72 4.52 -3.62
C ALA A 29 -9.83 4.23 -5.11
N LYS A 30 -10.04 5.29 -5.89
CA LYS A 30 -10.16 5.15 -7.34
C LYS A 30 -8.80 5.10 -8.02
N THR A 31 -7.82 5.75 -7.40
CA THR A 31 -6.46 5.79 -7.94
C THR A 31 -5.64 4.60 -7.45
N THR A 32 -5.59 4.43 -6.13
CA THR A 32 -4.83 3.34 -5.53
C THR A 32 -5.60 2.02 -5.62
N PRO A 33 -5.00 0.99 -6.25
CA PRO A 33 -5.65 -0.32 -6.40
C PRO A 33 -5.61 -1.14 -5.11
N GLU A 34 -4.96 -0.59 -4.09
CA GLU A 34 -4.85 -1.28 -2.79
C GLU A 34 -5.98 -0.87 -1.86
N CYS A 35 -7.15 -0.60 -2.43
CA CYS A 35 -8.32 -0.20 -1.66
C CYS A 35 -9.52 -1.09 -1.95
N GLY A 36 -9.29 -2.16 -2.71
CA GLY A 36 -10.36 -3.08 -3.06
C GLY A 36 -10.74 -4.01 -1.92
N PRO A 37 -9.76 -4.66 -1.28
CA PRO A 37 -10.02 -5.59 -0.18
C PRO A 37 -10.33 -4.87 1.15
N THR A 38 -9.29 -4.52 1.90
CA THR A 38 -9.47 -3.83 3.18
C THR A 38 -9.97 -2.41 2.98
N GLY A 39 -9.60 -1.81 1.86
CA GLY A 39 -9.99 -0.43 1.60
C GLY A 39 -9.10 0.56 2.31
N TYR A 40 -8.13 0.03 3.07
CA TYR A 40 -7.19 0.85 3.82
C TYR A 40 -5.80 0.71 3.21
N VAL A 41 -5.12 1.84 3.01
CA VAL A 41 -3.78 1.81 2.42
C VAL A 41 -2.73 2.38 3.36
N GLU A 42 -1.66 1.62 3.57
CA GLU A 42 -0.56 2.01 4.45
C GLU A 42 0.63 2.53 3.64
N LYS A 43 1.65 3.01 4.34
CA LYS A 43 2.84 3.53 3.70
C LYS A 43 4.06 2.69 4.06
N ILE A 44 4.32 1.66 3.28
CA ILE A 44 5.45 0.76 3.52
C ILE A 44 6.68 1.24 2.78
N THR A 45 7.85 1.11 3.42
CA THR A 45 9.11 1.53 2.81
C THR A 45 10.01 0.34 2.52
N CYS A 46 10.78 0.43 1.45
CA CYS A 46 11.69 -0.65 1.07
C CYS A 46 13.14 -0.30 1.39
N SER A 47 13.76 -1.13 2.23
CA SER A 47 15.15 -0.93 2.61
C SER A 47 16.02 -0.71 1.38
N SER A 48 15.60 -1.30 0.27
CA SER A 48 16.32 -1.17 -0.98
C SER A 48 15.89 0.09 -1.72
N SER A 49 16.73 1.11 -1.63
CA SER A 49 16.48 2.40 -2.27
C SER A 49 15.48 3.23 -1.48
N LYS A 50 15.17 2.78 -0.25
CA LYS A 50 14.21 3.49 0.60
C LYS A 50 13.03 3.99 -0.24
N ARG A 51 12.18 3.05 -0.64
CA ARG A 51 11.03 3.38 -1.46
C ARG A 51 9.72 3.17 -0.70
N ASN A 52 8.98 4.25 -0.53
CA ASN A 52 7.71 4.20 0.18
C ASN A 52 6.56 3.96 -0.80
N GLU A 53 6.04 2.73 -0.80
CA GLU A 53 4.95 2.36 -1.68
C GLU A 53 3.62 2.39 -0.94
N PHE A 54 2.52 2.39 -1.70
CA PHE A 54 1.19 2.42 -1.11
C PHE A 54 0.58 1.03 -1.08
N LYS A 55 0.69 0.36 0.05
CA LYS A 55 0.16 -0.99 0.20
C LYS A 55 -1.17 -0.95 0.96
N SER A 56 -1.80 -2.12 1.11
CA SER A 56 -3.07 -2.22 1.81
C SER A 56 -2.95 -3.15 3.01
N CYS A 57 -3.49 -2.75 4.15
CA CYS A 57 -3.43 -3.58 5.36
C CYS A 57 -4.80 -3.69 6.02
N ARG A 58 -4.89 -4.49 7.06
CA ARG A 58 -6.15 -4.67 7.78
C ARG A 58 -6.18 -3.79 9.03
N SER A 59 -7.20 -2.93 9.10
CA SER A 59 -7.34 -2.02 10.23
C SER A 59 -7.88 -2.76 11.45
N ALA A 60 -8.73 -3.75 11.21
CA ALA A 60 -9.32 -4.54 12.29
C ALA A 60 -8.28 -5.46 12.94
N LEU A 61 -7.11 -5.57 12.32
CA LEU A 61 -6.05 -6.42 12.85
C LEU A 61 -4.88 -5.57 13.36
N MET A 62 -4.67 -4.43 12.72
CA MET A 62 -3.59 -3.53 13.11
C MET A 62 -3.76 -3.07 14.55
N GLU A 63 -4.96 -2.62 14.89
CA GLU A 63 -5.26 -2.16 16.24
C GLU A 63 -6.74 -2.35 16.56
N GLN A 64 -7.07 -3.52 17.10
CA GLN A 64 -8.46 -3.83 17.46
C GLN A 64 -8.52 -4.75 18.68
N ARG A 65 -8.49 -4.14 19.86
CA ARG A 65 -8.55 -4.89 21.11
C ARG A 65 -7.36 -5.84 21.22
N GLY A 1 4.66 2.50 -26.00
CA GLY A 1 4.71 1.05 -25.70
C GLY A 1 3.33 0.47 -25.43
N SER A 2 3.11 -0.77 -25.87
CA SER A 2 1.83 -1.44 -25.67
C SER A 2 1.84 -2.23 -24.36
N GLY A 3 1.00 -1.79 -23.42
CA GLY A 3 0.92 -2.46 -22.14
C GLY A 3 2.23 -2.45 -21.38
N MET A 4 2.27 -1.71 -20.28
CA MET A 4 3.47 -1.60 -19.46
C MET A 4 3.12 -1.55 -17.98
N LYS A 5 3.47 -2.62 -17.26
CA LYS A 5 3.20 -2.68 -15.83
C LYS A 5 4.41 -2.24 -15.02
N GLU A 6 4.16 -1.56 -13.90
CA GLU A 6 5.23 -1.09 -13.04
C GLU A 6 5.10 -1.67 -11.63
N PHE A 7 5.66 -2.86 -11.44
CA PHE A 7 5.60 -3.54 -10.15
C PHE A 7 6.05 -2.61 -9.02
N PRO A 8 5.80 -3.00 -7.76
CA PRO A 8 6.17 -2.22 -6.59
C PRO A 8 7.59 -2.53 -6.10
N CYS A 9 7.91 -2.06 -4.90
CA CYS A 9 9.22 -2.32 -4.33
C CYS A 9 9.13 -3.37 -3.22
N TRP A 10 7.97 -3.44 -2.58
CA TRP A 10 7.75 -4.41 -1.50
C TRP A 10 7.71 -5.83 -2.04
N LEU A 11 7.49 -5.96 -3.35
CA LEU A 11 7.41 -7.27 -3.99
C LEU A 11 8.81 -7.81 -4.29
N VAL A 12 9.80 -6.92 -4.35
CA VAL A 12 11.17 -7.32 -4.64
C VAL A 12 12.13 -6.81 -3.56
N GLU A 13 11.60 -6.11 -2.56
CA GLU A 13 12.42 -5.59 -1.46
C GLU A 13 11.72 -5.74 -0.12
N GLU A 14 12.46 -5.56 0.96
CA GLU A 14 11.90 -5.67 2.30
C GLU A 14 11.16 -4.39 2.68
N PHE A 15 9.85 -4.47 2.80
CA PHE A 15 9.04 -3.31 3.15
C PHE A 15 8.78 -3.25 4.65
N VAL A 16 8.85 -2.05 5.20
CA VAL A 16 8.61 -1.85 6.63
C VAL A 16 7.43 -0.91 6.86
N VAL A 17 6.38 -1.42 7.49
CA VAL A 17 5.19 -0.62 7.76
C VAL A 17 5.53 0.59 8.61
N ALA A 18 5.78 1.72 7.95
CA ALA A 18 6.11 2.96 8.64
C ALA A 18 4.83 3.72 8.99
N GLU A 19 3.79 3.51 8.20
CA GLU A 19 2.51 4.16 8.41
C GLU A 19 1.37 3.19 8.15
N GLU A 20 0.61 2.87 9.19
CA GLU A 20 -0.52 1.94 9.06
C GLU A 20 -1.40 2.32 7.87
N CYS A 21 -2.32 1.45 7.51
CA CYS A 21 -3.20 1.70 6.38
C CYS A 21 -4.51 2.32 6.84
N SER A 22 -5.03 3.26 6.04
CA SER A 22 -6.27 3.93 6.36
C SER A 22 -7.18 4.03 5.13
N PRO A 23 -8.48 4.35 5.36
CA PRO A 23 -9.46 4.47 4.28
C PRO A 23 -8.92 5.24 3.07
N CYS A 24 -9.53 5.01 1.92
CA CYS A 24 -9.12 5.66 0.68
C CYS A 24 -10.18 6.65 0.22
N SER A 25 -9.80 7.92 0.14
CA SER A 25 -10.70 8.97 -0.30
C SER A 25 -11.29 8.66 -1.68
N ASN A 26 -12.00 9.62 -2.24
CA ASN A 26 -12.61 9.45 -3.56
C ASN A 26 -11.55 9.25 -4.63
N PHE A 27 -10.40 9.88 -4.43
CA PHE A 27 -9.30 9.77 -5.39
C PHE A 27 -8.37 8.61 -5.02
N ARG A 28 -8.28 8.32 -3.73
CA ARG A 28 -7.43 7.23 -3.25
C ARG A 28 -8.01 5.88 -3.61
N ALA A 29 -9.32 5.74 -3.46
CA ALA A 29 -10.00 4.49 -3.77
C ALA A 29 -10.04 4.22 -5.27
N LYS A 30 -9.97 5.29 -6.06
CA LYS A 30 -9.99 5.16 -7.51
C LYS A 30 -8.57 5.10 -8.08
N THR A 31 -7.63 5.76 -7.40
CA THR A 31 -6.25 5.79 -7.84
C THR A 31 -5.47 4.60 -7.29
N THR A 32 -5.52 4.43 -5.97
CA THR A 32 -4.81 3.33 -5.32
C THR A 32 -5.63 2.03 -5.40
N PRO A 33 -5.09 0.99 -6.07
CA PRO A 33 -5.77 -0.29 -6.21
C PRO A 33 -5.78 -1.10 -4.91
N GLU A 34 -5.10 -0.58 -3.89
CA GLU A 34 -5.04 -1.26 -2.60
C GLU A 34 -6.18 -0.80 -1.69
N CYS A 35 -7.36 -0.62 -2.26
CA CYS A 35 -8.53 -0.18 -1.51
C CYS A 35 -9.76 -1.03 -1.86
N GLY A 36 -9.55 -2.11 -2.59
CA GLY A 36 -10.64 -2.97 -2.99
C GLY A 36 -10.96 -4.05 -1.95
N PRO A 37 -9.94 -4.73 -1.41
CA PRO A 37 -10.14 -5.79 -0.42
C PRO A 37 -10.32 -5.25 1.00
N THR A 38 -9.42 -4.37 1.41
CA THR A 38 -9.49 -3.79 2.76
C THR A 38 -9.95 -2.34 2.73
N GLY A 39 -9.76 -1.68 1.59
CA GLY A 39 -10.13 -0.28 1.49
C GLY A 39 -9.26 0.59 2.36
N TYR A 40 -8.14 0.02 2.82
CA TYR A 40 -7.19 0.72 3.68
C TYR A 40 -5.79 0.57 3.10
N VAL A 41 -5.12 1.71 2.87
CA VAL A 41 -3.77 1.68 2.32
C VAL A 41 -2.75 2.28 3.29
N GLU A 42 -1.65 1.55 3.49
CA GLU A 42 -0.58 1.97 4.38
C GLU A 42 0.63 2.48 3.60
N LYS A 43 1.61 2.99 4.32
CA LYS A 43 2.84 3.50 3.72
C LYS A 43 4.04 2.68 4.15
N ILE A 44 4.39 1.68 3.34
CA ILE A 44 5.51 0.81 3.65
C ILE A 44 6.76 1.23 2.88
N THR A 45 7.87 1.40 3.58
CA THR A 45 9.13 1.80 2.97
C THR A 45 10.00 0.58 2.67
N CYS A 46 10.68 0.61 1.52
CA CYS A 46 11.54 -0.50 1.12
C CYS A 46 13.01 -0.18 1.40
N SER A 47 13.59 -0.96 2.32
CA SER A 47 14.99 -0.78 2.69
C SER A 47 15.87 -0.66 1.45
N SER A 48 15.96 -1.75 0.70
CA SER A 48 16.76 -1.76 -0.52
C SER A 48 16.10 -0.90 -1.59
N SER A 49 16.63 0.32 -1.75
CA SER A 49 16.12 1.30 -2.72
C SER A 49 15.44 2.46 -2.01
N LYS A 50 15.08 2.24 -0.74
CA LYS A 50 14.40 3.28 0.04
C LYS A 50 13.24 3.86 -0.75
N ARG A 51 12.16 3.09 -0.86
CA ARG A 51 10.97 3.53 -1.59
C ARG A 51 9.71 3.27 -0.80
N ASN A 52 8.92 4.32 -0.59
CA ASN A 52 7.66 4.22 0.14
C ASN A 52 6.51 3.94 -0.82
N GLU A 53 6.01 2.71 -0.80
CA GLU A 53 4.91 2.33 -1.67
C GLU A 53 3.59 2.34 -0.92
N PHE A 54 2.49 2.31 -1.66
CA PHE A 54 1.15 2.31 -1.07
C PHE A 54 0.56 0.91 -1.07
N LYS A 55 0.69 0.21 0.06
CA LYS A 55 0.18 -1.14 0.20
C LYS A 55 -1.16 -1.13 0.93
N SER A 56 -1.76 -2.31 1.07
CA SER A 56 -3.04 -2.44 1.76
C SER A 56 -2.91 -3.34 2.98
N CYS A 57 -3.46 -2.92 4.11
CA CYS A 57 -3.38 -3.71 5.33
C CYS A 57 -4.75 -3.85 5.99
N ARG A 58 -4.77 -4.37 7.20
CA ARG A 58 -6.01 -4.55 7.93
C ARG A 58 -6.15 -3.50 9.03
N SER A 59 -7.23 -2.73 8.98
CA SER A 59 -7.47 -1.68 9.96
C SER A 59 -8.45 -2.15 11.04
N ALA A 60 -9.19 -3.21 10.75
CA ALA A 60 -10.17 -3.74 11.69
C ALA A 60 -9.52 -4.08 13.03
N LEU A 61 -8.21 -4.30 13.01
CA LEU A 61 -7.48 -4.63 14.23
C LEU A 61 -6.54 -3.50 14.63
N MET A 62 -6.08 -2.74 13.63
CA MET A 62 -5.17 -1.62 13.88
C MET A 62 -5.91 -0.48 14.56
N GLU A 63 -6.93 0.04 13.88
CA GLU A 63 -7.72 1.15 14.42
C GLU A 63 -9.16 1.10 13.91
N GLN A 64 -10.01 0.40 14.65
CA GLN A 64 -11.41 0.26 14.28
C GLN A 64 -12.33 0.68 15.43
N ARG A 65 -12.96 1.84 15.29
CA ARG A 65 -13.86 2.34 16.33
C ARG A 65 -15.31 2.27 15.86
N GLY A 1 8.99 3.05 -22.96
CA GLY A 1 8.57 2.02 -23.95
C GLY A 1 7.29 1.31 -23.56
N SER A 2 6.42 1.08 -24.54
CA SER A 2 5.15 0.41 -24.29
C SER A 2 5.36 -1.08 -24.02
N GLY A 3 4.32 -1.74 -23.55
CA GLY A 3 4.40 -3.16 -23.26
C GLY A 3 5.45 -3.47 -22.20
N MET A 4 5.29 -2.90 -21.02
CA MET A 4 6.24 -3.11 -19.93
C MET A 4 5.50 -3.39 -18.62
N LYS A 5 5.92 -4.44 -17.93
CA LYS A 5 5.31 -4.81 -16.66
C LYS A 5 5.72 -3.86 -15.54
N GLU A 6 4.80 -3.58 -14.63
CA GLU A 6 5.06 -2.67 -13.53
C GLU A 6 4.68 -3.32 -12.19
N PHE A 7 5.62 -3.29 -11.25
CA PHE A 7 5.38 -3.88 -9.93
C PHE A 7 5.87 -2.93 -8.83
N PRO A 8 5.63 -3.29 -7.56
CA PRO A 8 6.05 -2.47 -6.42
C PRO A 8 7.49 -2.78 -6.00
N CYS A 9 7.87 -2.30 -4.82
CA CYS A 9 9.21 -2.53 -4.32
C CYS A 9 9.20 -3.60 -3.22
N TRP A 10 8.08 -3.72 -2.52
CA TRP A 10 7.95 -4.70 -1.45
C TRP A 10 7.89 -6.11 -2.01
N LEU A 11 7.53 -6.23 -3.28
CA LEU A 11 7.44 -7.53 -3.94
C LEU A 11 8.82 -8.05 -4.33
N VAL A 12 9.79 -7.14 -4.41
CA VAL A 12 11.16 -7.51 -4.77
C VAL A 12 12.17 -7.00 -3.75
N GLU A 13 11.68 -6.35 -2.69
CA GLU A 13 12.55 -5.82 -1.65
C GLU A 13 11.91 -5.99 -0.27
N GLU A 14 12.66 -5.61 0.76
CA GLU A 14 12.16 -5.69 2.13
C GLU A 14 11.49 -4.39 2.53
N PHE A 15 10.21 -4.46 2.89
CA PHE A 15 9.47 -3.27 3.26
C PHE A 15 9.21 -3.22 4.77
N VAL A 16 8.91 -2.01 5.24
CA VAL A 16 8.64 -1.80 6.65
C VAL A 16 7.46 -0.86 6.84
N VAL A 17 6.40 -1.35 7.46
CA VAL A 17 5.20 -0.54 7.69
C VAL A 17 5.53 0.69 8.52
N ALA A 18 5.81 1.79 7.84
CA ALA A 18 6.14 3.04 8.52
C ALA A 18 4.86 3.81 8.87
N GLU A 19 3.81 3.56 8.09
CA GLU A 19 2.53 4.22 8.30
C GLU A 19 1.39 3.22 8.10
N GLU A 20 0.66 2.93 9.17
CA GLU A 20 -0.46 1.99 9.10
C GLU A 20 -1.37 2.34 7.92
N CYS A 21 -2.27 1.43 7.58
CA CYS A 21 -3.17 1.65 6.46
C CYS A 21 -4.47 2.31 6.92
N SER A 22 -4.96 3.24 6.09
CA SER A 22 -6.19 3.96 6.40
C SER A 22 -7.12 4.00 5.20
N PRO A 23 -8.40 4.35 5.42
CA PRO A 23 -9.40 4.43 4.35
C PRO A 23 -8.91 5.22 3.14
N CYS A 24 -9.57 5.01 2.01
CA CYS A 24 -9.22 5.70 0.77
C CYS A 24 -10.34 6.63 0.33
N SER A 25 -10.01 7.91 0.14
CA SER A 25 -10.99 8.90 -0.28
C SER A 25 -11.48 8.60 -1.70
N ASN A 26 -12.17 9.57 -2.30
CA ASN A 26 -12.69 9.41 -3.65
C ASN A 26 -11.55 9.27 -4.65
N PHE A 27 -10.42 9.88 -4.35
CA PHE A 27 -9.25 9.83 -5.23
C PHE A 27 -8.39 8.59 -4.93
N ARG A 28 -8.25 8.29 -3.64
CA ARG A 28 -7.45 7.14 -3.22
C ARG A 28 -8.03 5.85 -3.78
N ALA A 29 -9.32 5.63 -3.54
CA ALA A 29 -10.00 4.42 -4.00
C ALA A 29 -9.89 4.28 -5.52
N LYS A 30 -9.68 5.39 -6.21
CA LYS A 30 -9.56 5.38 -7.66
C LYS A 30 -8.12 5.15 -8.09
N THR A 31 -7.24 6.07 -7.73
CA THR A 31 -5.83 5.97 -8.10
C THR A 31 -5.19 4.75 -7.43
N THR A 32 -5.29 4.69 -6.11
CA THR A 32 -4.72 3.58 -5.34
C THR A 32 -5.59 2.33 -5.45
N PRO A 33 -5.10 1.27 -6.13
CA PRO A 33 -5.84 0.03 -6.29
C PRO A 33 -5.80 -0.86 -5.05
N GLU A 34 -5.11 -0.39 -4.01
CA GLU A 34 -5.00 -1.15 -2.76
C GLU A 34 -6.12 -0.77 -1.79
N CYS A 35 -7.25 -0.33 -2.33
CA CYS A 35 -8.39 0.04 -1.50
C CYS A 35 -9.63 -0.77 -1.87
N GLY A 36 -9.42 -1.84 -2.65
CA GLY A 36 -10.53 -2.69 -3.06
C GLY A 36 -10.91 -3.72 -2.01
N PRO A 37 -9.94 -4.46 -1.47
CA PRO A 37 -10.20 -5.48 -0.46
C PRO A 37 -10.48 -4.90 0.93
N THR A 38 -9.42 -4.49 1.64
CA THR A 38 -9.55 -3.92 2.97
C THR A 38 -10.07 -2.50 2.91
N GLY A 39 -9.76 -1.80 1.83
CA GLY A 39 -10.18 -0.42 1.70
C GLY A 39 -9.26 0.51 2.47
N TYR A 40 -8.25 -0.06 3.12
CA TYR A 40 -7.28 0.70 3.89
C TYR A 40 -5.88 0.54 3.30
N VAL A 41 -5.22 1.66 3.03
CA VAL A 41 -3.88 1.60 2.44
C VAL A 41 -2.83 2.20 3.37
N GLU A 42 -1.74 1.47 3.54
CA GLU A 42 -0.63 1.89 4.40
C GLU A 42 0.54 2.41 3.57
N LYS A 43 1.57 2.89 4.26
CA LYS A 43 2.77 3.41 3.61
C LYS A 43 4.00 2.60 4.02
N ILE A 44 4.34 1.60 3.21
CA ILE A 44 5.49 0.74 3.49
C ILE A 44 6.71 1.18 2.69
N THR A 45 7.83 1.36 3.40
CA THR A 45 9.07 1.78 2.76
C THR A 45 10.01 0.58 2.58
N CYS A 46 10.65 0.51 1.41
CA CYS A 46 11.57 -0.59 1.12
C CYS A 46 13.00 -0.20 1.46
N SER A 47 13.61 -0.96 2.37
CA SER A 47 14.99 -0.72 2.77
C SER A 47 15.89 -0.61 1.54
N SER A 48 15.49 -1.29 0.47
CA SER A 48 16.25 -1.27 -0.76
C SER A 48 15.81 -0.10 -1.63
N SER A 49 16.64 0.95 -1.63
CA SER A 49 16.37 2.17 -2.40
C SER A 49 15.38 3.08 -1.66
N LYS A 50 15.06 2.73 -0.42
CA LYS A 50 14.11 3.52 0.38
C LYS A 50 12.93 3.95 -0.48
N ARG A 51 12.06 3.00 -0.77
CA ARG A 51 10.89 3.27 -1.60
C ARG A 51 9.59 3.04 -0.83
N ASN A 52 8.81 4.09 -0.69
CA ASN A 52 7.54 4.02 0.02
C ASN A 52 6.40 3.74 -0.94
N GLU A 53 5.88 2.53 -0.89
CA GLU A 53 4.79 2.12 -1.76
C GLU A 53 3.45 2.19 -1.03
N PHE A 54 2.36 2.18 -1.79
CA PHE A 54 1.02 2.22 -1.22
C PHE A 54 0.42 0.83 -1.17
N LYS A 55 0.52 0.18 -0.02
CA LYS A 55 -0.01 -1.17 0.16
C LYS A 55 -1.32 -1.14 0.95
N SER A 56 -1.92 -2.30 1.14
CA SER A 56 -3.16 -2.42 1.89
C SER A 56 -2.98 -3.34 3.08
N CYS A 57 -3.50 -2.94 4.24
CA CYS A 57 -3.38 -3.76 5.45
C CYS A 57 -4.71 -3.89 6.16
N ARG A 58 -4.72 -4.67 7.24
CA ARG A 58 -5.93 -4.88 8.01
C ARG A 58 -6.03 -3.84 9.12
N SER A 59 -7.13 -3.08 9.12
CA SER A 59 -7.34 -2.05 10.12
C SER A 59 -8.33 -2.51 11.19
N ALA A 60 -9.28 -3.35 10.79
CA ALA A 60 -10.28 -3.86 11.71
C ALA A 60 -9.64 -4.69 12.83
N LEU A 61 -8.41 -5.13 12.61
CA LEU A 61 -7.70 -5.92 13.59
C LEU A 61 -6.51 -5.16 14.16
N MET A 62 -5.91 -4.31 13.33
CA MET A 62 -4.77 -3.51 13.75
C MET A 62 -5.14 -2.60 14.91
N GLU A 63 -6.11 -1.73 14.68
CA GLU A 63 -6.57 -0.80 15.70
C GLU A 63 -8.01 -0.37 15.42
N GLN A 64 -8.97 -1.11 15.96
CA GLN A 64 -10.38 -0.80 15.77
C GLN A 64 -11.10 -0.72 17.11
N ARG A 65 -10.96 0.42 17.78
CA ARG A 65 -11.60 0.63 19.08
C ARG A 65 -13.09 0.88 18.91
N GLY A 1 -2.62 -1.62 -20.50
CA GLY A 1 -3.37 -2.88 -20.25
C GLY A 1 -2.46 -4.02 -19.83
N SER A 2 -1.37 -4.22 -20.59
CA SER A 2 -0.42 -5.28 -20.29
C SER A 2 0.86 -5.09 -21.09
N GLY A 3 1.89 -5.88 -20.76
CA GLY A 3 3.15 -5.79 -21.45
C GLY A 3 4.20 -5.03 -20.66
N MET A 4 3.90 -3.77 -20.35
CA MET A 4 4.82 -2.93 -19.59
C MET A 4 4.97 -3.45 -18.16
N LYS A 5 6.21 -3.67 -17.74
CA LYS A 5 6.49 -4.16 -16.40
C LYS A 5 6.20 -3.09 -15.35
N GLU A 6 5.21 -3.34 -14.50
CA GLU A 6 4.84 -2.40 -13.45
C GLU A 6 4.63 -3.12 -12.12
N PHE A 7 5.65 -3.06 -11.27
CA PHE A 7 5.58 -3.70 -9.96
C PHE A 7 6.09 -2.78 -8.86
N PRO A 8 5.84 -3.13 -7.59
CA PRO A 8 6.29 -2.32 -6.45
C PRO A 8 7.70 -2.69 -6.01
N CYS A 9 8.08 -2.22 -4.82
CA CYS A 9 9.40 -2.51 -4.29
C CYS A 9 9.32 -3.56 -3.18
N TRP A 10 8.17 -3.60 -2.50
CA TRP A 10 7.97 -4.56 -1.42
C TRP A 10 7.85 -5.98 -1.96
N LEU A 11 7.59 -6.10 -3.26
CA LEU A 11 7.45 -7.41 -3.88
C LEU A 11 8.81 -7.99 -4.25
N VAL A 12 9.83 -7.14 -4.31
CA VAL A 12 11.19 -7.57 -4.63
C VAL A 12 12.20 -7.08 -3.61
N GLU A 13 11.72 -6.40 -2.57
CA GLU A 13 12.60 -5.89 -1.53
C GLU A 13 11.96 -6.03 -0.15
N GLU A 14 12.71 -5.67 0.89
CA GLU A 14 12.20 -5.74 2.25
C GLU A 14 11.52 -4.43 2.63
N PHE A 15 10.23 -4.52 2.95
CA PHE A 15 9.47 -3.34 3.32
C PHE A 15 9.17 -3.30 4.81
N VAL A 16 8.91 -2.09 5.31
CA VAL A 16 8.61 -1.90 6.73
C VAL A 16 7.43 -0.94 6.90
N VAL A 17 6.35 -1.45 7.50
CA VAL A 17 5.16 -0.63 7.71
C VAL A 17 5.48 0.57 8.59
N ALA A 18 5.78 1.70 7.95
CA ALA A 18 6.09 2.93 8.67
C ALA A 18 4.81 3.70 8.96
N GLU A 19 3.81 3.54 8.09
CA GLU A 19 2.53 4.21 8.24
C GLU A 19 1.39 3.22 8.03
N GLU A 20 0.66 2.93 9.10
CA GLU A 20 -0.47 2.00 9.02
C GLU A 20 -1.37 2.35 7.85
N CYS A 21 -2.30 1.46 7.51
CA CYS A 21 -3.19 1.70 6.38
C CYS A 21 -4.49 2.35 6.83
N SER A 22 -5.00 3.26 6.01
CA SER A 22 -6.23 3.99 6.30
C SER A 22 -7.15 4.01 5.09
N PRO A 23 -8.44 4.35 5.30
CA PRO A 23 -9.44 4.42 4.23
C PRO A 23 -8.95 5.20 3.02
N CYS A 24 -9.60 5.00 1.88
CA CYS A 24 -9.24 5.68 0.65
C CYS A 24 -10.34 6.67 0.24
N SER A 25 -9.97 7.94 0.18
CA SER A 25 -10.93 8.99 -0.20
C SER A 25 -11.54 8.70 -1.57
N ASN A 26 -12.26 9.67 -2.10
CA ASN A 26 -12.91 9.52 -3.41
C ASN A 26 -11.88 9.21 -4.49
N PHE A 27 -10.88 10.07 -4.63
CA PHE A 27 -9.84 9.88 -5.62
C PHE A 27 -8.82 8.85 -5.14
N ARG A 28 -8.67 8.73 -3.83
CA ARG A 28 -7.72 7.79 -3.25
C ARG A 28 -8.04 6.36 -3.68
N ALA A 29 -9.29 5.97 -3.51
CA ALA A 29 -9.72 4.63 -3.89
C ALA A 29 -9.82 4.46 -5.40
N LYS A 30 -10.05 5.57 -6.10
CA LYS A 30 -10.18 5.55 -7.54
C LYS A 30 -8.81 5.52 -8.21
N THR A 31 -7.79 6.01 -7.51
CA THR A 31 -6.43 6.03 -8.05
C THR A 31 -5.59 4.91 -7.47
N THR A 32 -5.91 4.51 -6.24
CA THR A 32 -5.16 3.44 -5.57
C THR A 32 -5.95 2.13 -5.61
N PRO A 33 -5.40 1.09 -6.29
CA PRO A 33 -6.06 -0.21 -6.40
C PRO A 33 -5.99 -1.02 -5.10
N GLU A 34 -5.29 -0.47 -4.10
CA GLU A 34 -5.16 -1.14 -2.82
C GLU A 34 -6.26 -0.70 -1.86
N CYS A 35 -7.47 -0.55 -2.39
CA CYS A 35 -8.62 -0.13 -1.59
C CYS A 35 -9.83 -1.02 -1.87
N GLY A 36 -9.62 -2.10 -2.61
CA GLY A 36 -10.71 -3.00 -2.93
C GLY A 36 -11.04 -3.96 -1.80
N PRO A 37 -10.03 -4.65 -1.24
CA PRO A 37 -10.25 -5.61 -0.16
C PRO A 37 -10.49 -4.92 1.19
N THR A 38 -9.41 -4.61 1.91
CA THR A 38 -9.54 -3.95 3.22
C THR A 38 -10.05 -2.52 3.06
N GLY A 39 -9.74 -1.91 1.93
CA GLY A 39 -10.15 -0.54 1.71
C GLY A 39 -9.24 0.46 2.40
N TYR A 40 -8.23 -0.09 3.11
CA TYR A 40 -7.27 0.73 3.83
C TYR A 40 -5.88 0.59 3.20
N VAL A 41 -5.23 1.72 2.94
CA VAL A 41 -3.90 1.70 2.33
C VAL A 41 -2.85 2.27 3.27
N GLU A 42 -1.73 1.56 3.39
CA GLU A 42 -0.63 1.97 4.26
C GLU A 42 0.57 2.45 3.46
N LYS A 43 1.62 2.84 4.17
CA LYS A 43 2.85 3.31 3.54
C LYS A 43 4.04 2.51 4.05
N ILE A 44 4.58 1.65 3.19
CA ILE A 44 5.73 0.82 3.55
C ILE A 44 6.97 1.22 2.76
N THR A 45 8.08 1.39 3.46
CA THR A 45 9.33 1.78 2.82
C THR A 45 10.23 0.56 2.62
N CYS A 46 10.89 0.50 1.46
CA CYS A 46 11.79 -0.62 1.16
C CYS A 46 13.23 -0.28 1.49
N SER A 47 13.80 -1.03 2.42
CA SER A 47 15.19 -0.82 2.82
C SER A 47 16.10 -0.72 1.60
N SER A 48 15.69 -1.40 0.53
CA SER A 48 16.44 -1.39 -0.71
C SER A 48 16.04 -0.18 -1.55
N SER A 49 16.89 0.84 -1.54
CA SER A 49 16.66 2.08 -2.28
C SER A 49 15.68 2.99 -1.55
N LYS A 50 15.31 2.63 -0.31
CA LYS A 50 14.38 3.42 0.48
C LYS A 50 13.22 3.89 -0.39
N ARG A 51 12.32 2.96 -0.71
CA ARG A 51 11.18 3.26 -1.55
C ARG A 51 9.86 3.02 -0.80
N ASN A 52 9.07 4.08 -0.69
CA ASN A 52 7.78 4.00 0.00
C ASN A 52 6.67 3.68 -0.98
N GLU A 53 6.16 2.46 -0.91
CA GLU A 53 5.10 2.02 -1.80
C GLU A 53 3.74 2.09 -1.10
N PHE A 54 2.67 2.01 -1.89
CA PHE A 54 1.32 2.07 -1.36
C PHE A 54 0.69 0.68 -1.35
N LYS A 55 0.49 0.13 -0.15
CA LYS A 55 -0.09 -1.19 -0.01
C LYS A 55 -1.38 -1.13 0.81
N SER A 56 -2.04 -2.28 0.96
CA SER A 56 -3.27 -2.36 1.72
C SER A 56 -3.10 -3.30 2.91
N CYS A 57 -3.54 -2.86 4.09
CA CYS A 57 -3.41 -3.70 5.29
C CYS A 57 -4.75 -3.86 6.00
N ARG A 58 -4.74 -4.52 7.14
CA ARG A 58 -5.94 -4.74 7.92
C ARG A 58 -6.01 -3.80 9.11
N SER A 59 -7.08 -3.01 9.19
CA SER A 59 -7.26 -2.07 10.28
C SER A 59 -7.80 -2.76 11.53
N ALA A 60 -8.44 -3.91 11.33
CA ALA A 60 -9.00 -4.67 12.45
C ALA A 60 -7.95 -4.98 13.51
N LEU A 61 -6.68 -4.96 13.11
CA LEU A 61 -5.58 -5.24 14.03
C LEU A 61 -4.73 -4.00 14.24
N MET A 62 -4.67 -3.13 13.24
CA MET A 62 -3.89 -1.91 13.33
C MET A 62 -4.61 -0.87 14.18
N GLU A 63 -5.82 -0.49 13.75
CA GLU A 63 -6.60 0.49 14.48
C GLU A 63 -8.10 0.21 14.33
N GLN A 64 -8.63 -0.59 15.24
CA GLN A 64 -10.05 -0.94 15.21
C GLN A 64 -10.78 -0.35 16.41
N ARG A 65 -11.43 0.79 16.19
CA ARG A 65 -12.17 1.46 17.25
C ARG A 65 -13.36 0.63 17.69
N GLY A 1 3.26 5.74 -15.46
CA GLY A 1 3.88 5.65 -16.81
C GLY A 1 2.88 5.24 -17.88
N SER A 2 2.20 4.12 -17.64
CA SER A 2 1.21 3.62 -18.59
C SER A 2 1.85 3.31 -19.93
N GLY A 3 1.93 2.03 -20.26
CA GLY A 3 2.53 1.62 -21.53
C GLY A 3 3.26 0.29 -21.42
N MET A 4 3.82 0.03 -20.24
CA MET A 4 4.55 -1.22 -20.01
C MET A 4 4.26 -1.77 -18.62
N LYS A 5 4.71 -2.99 -18.36
CA LYS A 5 4.50 -3.64 -17.07
C LYS A 5 5.21 -2.88 -15.95
N GLU A 6 4.52 -2.68 -14.84
CA GLU A 6 5.09 -1.98 -13.70
C GLU A 6 4.81 -2.73 -12.40
N PHE A 7 5.78 -2.72 -11.50
CA PHE A 7 5.64 -3.40 -10.21
C PHE A 7 6.13 -2.51 -9.07
N PRO A 8 5.81 -2.89 -7.82
CA PRO A 8 6.22 -2.13 -6.64
C PRO A 8 7.60 -2.54 -6.14
N CYS A 9 7.95 -2.11 -4.93
CA CYS A 9 9.24 -2.45 -4.34
C CYS A 9 9.08 -3.52 -3.28
N TRP A 10 7.91 -3.55 -2.64
CA TRP A 10 7.63 -4.52 -1.60
C TRP A 10 7.47 -5.93 -2.18
N LEU A 11 7.32 -6.01 -3.50
CA LEU A 11 7.18 -7.30 -4.17
C LEU A 11 8.52 -7.91 -4.50
N VAL A 12 9.55 -7.07 -4.59
CA VAL A 12 10.90 -7.54 -4.90
C VAL A 12 11.90 -7.14 -3.81
N GLU A 13 11.41 -6.41 -2.80
CA GLU A 13 12.28 -5.97 -1.71
C GLU A 13 11.55 -6.10 -0.37
N GLU A 14 12.30 -5.93 0.71
CA GLU A 14 11.72 -6.01 2.05
C GLU A 14 11.12 -4.66 2.44
N PHE A 15 9.86 -4.69 2.86
CA PHE A 15 9.17 -3.46 3.24
C PHE A 15 8.85 -3.44 4.73
N VAL A 16 8.76 -2.23 5.28
CA VAL A 16 8.45 -2.04 6.69
C VAL A 16 7.33 -1.05 6.88
N VAL A 17 6.24 -1.49 7.49
CA VAL A 17 5.09 -0.62 7.73
C VAL A 17 5.48 0.59 8.55
N ALA A 18 5.81 1.69 7.88
CA ALA A 18 6.18 2.92 8.56
C ALA A 18 4.94 3.72 8.93
N GLU A 19 3.88 3.54 8.15
CA GLU A 19 2.62 4.23 8.38
C GLU A 19 1.45 3.29 8.17
N GLU A 20 0.69 3.02 9.23
CA GLU A 20 -0.46 2.13 9.16
C GLU A 20 -1.34 2.51 7.97
N CYS A 21 -2.20 1.59 7.55
CA CYS A 21 -3.07 1.84 6.42
C CYS A 21 -4.36 2.53 6.85
N SER A 22 -4.84 3.45 6.01
CA SER A 22 -6.06 4.20 6.30
C SER A 22 -6.99 4.23 5.10
N PRO A 23 -8.26 4.60 5.32
CA PRO A 23 -9.27 4.68 4.26
C PRO A 23 -8.77 5.38 3.00
N CYS A 24 -9.44 5.12 1.89
CA CYS A 24 -9.08 5.72 0.60
C CYS A 24 -10.16 6.66 0.12
N SER A 25 -9.84 7.94 0.02
CA SER A 25 -10.79 8.95 -0.42
C SER A 25 -11.43 8.56 -1.75
N ASN A 26 -12.37 9.37 -2.22
CA ASN A 26 -13.06 9.10 -3.47
C ASN A 26 -12.07 8.94 -4.62
N PHE A 27 -10.93 9.62 -4.51
CA PHE A 27 -9.89 9.55 -5.53
C PHE A 27 -8.82 8.54 -5.15
N ARG A 28 -8.54 8.43 -3.85
CA ARG A 28 -7.54 7.51 -3.35
C ARG A 28 -7.92 6.06 -3.66
N ALA A 29 -9.19 5.74 -3.45
CA ALA A 29 -9.69 4.39 -3.70
C ALA A 29 -9.84 4.13 -5.20
N LYS A 30 -10.07 5.19 -5.96
CA LYS A 30 -10.24 5.07 -7.40
C LYS A 30 -8.89 5.04 -8.12
N THR A 31 -7.88 5.67 -7.52
CA THR A 31 -6.55 5.71 -8.11
C THR A 31 -5.69 4.57 -7.60
N THR A 32 -5.83 4.23 -6.31
CA THR A 32 -5.06 3.16 -5.71
C THR A 32 -5.85 1.86 -5.70
N PRO A 33 -5.31 0.80 -6.34
CA PRO A 33 -5.98 -0.51 -6.38
C PRO A 33 -5.84 -1.29 -5.07
N GLU A 34 -5.14 -0.70 -4.11
CA GLU A 34 -4.94 -1.34 -2.82
C GLU A 34 -6.03 -0.93 -1.83
N CYS A 35 -7.22 -0.62 -2.35
CA CYS A 35 -8.34 -0.21 -1.53
C CYS A 35 -9.56 -1.08 -1.81
N GLY A 36 -9.36 -2.21 -2.48
CA GLY A 36 -10.45 -3.10 -2.82
C GLY A 36 -10.75 -4.13 -1.73
N PRO A 37 -9.72 -4.77 -1.15
CA PRO A 37 -9.90 -5.79 -0.12
C PRO A 37 -10.16 -5.19 1.26
N THR A 38 -9.27 -4.31 1.70
CA THR A 38 -9.40 -3.67 3.01
C THR A 38 -9.92 -2.25 2.88
N GLY A 39 -9.55 -1.59 1.78
CA GLY A 39 -9.96 -0.22 1.58
C GLY A 39 -9.05 0.75 2.32
N TYR A 40 -8.09 0.20 3.04
CA TYR A 40 -7.13 1.00 3.80
C TYR A 40 -5.74 0.83 3.20
N VAL A 41 -5.04 1.95 2.97
CA VAL A 41 -3.71 1.90 2.39
C VAL A 41 -2.64 2.45 3.35
N GLU A 42 -1.59 1.68 3.54
CA GLU A 42 -0.49 2.07 4.42
C GLU A 42 0.71 2.57 3.63
N LYS A 43 1.73 3.04 4.35
CA LYS A 43 2.95 3.54 3.71
C LYS A 43 4.15 2.70 4.13
N ILE A 44 4.46 1.68 3.34
CA ILE A 44 5.57 0.80 3.63
C ILE A 44 6.81 1.18 2.82
N THR A 45 7.95 1.28 3.51
CA THR A 45 9.20 1.65 2.86
C THR A 45 10.07 0.42 2.64
N CYS A 46 10.73 0.37 1.49
CA CYS A 46 11.60 -0.76 1.16
C CYS A 46 13.05 -0.45 1.51
N SER A 47 13.64 -1.31 2.34
CA SER A 47 15.04 -1.14 2.74
C SER A 47 15.91 -0.93 1.52
N SER A 48 15.47 -1.48 0.38
CA SER A 48 16.21 -1.34 -0.86
C SER A 48 15.90 0.01 -1.51
N SER A 49 16.83 0.94 -1.34
CA SER A 49 16.71 2.29 -1.89
C SER A 49 15.72 3.14 -1.09
N LYS A 50 15.19 2.59 0.00
CA LYS A 50 14.23 3.32 0.81
C LYS A 50 13.09 3.82 -0.07
N ARG A 51 12.24 2.88 -0.47
CA ARG A 51 11.13 3.20 -1.35
C ARG A 51 9.79 3.06 -0.62
N ASN A 52 9.13 4.19 -0.38
CA ASN A 52 7.83 4.20 0.29
C ASN A 52 6.72 3.93 -0.71
N GLU A 53 6.19 2.71 -0.68
CA GLU A 53 5.12 2.32 -1.58
C GLU A 53 3.77 2.38 -0.89
N PHE A 54 2.69 2.39 -1.68
CA PHE A 54 1.35 2.45 -1.14
C PHE A 54 0.70 1.07 -1.14
N LYS A 55 0.76 0.40 0.01
CA LYS A 55 0.19 -0.93 0.15
C LYS A 55 -1.12 -0.88 0.93
N SER A 56 -1.77 -2.03 1.07
CA SER A 56 -3.03 -2.11 1.80
C SER A 56 -2.90 -3.07 2.97
N CYS A 57 -3.43 -2.66 4.13
CA CYS A 57 -3.37 -3.51 5.32
C CYS A 57 -4.76 -3.70 5.92
N ARG A 58 -4.87 -4.61 6.88
CA ARG A 58 -6.14 -4.87 7.53
C ARG A 58 -6.29 -4.00 8.77
N SER A 59 -7.35 -3.21 8.81
CA SER A 59 -7.61 -2.33 9.93
C SER A 59 -8.10 -3.10 11.15
N ALA A 60 -8.71 -4.26 10.90
CA ALA A 60 -9.24 -5.11 11.96
C ALA A 60 -8.14 -5.62 12.88
N LEU A 61 -6.88 -5.51 12.43
CA LEU A 61 -5.75 -5.97 13.21
C LEU A 61 -4.93 -4.78 13.74
N MET A 62 -5.04 -3.65 13.05
CA MET A 62 -4.32 -2.45 13.45
C MET A 62 -5.06 -1.71 14.55
N GLU A 63 -6.29 -1.29 14.26
CA GLU A 63 -7.10 -0.57 15.23
C GLU A 63 -8.58 -0.94 15.09
N GLN A 64 -9.00 -1.96 15.81
CA GLN A 64 -10.38 -2.42 15.76
C GLN A 64 -10.99 -2.47 17.16
N ARG A 65 -11.42 -1.32 17.66
CA ARG A 65 -12.02 -1.23 18.99
C ARG A 65 -11.02 -1.69 20.06
N GLY A 1 -0.54 -0.85 -24.30
CA GLY A 1 -0.30 0.42 -23.56
C GLY A 1 -1.21 0.56 -22.35
N SER A 2 -1.62 -0.58 -21.78
CA SER A 2 -2.50 -0.57 -20.62
C SER A 2 -2.07 -1.64 -19.61
N GLY A 3 -1.82 -2.85 -20.12
CA GLY A 3 -1.42 -3.94 -19.24
C GLY A 3 0.09 -4.09 -19.20
N MET A 4 0.80 -2.98 -19.15
CA MET A 4 2.26 -3.00 -19.10
C MET A 4 2.75 -3.74 -17.85
N LYS A 5 4.01 -4.16 -17.89
CA LYS A 5 4.59 -4.88 -16.76
C LYS A 5 5.09 -3.92 -15.69
N GLU A 6 4.29 -3.75 -14.64
CA GLU A 6 4.65 -2.85 -13.54
C GLU A 6 4.48 -3.54 -12.20
N PHE A 7 5.49 -3.39 -11.34
CA PHE A 7 5.46 -4.01 -10.02
C PHE A 7 5.91 -3.02 -8.95
N PRO A 8 5.68 -3.34 -7.66
CA PRO A 8 6.06 -2.49 -6.54
C PRO A 8 7.49 -2.74 -6.10
N CYS A 9 7.85 -2.22 -4.92
CA CYS A 9 9.18 -2.39 -4.39
C CYS A 9 9.19 -3.44 -3.27
N TRP A 10 8.06 -3.54 -2.57
CA TRP A 10 7.93 -4.49 -1.48
C TRP A 10 7.92 -5.94 -1.99
N LEU A 11 7.61 -6.10 -3.28
CA LEU A 11 7.56 -7.43 -3.88
C LEU A 11 8.97 -7.92 -4.22
N VAL A 12 9.92 -6.99 -4.30
CA VAL A 12 11.30 -7.35 -4.62
C VAL A 12 12.28 -6.77 -3.59
N GLU A 13 11.75 -6.08 -2.59
CA GLU A 13 12.58 -5.48 -1.55
C GLU A 13 11.92 -5.61 -0.18
N GLU A 14 12.69 -5.42 0.88
CA GLU A 14 12.16 -5.50 2.23
C GLU A 14 11.46 -4.20 2.60
N PHE A 15 10.20 -4.31 3.00
CA PHE A 15 9.42 -3.14 3.36
C PHE A 15 9.10 -3.11 4.85
N VAL A 16 8.88 -1.90 5.36
CA VAL A 16 8.57 -1.72 6.77
C VAL A 16 7.39 -0.78 6.94
N VAL A 17 6.32 -1.27 7.56
CA VAL A 17 5.12 -0.47 7.78
C VAL A 17 5.44 0.77 8.60
N ALA A 18 5.72 1.88 7.90
CA ALA A 18 6.03 3.14 8.57
C ALA A 18 4.74 3.89 8.90
N GLU A 19 3.71 3.65 8.10
CA GLU A 19 2.42 4.30 8.30
C GLU A 19 1.29 3.30 8.11
N GLU A 20 0.56 3.01 9.19
CA GLU A 20 -0.55 2.07 9.12
C GLU A 20 -1.46 2.39 7.95
N CYS A 21 -2.29 1.42 7.56
CA CYS A 21 -3.18 1.63 6.43
C CYS A 21 -4.50 2.27 6.86
N SER A 22 -5.00 3.18 6.02
CA SER A 22 -6.24 3.88 6.31
C SER A 22 -7.15 3.92 5.07
N PRO A 23 -8.44 4.25 5.27
CA PRO A 23 -9.41 4.32 4.18
C PRO A 23 -8.92 5.16 3.00
N CYS A 24 -9.52 4.93 1.83
CA CYS A 24 -9.15 5.66 0.63
C CYS A 24 -10.22 6.68 0.25
N SER A 25 -9.83 7.95 0.18
CA SER A 25 -10.76 9.01 -0.18
C SER A 25 -11.39 8.75 -1.54
N ASN A 26 -12.18 9.71 -2.01
CA ASN A 26 -12.84 9.59 -3.30
C ASN A 26 -11.83 9.42 -4.43
N PHE A 27 -10.64 10.00 -4.24
CA PHE A 27 -9.58 9.91 -5.24
C PHE A 27 -8.65 8.74 -4.93
N ARG A 28 -8.35 8.55 -3.65
CA ARG A 28 -7.46 7.46 -3.23
C ARG A 28 -8.02 6.10 -3.64
N ALA A 29 -9.33 5.94 -3.52
CA ALA A 29 -9.99 4.69 -3.88
C ALA A 29 -9.80 4.38 -5.36
N LYS A 30 -9.68 5.42 -6.16
CA LYS A 30 -9.50 5.26 -7.61
C LYS A 30 -8.03 5.09 -7.95
N THR A 31 -7.22 6.07 -7.57
CA THR A 31 -5.79 6.03 -7.85
C THR A 31 -5.14 4.81 -7.19
N THR A 32 -5.25 4.72 -5.88
CA THR A 32 -4.67 3.60 -5.14
C THR A 32 -5.48 2.32 -5.35
N PRO A 33 -4.91 1.32 -6.04
CA PRO A 33 -5.59 0.04 -6.30
C PRO A 33 -5.65 -0.86 -5.07
N GLU A 34 -5.04 -0.41 -3.97
CA GLU A 34 -5.03 -1.18 -2.74
C GLU A 34 -6.18 -0.78 -1.83
N CYS A 35 -7.33 -0.50 -2.45
CA CYS A 35 -8.52 -0.11 -1.70
C CYS A 35 -9.71 -1.01 -2.03
N GLY A 36 -9.48 -2.00 -2.87
CA GLY A 36 -10.54 -2.93 -3.25
C GLY A 36 -10.89 -3.92 -2.16
N PRO A 37 -9.88 -4.58 -1.57
CA PRO A 37 -10.12 -5.57 -0.51
C PRO A 37 -10.41 -4.92 0.86
N THR A 38 -9.35 -4.64 1.62
CA THR A 38 -9.52 -4.04 2.94
C THR A 38 -10.02 -2.60 2.83
N GLY A 39 -9.67 -1.94 1.74
CA GLY A 39 -10.07 -0.56 1.56
C GLY A 39 -9.17 0.40 2.32
N TYR A 40 -8.20 -0.17 3.03
CA TYR A 40 -7.25 0.60 3.81
C TYR A 40 -5.85 0.46 3.23
N VAL A 41 -5.19 1.59 2.97
CA VAL A 41 -3.84 1.56 2.40
C VAL A 41 -2.80 2.17 3.33
N GLU A 42 -1.71 1.44 3.54
CA GLU A 42 -0.62 1.88 4.41
C GLU A 42 0.56 2.38 3.59
N LYS A 43 1.55 2.95 4.28
CA LYS A 43 2.75 3.47 3.64
C LYS A 43 3.98 2.71 4.10
N ILE A 44 4.37 1.70 3.33
CA ILE A 44 5.54 0.89 3.67
C ILE A 44 6.75 1.32 2.86
N THR A 45 7.87 1.52 3.55
CA THR A 45 9.11 1.94 2.91
C THR A 45 10.01 0.73 2.64
N CYS A 46 10.52 0.63 1.41
CA CYS A 46 11.38 -0.48 1.03
C CYS A 46 12.85 -0.17 1.35
N SER A 47 13.40 -0.89 2.31
CA SER A 47 14.80 -0.70 2.71
C SER A 47 15.71 -0.67 1.47
N SER A 48 15.66 -1.73 0.69
CA SER A 48 16.47 -1.82 -0.51
C SER A 48 15.87 -0.95 -1.60
N SER A 49 16.48 0.23 -1.79
CA SER A 49 16.03 1.23 -2.79
C SER A 49 15.36 2.41 -2.11
N LYS A 50 14.99 2.24 -0.83
CA LYS A 50 14.32 3.29 -0.08
C LYS A 50 13.17 3.86 -0.90
N ARG A 51 12.09 3.08 -0.97
CA ARG A 51 10.91 3.50 -1.72
C ARG A 51 9.63 3.21 -0.94
N ASN A 52 8.83 4.25 -0.74
CA ASN A 52 7.57 4.11 -0.02
C ASN A 52 6.43 3.76 -0.96
N GLU A 53 5.93 2.54 -0.86
CA GLU A 53 4.84 2.08 -1.71
C GLU A 53 3.51 2.15 -0.97
N PHE A 54 2.42 2.08 -1.72
CA PHE A 54 1.08 2.12 -1.15
C PHE A 54 0.45 0.74 -1.14
N LYS A 55 0.55 0.06 0.01
CA LYS A 55 0.00 -1.27 0.15
C LYS A 55 -1.29 -1.24 0.97
N SER A 56 -1.92 -2.40 1.14
CA SER A 56 -3.16 -2.50 1.90
C SER A 56 -2.97 -3.40 3.12
N CYS A 57 -3.50 -2.99 4.26
CA CYS A 57 -3.37 -3.79 5.48
C CYS A 57 -4.71 -3.95 6.18
N ARG A 58 -4.72 -4.69 7.28
CA ARG A 58 -5.94 -4.91 8.04
C ARG A 58 -6.08 -3.88 9.15
N SER A 59 -7.19 -3.16 9.14
CA SER A 59 -7.45 -2.14 10.14
C SER A 59 -8.23 -2.70 11.32
N ALA A 60 -8.96 -3.79 11.07
CA ALA A 60 -9.75 -4.43 12.12
C ALA A 60 -8.88 -4.81 13.32
N LEU A 61 -7.58 -4.94 13.10
CA LEU A 61 -6.66 -5.31 14.17
C LEU A 61 -5.72 -4.15 14.49
N MET A 62 -5.46 -3.32 13.49
CA MET A 62 -4.57 -2.18 13.68
C MET A 62 -5.27 -1.07 14.46
N GLU A 63 -6.37 -0.58 13.93
CA GLU A 63 -7.14 0.49 14.57
C GLU A 63 -8.60 0.46 14.13
N GLN A 64 -9.42 -0.29 14.85
CA GLN A 64 -10.84 -0.41 14.53
C GLN A 64 -11.69 0.11 15.69
N ARG A 65 -12.79 0.79 15.35
CA ARG A 65 -13.69 1.33 16.35
C ARG A 65 -14.27 0.22 17.23
#